data_2LLV
#
_entry.id   2LLV
#
_entity_poly.entity_id   1
_entity_poly.type   'polypeptide(L)'
_entity_poly.pdbx_seq_one_letter_code
;QPDLGLTQLFADPNLIENLKKNPKTSEMMKDPQLVAKLIGYKQNPQAIGQDLFTDPRLMTIMATLMGVDLN
;
_entity_poly.pdbx_strand_id   A
#
# COMPACT_ATOMS: atom_id res chain seq x y z
N GLN A 1 -12.27 0.37 11.94
CA GLN A 1 -12.85 -0.97 11.63
C GLN A 1 -12.91 -1.18 10.11
N PRO A 2 -13.66 -0.36 9.41
CA PRO A 2 -13.77 -0.49 7.92
C PRO A 2 -12.43 -0.28 7.23
N ASP A 3 -12.23 -1.01 6.13
CA ASP A 3 -10.99 -0.91 5.35
C ASP A 3 -9.77 -0.92 6.29
N LEU A 4 -8.83 0.00 6.10
CA LEU A 4 -7.62 0.08 6.92
C LEU A 4 -7.09 1.52 6.83
N GLY A 5 -5.78 1.72 6.64
CA GLY A 5 -5.24 3.07 6.50
C GLY A 5 -5.79 3.72 5.24
N LEU A 6 -4.95 4.46 4.49
CA LEU A 6 -5.40 5.14 3.28
C LEU A 6 -4.23 5.74 2.47
N THR A 7 -4.58 6.63 1.54
CA THR A 7 -3.63 7.29 0.65
C THR A 7 -2.51 7.98 1.42
N GLN A 8 -2.85 8.54 2.57
CA GLN A 8 -1.85 9.28 3.35
C GLN A 8 -0.61 8.41 3.67
N LEU A 9 -0.83 7.19 4.10
CA LEU A 9 0.29 6.32 4.47
C LEU A 9 1.27 6.12 3.31
N PHE A 10 0.77 5.62 2.17
CA PHE A 10 1.65 5.42 1.02
C PHE A 10 1.95 6.71 0.23
N ALA A 11 1.04 7.68 0.28
CA ALA A 11 1.27 8.93 -0.45
C ALA A 11 2.52 9.62 0.11
N ASP A 12 2.83 9.31 1.38
CA ASP A 12 4.00 9.86 2.06
C ASP A 12 5.24 9.48 1.21
N PRO A 13 6.44 9.93 1.53
CA PRO A 13 7.65 9.52 0.77
C PRO A 13 7.88 8.02 0.89
N ASN A 14 8.77 7.50 0.05
CA ASN A 14 9.09 6.07 -0.04
C ASN A 14 8.59 5.23 1.14
N LEU A 15 7.40 4.66 1.00
CA LEU A 15 6.88 3.79 2.05
C LEU A 15 6.93 2.33 1.57
N ILE A 16 7.10 2.15 0.25
CA ILE A 16 7.19 0.82 -0.34
C ILE A 16 8.40 0.05 0.20
N GLU A 17 9.48 0.74 0.58
CA GLU A 17 10.66 0.01 1.05
C GLU A 17 10.30 -0.85 2.26
N ASN A 18 9.64 -0.24 3.23
CA ASN A 18 9.19 -1.00 4.40
C ASN A 18 8.33 -2.16 3.94
N LEU A 19 7.46 -1.88 2.98
CA LEU A 19 6.58 -2.88 2.40
C LEU A 19 7.37 -4.01 1.77
N LYS A 20 8.59 -3.73 1.34
CA LYS A 20 9.42 -4.75 0.70
C LYS A 20 9.83 -5.87 1.66
N LYS A 21 10.35 -5.52 2.85
CA LYS A 21 10.88 -6.56 3.75
C LYS A 21 9.90 -7.30 4.71
N ASN A 22 8.99 -6.63 5.43
CA ASN A 22 8.13 -7.38 6.38
C ASN A 22 6.73 -7.81 5.92
N PRO A 23 6.14 -7.21 4.93
CA PRO A 23 4.79 -7.60 4.46
C PRO A 23 4.80 -8.39 3.15
N LYS A 24 3.81 -9.26 3.01
CA LYS A 24 3.66 -10.06 1.80
C LYS A 24 3.44 -9.12 0.60
N THR A 25 3.06 -7.89 0.88
CA THR A 25 2.81 -6.89 -0.16
C THR A 25 4.05 -6.70 -1.06
N SER A 26 5.22 -7.04 -0.53
CA SER A 26 6.45 -6.89 -1.28
C SER A 26 6.46 -7.75 -2.54
N GLU A 27 5.56 -8.72 -2.62
CA GLU A 27 5.52 -9.57 -3.80
C GLU A 27 5.27 -8.72 -5.03
N MET A 28 4.34 -7.77 -4.92
CA MET A 28 4.02 -6.95 -6.07
C MET A 28 5.18 -6.07 -6.48
N MET A 29 6.00 -5.64 -5.52
CA MET A 29 7.12 -4.77 -5.85
C MET A 29 8.16 -5.48 -6.72
N LYS A 30 8.40 -6.77 -6.45
CA LYS A 30 9.43 -7.50 -7.18
C LYS A 30 8.97 -8.08 -8.51
N ASP A 31 7.66 -8.20 -8.74
CA ASP A 31 7.19 -8.78 -10.00
C ASP A 31 6.32 -7.83 -10.84
N PRO A 32 5.10 -7.57 -10.44
CA PRO A 32 4.15 -6.76 -11.28
C PRO A 32 4.56 -5.30 -11.49
N GLN A 33 4.33 -4.86 -12.71
CA GLN A 33 4.62 -3.50 -13.16
C GLN A 33 3.69 -2.50 -12.45
N LEU A 34 2.61 -3.02 -11.86
CA LEU A 34 1.61 -2.17 -11.23
C LEU A 34 2.24 -1.29 -10.16
N VAL A 35 3.39 -1.70 -9.64
CA VAL A 35 4.04 -0.93 -8.59
C VAL A 35 4.31 0.50 -9.05
N ALA A 36 4.89 0.64 -10.23
CA ALA A 36 5.20 1.97 -10.76
C ALA A 36 3.91 2.75 -10.91
N LYS A 37 2.93 2.11 -11.54
CA LYS A 37 1.64 2.73 -11.76
C LYS A 37 1.07 3.26 -10.43
N LEU A 38 1.13 2.41 -9.41
CA LEU A 38 0.61 2.77 -8.11
C LEU A 38 1.35 3.96 -7.50
N ILE A 39 2.67 4.02 -7.72
CA ILE A 39 3.48 5.09 -7.15
C ILE A 39 2.92 6.46 -7.52
N GLY A 40 2.49 6.62 -8.77
CA GLY A 40 1.92 7.89 -9.17
C GLY A 40 0.60 8.08 -8.45
N TYR A 41 -0.16 7.00 -8.43
CA TYR A 41 -1.46 6.97 -7.78
C TYR A 41 -1.38 7.25 -6.27
N LYS A 42 -0.21 7.04 -5.66
CA LYS A 42 -0.06 7.34 -4.23
C LYS A 42 0.07 8.86 -3.99
N GLN A 43 0.72 9.56 -4.91
CA GLN A 43 1.00 11.00 -4.74
C GLN A 43 -0.19 11.97 -4.92
N ASN A 44 -0.93 11.84 -6.02
CA ASN A 44 -2.02 12.82 -6.30
C ASN A 44 -3.48 12.35 -6.17
N PRO A 45 -3.80 11.12 -6.40
CA PRO A 45 -5.22 10.67 -6.44
C PRO A 45 -5.75 9.97 -5.17
N GLN A 46 -6.42 10.77 -4.33
CA GLN A 46 -7.08 10.26 -3.11
C GLN A 46 -8.00 9.07 -3.44
N ALA A 47 -8.26 8.87 -4.73
CA ALA A 47 -9.13 7.82 -5.24
C ALA A 47 -8.68 6.41 -4.81
N ILE A 48 -7.52 6.31 -4.14
CA ILE A 48 -6.99 5.00 -3.76
C ILE A 48 -7.97 4.26 -2.85
N GLY A 49 -8.74 5.03 -2.08
CA GLY A 49 -9.70 4.43 -1.15
C GLY A 49 -10.64 3.47 -1.88
N GLN A 50 -10.98 3.80 -3.11
CA GLN A 50 -11.89 2.99 -3.90
C GLN A 50 -11.16 1.88 -4.66
N ASP A 51 -9.85 2.04 -4.85
CA ASP A 51 -9.10 1.05 -5.59
C ASP A 51 -8.69 -0.14 -4.72
N LEU A 52 -8.61 0.05 -3.41
CA LEU A 52 -8.24 -1.08 -2.53
C LEU A 52 -9.17 -2.26 -2.83
N PHE A 53 -10.44 -1.92 -3.08
CA PHE A 53 -11.45 -2.92 -3.42
C PHE A 53 -11.02 -3.71 -4.65
N THR A 54 -10.31 -3.04 -5.56
CA THR A 54 -9.83 -3.69 -6.78
C THR A 54 -8.46 -4.33 -6.55
N ASP A 55 -7.69 -3.77 -5.63
CA ASP A 55 -6.37 -4.31 -5.33
C ASP A 55 -6.36 -5.00 -3.96
N PRO A 56 -6.35 -6.31 -3.94
CA PRO A 56 -6.36 -7.08 -2.65
C PRO A 56 -5.10 -6.84 -1.81
N ARG A 57 -3.93 -6.92 -2.44
CA ARG A 57 -2.68 -6.74 -1.70
C ARG A 57 -2.56 -5.35 -1.10
N LEU A 58 -3.05 -4.32 -1.79
CA LEU A 58 -2.95 -2.95 -1.27
C LEU A 58 -3.48 -2.90 0.17
N MET A 59 -4.50 -3.69 0.43
CA MET A 59 -5.08 -3.73 1.77
C MET A 59 -4.05 -4.28 2.77
N THR A 60 -3.29 -5.31 2.37
CA THR A 60 -2.30 -5.90 3.26
C THR A 60 -1.30 -4.82 3.68
N ILE A 61 -0.91 -3.99 2.71
CA ILE A 61 0.01 -2.89 2.96
C ILE A 61 -0.55 -2.01 4.08
N MET A 62 -1.84 -1.74 4.00
CA MET A 62 -2.52 -0.93 4.98
C MET A 62 -2.36 -1.55 6.37
N ALA A 63 -2.56 -2.85 6.44
CA ALA A 63 -2.44 -3.59 7.70
C ALA A 63 -1.12 -3.31 8.41
N THR A 64 0.00 -3.50 7.71
CA THR A 64 1.32 -3.25 8.31
C THR A 64 1.41 -1.82 8.87
N LEU A 65 1.05 -0.84 8.04
CA LEU A 65 1.09 0.56 8.45
C LEU A 65 0.23 0.80 9.69
N MET A 66 -1.02 0.38 9.60
CA MET A 66 -2.01 0.54 10.66
C MET A 66 -1.74 -0.38 11.86
N GLY A 67 -0.93 -1.40 11.65
CA GLY A 67 -0.67 -2.37 12.70
C GLY A 67 0.60 -2.02 13.45
N VAL A 68 1.14 -0.82 13.19
CA VAL A 68 2.38 -0.38 13.83
C VAL A 68 3.57 -1.24 13.36
N ASP A 69 3.33 -2.03 12.31
CA ASP A 69 4.36 -2.89 11.74
C ASP A 69 4.88 -3.87 12.79
N LEU A 70 4.10 -4.10 13.84
CA LEU A 70 4.50 -5.02 14.90
C LEU A 70 4.02 -6.43 14.59
N ASN A 71 2.71 -6.62 14.69
CA ASN A 71 2.10 -7.92 14.42
C ASN A 71 1.85 -8.10 12.93
N GLN A 1 -13.02 -6.86 6.93
CA GLN A 1 -14.17 -6.34 7.73
C GLN A 1 -13.84 -4.98 8.33
N PRO A 2 -12.76 -4.86 9.09
CA PRO A 2 -12.42 -3.58 9.79
C PRO A 2 -11.84 -2.54 8.83
N ASP A 3 -11.87 -1.28 9.25
CA ASP A 3 -11.33 -0.19 8.42
C ASP A 3 -9.82 -0.26 8.37
N LEU A 4 -9.22 0.60 7.54
CA LEU A 4 -7.79 0.53 7.28
C LEU A 4 -7.27 1.91 6.86
N GLY A 5 -5.96 2.01 6.63
CA GLY A 5 -5.35 3.29 6.28
C GLY A 5 -5.81 3.76 4.91
N LEU A 6 -4.98 4.56 4.23
CA LEU A 6 -5.40 5.21 2.99
C LEU A 6 -4.19 5.83 2.25
N THR A 7 -4.49 6.70 1.28
CA THR A 7 -3.48 7.27 0.38
C THR A 7 -2.33 7.91 1.16
N GLN A 8 -2.66 8.58 2.26
CA GLN A 8 -1.64 9.34 3.01
C GLN A 8 -0.45 8.44 3.39
N LEU A 9 -0.73 7.22 3.85
CA LEU A 9 0.33 6.33 4.31
C LEU A 9 1.33 6.01 3.21
N PHE A 10 0.84 5.49 2.08
CA PHE A 10 1.70 5.26 0.92
C PHE A 10 2.01 6.52 0.09
N ALA A 11 1.13 7.50 0.10
CA ALA A 11 1.39 8.75 -0.62
C ALA A 11 2.68 9.41 -0.12
N ASP A 12 3.04 9.10 1.13
CA ASP A 12 4.37 9.44 1.66
C ASP A 12 5.48 8.84 0.77
N PRO A 13 6.60 9.50 0.63
CA PRO A 13 7.83 8.86 0.07
C PRO A 13 8.35 7.74 0.97
N ASN A 14 9.27 6.94 0.43
CA ASN A 14 9.64 5.61 0.99
C ASN A 14 8.69 5.07 2.06
N LEU A 15 7.53 4.56 1.66
CA LEU A 15 6.80 3.62 2.50
C LEU A 15 6.85 2.20 1.91
N ILE A 16 7.24 2.09 0.64
CA ILE A 16 7.32 0.77 -0.01
C ILE A 16 8.42 -0.09 0.62
N GLU A 17 9.51 0.53 1.10
CA GLU A 17 10.65 -0.25 1.58
C GLU A 17 10.27 -1.11 2.79
N ASN A 18 9.62 -0.49 3.77
CA ASN A 18 9.06 -1.22 4.91
C ASN A 18 8.14 -2.35 4.43
N LEU A 19 7.39 -2.06 3.38
CA LEU A 19 6.51 -3.06 2.77
C LEU A 19 7.29 -4.21 2.14
N LYS A 20 8.54 -3.95 1.73
CA LYS A 20 9.38 -5.01 1.18
C LYS A 20 9.60 -6.14 2.21
N LYS A 21 10.02 -5.77 3.43
CA LYS A 21 10.58 -6.77 4.34
C LYS A 21 9.54 -7.57 5.15
N ASN A 22 8.52 -6.92 5.74
CA ASN A 22 7.68 -7.64 6.73
C ASN A 22 6.30 -8.07 6.21
N PRO A 23 5.79 -7.49 5.15
CA PRO A 23 4.46 -7.90 4.61
C PRO A 23 4.55 -8.68 3.30
N LYS A 24 3.58 -9.57 3.10
CA LYS A 24 3.44 -10.30 1.82
C LYS A 24 3.28 -9.32 0.64
N THR A 25 2.89 -8.07 0.95
CA THR A 25 2.69 -7.04 -0.09
C THR A 25 3.97 -6.85 -0.94
N SER A 26 5.11 -7.26 -0.38
CA SER A 26 6.39 -7.09 -1.07
C SER A 26 6.45 -7.87 -2.39
N GLU A 27 5.52 -8.81 -2.60
CA GLU A 27 5.46 -9.54 -3.85
C GLU A 27 5.32 -8.58 -5.03
N MET A 28 4.36 -7.66 -4.93
CA MET A 28 4.06 -6.78 -6.04
C MET A 28 5.23 -5.85 -6.33
N MET A 29 6.01 -5.52 -5.30
CA MET A 29 7.11 -4.57 -5.48
C MET A 29 8.22 -5.15 -6.36
N LYS A 30 8.55 -6.43 -6.14
CA LYS A 30 9.77 -7.00 -6.70
C LYS A 30 9.56 -7.55 -8.11
N ASP A 31 8.29 -7.78 -8.50
CA ASP A 31 8.00 -8.28 -9.85
C ASP A 31 7.16 -7.28 -10.66
N PRO A 32 5.86 -7.22 -10.44
CA PRO A 32 4.91 -6.65 -11.44
C PRO A 32 5.12 -5.15 -11.70
N GLN A 33 4.66 -4.71 -12.87
CA GLN A 33 4.64 -3.29 -13.23
C GLN A 33 3.79 -2.47 -12.25
N LEU A 34 2.93 -3.14 -11.49
CA LEU A 34 1.94 -2.45 -10.67
C LEU A 34 2.60 -1.44 -9.73
N VAL A 35 3.89 -1.65 -9.42
CA VAL A 35 4.63 -0.73 -8.56
C VAL A 35 4.61 0.68 -9.13
N ALA A 36 5.07 0.82 -10.37
CA ALA A 36 5.19 2.14 -11.00
C ALA A 36 3.83 2.81 -11.05
N LYS A 37 2.83 2.05 -11.52
CA LYS A 37 1.46 2.56 -11.66
C LYS A 37 0.98 3.12 -10.32
N LEU A 38 1.10 2.32 -9.27
CA LEU A 38 0.64 2.71 -7.94
C LEU A 38 1.35 3.96 -7.43
N ILE A 39 2.64 4.09 -7.75
CA ILE A 39 3.45 5.18 -7.19
C ILE A 39 2.89 6.53 -7.62
N GLY A 40 2.43 6.62 -8.87
CA GLY A 40 1.77 7.85 -9.33
C GLY A 40 0.41 7.97 -8.65
N TYR A 41 -0.34 6.88 -8.74
CA TYR A 41 -1.65 6.78 -8.08
C TYR A 41 -1.54 6.92 -6.55
N LYS A 42 -0.33 6.72 -6.02
CA LYS A 42 -0.10 6.91 -4.59
C LYS A 42 -0.03 8.39 -4.20
N GLN A 43 0.73 9.16 -4.98
CA GLN A 43 1.09 10.53 -4.56
C GLN A 43 -0.08 11.51 -4.67
N ASN A 44 -0.74 11.51 -5.84
CA ASN A 44 -1.69 12.60 -6.16
C ASN A 44 -3.17 12.25 -5.90
N PRO A 45 -3.61 11.04 -6.19
CA PRO A 45 -5.07 10.73 -6.31
C PRO A 45 -5.65 10.03 -5.08
N GLN A 46 -6.28 10.81 -4.20
CA GLN A 46 -7.00 10.25 -3.03
C GLN A 46 -7.92 9.07 -3.39
N ALA A 47 -8.18 8.87 -4.69
CA ALA A 47 -9.11 7.85 -5.15
C ALA A 47 -8.70 6.43 -4.70
N ILE A 48 -7.49 6.27 -4.14
CA ILE A 48 -6.97 4.93 -3.83
C ILE A 48 -7.91 4.18 -2.88
N GLY A 49 -8.63 4.93 -2.04
CA GLY A 49 -9.50 4.32 -1.03
C GLY A 49 -10.50 3.35 -1.66
N GLN A 50 -10.87 3.60 -2.91
CA GLN A 50 -11.85 2.77 -3.61
C GLN A 50 -11.16 1.59 -4.30
N ASP A 51 -9.91 1.79 -4.73
CA ASP A 51 -9.21 0.78 -5.51
C ASP A 51 -8.75 -0.37 -4.63
N LEU A 52 -8.64 -0.16 -3.32
CA LEU A 52 -8.30 -1.26 -2.41
C LEU A 52 -9.31 -2.40 -2.59
N PHE A 53 -10.59 -2.03 -2.64
CA PHE A 53 -11.68 -2.99 -2.91
C PHE A 53 -11.40 -3.82 -4.16
N THR A 54 -10.75 -3.20 -5.16
CA THR A 54 -10.42 -3.90 -6.41
C THR A 54 -9.04 -4.56 -6.32
N ASP A 55 -8.17 -4.03 -5.46
CA ASP A 55 -6.81 -4.53 -5.34
C ASP A 55 -6.63 -5.28 -4.00
N PRO A 56 -6.42 -6.58 -4.03
CA PRO A 56 -6.34 -7.38 -2.76
C PRO A 56 -5.13 -6.98 -1.90
N ARG A 57 -3.94 -7.01 -2.49
CA ARG A 57 -2.71 -6.81 -1.74
C ARG A 57 -2.62 -5.41 -1.13
N LEU A 58 -3.10 -4.39 -1.87
CA LEU A 58 -3.03 -3.00 -1.37
C LEU A 58 -3.62 -2.90 0.04
N MET A 59 -4.63 -3.71 0.32
CA MET A 59 -5.23 -3.74 1.63
C MET A 59 -4.25 -4.30 2.67
N THR A 60 -3.53 -5.37 2.32
CA THR A 60 -2.57 -5.99 3.24
C THR A 60 -1.50 -4.98 3.66
N ILE A 61 -1.10 -4.13 2.71
CA ILE A 61 -0.20 -3.01 3.01
C ILE A 61 -0.78 -2.14 4.13
N MET A 62 -2.07 -1.84 3.99
CA MET A 62 -2.77 -0.99 4.95
C MET A 62 -2.71 -1.59 6.36
N ALA A 63 -2.90 -2.91 6.43
CA ALA A 63 -2.85 -3.63 7.70
C ALA A 63 -1.53 -3.39 8.46
N THR A 64 -0.39 -3.65 7.80
CA THR A 64 0.93 -3.46 8.45
C THR A 64 1.06 -2.03 9.00
N LEU A 65 0.71 -1.06 8.17
CA LEU A 65 0.80 0.36 8.55
C LEU A 65 -0.06 0.66 9.79
N MET A 66 -1.34 0.33 9.69
CA MET A 66 -2.30 0.64 10.76
C MET A 66 -2.10 -0.24 11.99
N GLY A 67 -1.52 -1.41 11.80
CA GLY A 67 -1.48 -2.43 12.84
C GLY A 67 -0.30 -2.21 13.79
N VAL A 68 0.55 -1.22 13.47
CA VAL A 68 1.82 -1.03 14.17
C VAL A 68 2.80 -2.19 13.91
N ASP A 69 2.48 -3.04 12.93
CA ASP A 69 3.37 -4.13 12.53
C ASP A 69 3.74 -5.01 13.73
N LEU A 70 2.72 -5.39 14.51
CA LEU A 70 2.93 -6.21 15.70
C LEU A 70 2.97 -7.70 15.30
N ASN A 71 2.33 -8.59 16.06
CA ASN A 71 2.35 -10.01 15.76
C ASN A 71 1.29 -10.35 14.72
N GLN A 1 -4.98 1.98 14.95
CA GLN A 1 -6.43 2.31 14.87
C GLN A 1 -7.13 1.28 13.98
N PRO A 2 -8.44 1.16 14.09
CA PRO A 2 -9.22 0.19 13.26
C PRO A 2 -9.33 0.63 11.79
N ASP A 3 -9.92 -0.22 10.96
CA ASP A 3 -10.10 0.08 9.54
C ASP A 3 -8.75 0.26 8.84
N LEU A 4 -8.76 0.16 7.52
CA LEU A 4 -7.53 0.28 6.74
C LEU A 4 -7.12 1.75 6.58
N GLY A 5 -5.82 1.98 6.47
CA GLY A 5 -5.29 3.33 6.24
C GLY A 5 -5.74 3.85 4.89
N LEU A 6 -4.88 4.64 4.24
CA LEU A 6 -5.27 5.31 2.99
C LEU A 6 -4.05 5.92 2.26
N THR A 7 -4.32 6.78 1.28
CA THR A 7 -3.27 7.35 0.43
C THR A 7 -2.16 7.99 1.23
N GLN A 8 -2.51 8.64 2.35
CA GLN A 8 -1.51 9.36 3.15
C GLN A 8 -0.33 8.46 3.51
N LEU A 9 -0.62 7.22 3.90
CA LEU A 9 0.43 6.30 4.32
C LEU A 9 1.40 5.99 3.19
N PHE A 10 0.88 5.50 2.06
CA PHE A 10 1.72 5.28 0.88
C PHE A 10 2.05 6.53 0.08
N ALA A 11 1.20 7.54 0.10
CA ALA A 11 1.51 8.80 -0.60
C ALA A 11 2.81 9.41 -0.06
N ASP A 12 3.15 9.06 1.18
CA ASP A 12 4.49 9.33 1.73
C ASP A 12 5.58 8.76 0.81
N PRO A 13 6.71 9.43 0.69
CA PRO A 13 7.94 8.80 0.14
C PRO A 13 8.45 7.68 1.03
N ASN A 14 9.38 6.88 0.50
CA ASN A 14 9.73 5.54 1.03
C ASN A 14 8.79 5.00 2.11
N LEU A 15 7.61 4.51 1.70
CA LEU A 15 6.87 3.57 2.54
C LEU A 15 6.90 2.16 1.93
N ILE A 16 7.27 2.05 0.65
CA ILE A 16 7.35 0.75 -0.01
C ILE A 16 8.45 -0.12 0.61
N GLU A 17 9.53 0.50 1.11
CA GLU A 17 10.68 -0.29 1.59
C GLU A 17 10.29 -1.14 2.80
N ASN A 18 9.63 -0.52 3.77
CA ASN A 18 9.07 -1.25 4.91
C ASN A 18 8.15 -2.37 4.43
N LEU A 19 7.39 -2.08 3.39
CA LEU A 19 6.51 -3.07 2.77
C LEU A 19 7.28 -4.22 2.14
N LYS A 20 8.53 -3.97 1.74
CA LYS A 20 9.37 -5.04 1.19
C LYS A 20 9.58 -6.16 2.22
N LYS A 21 9.98 -5.79 3.44
CA LYS A 21 10.55 -6.78 4.37
C LYS A 21 9.50 -7.59 5.17
N ASN A 22 8.48 -6.93 5.75
CA ASN A 22 7.63 -7.65 6.73
C ASN A 22 6.25 -8.07 6.21
N PRO A 23 5.75 -7.49 5.15
CA PRO A 23 4.42 -7.89 4.60
C PRO A 23 4.50 -8.66 3.28
N LYS A 24 3.53 -9.55 3.06
CA LYS A 24 3.41 -10.27 1.79
C LYS A 24 3.26 -9.29 0.61
N THR A 25 2.87 -8.04 0.91
CA THR A 25 2.68 -7.02 -0.12
C THR A 25 3.97 -6.84 -0.96
N SER A 26 5.10 -7.24 -0.40
CA SER A 26 6.40 -7.07 -1.07
C SER A 26 6.47 -7.83 -2.40
N GLU A 27 5.57 -8.80 -2.61
CA GLU A 27 5.56 -9.55 -3.85
C GLU A 27 5.40 -8.59 -5.04
N MET A 28 4.42 -7.70 -4.95
CA MET A 28 4.11 -6.83 -6.07
C MET A 28 5.26 -5.88 -6.34
N MET A 29 6.03 -5.52 -5.31
CA MET A 29 7.12 -4.56 -5.49
C MET A 29 8.24 -5.13 -6.36
N LYS A 30 8.58 -6.41 -6.14
CA LYS A 30 9.81 -6.97 -6.70
C LYS A 30 9.61 -7.51 -8.12
N ASP A 31 8.35 -7.74 -8.51
CA ASP A 31 8.08 -8.22 -9.87
C ASP A 31 7.21 -7.23 -10.67
N PRO A 32 5.92 -7.20 -10.44
CA PRO A 32 4.96 -6.62 -11.44
C PRO A 32 5.14 -5.13 -11.69
N GLN A 33 4.67 -4.69 -12.86
CA GLN A 33 4.64 -3.26 -13.22
C GLN A 33 3.79 -2.45 -12.24
N LEU A 34 2.95 -3.14 -11.46
CA LEU A 34 1.95 -2.46 -10.64
C LEU A 34 2.60 -1.44 -9.70
N VAL A 35 3.90 -1.65 -9.40
CA VAL A 35 4.64 -0.72 -8.53
C VAL A 35 4.60 0.70 -9.11
N ALA A 36 5.04 0.84 -10.36
CA ALA A 36 5.15 2.16 -10.99
C ALA A 36 3.77 2.82 -11.03
N LYS A 37 2.80 2.03 -11.48
CA LYS A 37 1.42 2.52 -11.62
C LYS A 37 0.93 3.10 -10.29
N LEU A 38 1.07 2.31 -9.22
CA LEU A 38 0.61 2.70 -7.89
C LEU A 38 1.30 3.96 -7.41
N ILE A 39 2.59 4.11 -7.74
CA ILE A 39 3.39 5.22 -7.21
C ILE A 39 2.82 6.56 -7.66
N GLY A 40 2.35 6.63 -8.91
CA GLY A 40 1.68 7.83 -9.38
C GLY A 40 0.33 7.95 -8.71
N TYR A 41 -0.44 6.86 -8.78
CA TYR A 41 -1.73 6.75 -8.11
C TYR A 41 -1.60 6.90 -6.58
N LYS A 42 -0.39 6.73 -6.07
CA LYS A 42 -0.13 6.92 -4.64
C LYS A 42 -0.09 8.41 -4.27
N GLN A 43 0.67 9.19 -5.03
CA GLN A 43 1.01 10.56 -4.61
C GLN A 43 -0.17 11.52 -4.72
N ASN A 44 -0.83 11.53 -5.89
CA ASN A 44 -1.79 12.59 -6.22
C ASN A 44 -3.28 12.23 -5.95
N PRO A 45 -3.69 11.01 -6.23
CA PRO A 45 -5.15 10.69 -6.34
C PRO A 45 -5.73 9.99 -5.11
N GLN A 46 -6.36 10.77 -4.23
CA GLN A 46 -7.08 10.22 -3.06
C GLN A 46 -8.00 9.02 -3.41
N ALA A 47 -8.25 8.81 -4.71
CA ALA A 47 -9.18 7.79 -5.17
C ALA A 47 -8.76 6.37 -4.72
N ILE A 48 -7.54 6.22 -4.16
CA ILE A 48 -7.01 4.89 -3.83
C ILE A 48 -7.95 4.14 -2.89
N GLY A 49 -8.68 4.89 -2.05
CA GLY A 49 -9.53 4.29 -1.02
C GLY A 49 -10.54 3.31 -1.64
N GLN A 50 -10.93 3.57 -2.90
CA GLN A 50 -11.89 2.73 -3.59
C GLN A 50 -11.22 1.55 -4.29
N ASP A 51 -9.98 1.77 -4.73
CA ASP A 51 -9.29 0.77 -5.53
C ASP A 51 -8.79 -0.39 -4.65
N LEU A 52 -8.67 -0.17 -3.34
CA LEU A 52 -8.32 -1.26 -2.43
C LEU A 52 -9.31 -2.43 -2.61
N PHE A 53 -10.59 -2.06 -2.66
CA PHE A 53 -11.67 -3.02 -2.93
C PHE A 53 -11.39 -3.86 -4.19
N THR A 54 -10.75 -3.24 -5.17
CA THR A 54 -10.41 -3.93 -6.42
C THR A 54 -9.02 -4.59 -6.34
N ASP A 55 -8.16 -4.03 -5.47
CA ASP A 55 -6.79 -4.52 -5.34
C ASP A 55 -6.60 -5.26 -4.01
N PRO A 56 -6.38 -6.56 -4.04
CA PRO A 56 -6.30 -7.37 -2.79
C PRO A 56 -5.10 -6.97 -1.91
N ARG A 57 -3.90 -7.00 -2.50
CA ARG A 57 -2.68 -6.79 -1.72
C ARG A 57 -2.61 -5.38 -1.13
N LEU A 58 -3.10 -4.37 -1.87
CA LEU A 58 -3.06 -2.98 -1.38
C LEU A 58 -3.64 -2.90 0.03
N MET A 59 -4.64 -3.71 0.31
CA MET A 59 -5.26 -3.75 1.63
C MET A 59 -4.27 -4.29 2.67
N THR A 60 -3.53 -5.35 2.31
CA THR A 60 -2.58 -5.96 3.25
C THR A 60 -1.51 -4.93 3.67
N ILE A 61 -1.12 -4.08 2.72
CA ILE A 61 -0.23 -2.96 3.02
C ILE A 61 -0.84 -2.08 4.13
N MET A 62 -2.12 -1.80 3.99
CA MET A 62 -2.85 -0.97 4.94
C MET A 62 -2.77 -1.56 6.34
N ALA A 63 -2.94 -2.88 6.43
CA ALA A 63 -2.89 -3.60 7.72
C ALA A 63 -1.57 -3.37 8.46
N THR A 64 -0.43 -3.63 7.80
CA THR A 64 0.88 -3.45 8.45
C THR A 64 1.04 -2.02 8.99
N LEU A 65 0.71 -1.04 8.15
CA LEU A 65 0.80 0.36 8.53
C LEU A 65 -0.05 0.68 9.77
N MET A 66 -1.34 0.36 9.67
CA MET A 66 -2.29 0.68 10.73
C MET A 66 -2.11 -0.20 11.97
N GLY A 67 -1.55 -1.39 11.79
CA GLY A 67 -1.56 -2.40 12.84
C GLY A 67 -0.39 -2.21 13.80
N VAL A 68 0.49 -1.25 13.49
CA VAL A 68 1.76 -1.10 14.22
C VAL A 68 2.69 -2.30 13.98
N ASP A 69 2.39 -3.11 12.96
CA ASP A 69 3.26 -4.23 12.58
C ASP A 69 4.50 -3.76 11.82
N LEU A 70 4.61 -2.46 11.58
CA LEU A 70 5.84 -1.89 11.02
C LEU A 70 6.80 -1.52 12.16
N ASN A 71 6.69 -0.31 12.70
CA ASN A 71 7.46 0.07 13.89
C ASN A 71 6.67 -0.25 15.15
N GLN A 1 -16.59 -1.61 7.35
CA GLN A 1 -16.37 -3.02 7.82
C GLN A 1 -14.87 -3.29 8.01
N PRO A 2 -14.05 -3.07 6.99
CA PRO A 2 -12.58 -3.33 7.09
C PRO A 2 -11.86 -2.24 7.88
N ASP A 3 -12.12 -0.98 7.53
CA ASP A 3 -11.51 0.16 8.22
C ASP A 3 -9.99 0.10 8.16
N LEU A 4 -9.39 0.99 7.37
CA LEU A 4 -7.94 1.05 7.23
C LEU A 4 -7.51 2.47 6.85
N GLY A 5 -6.20 2.68 6.75
CA GLY A 5 -5.67 4.00 6.40
C GLY A 5 -6.05 4.38 4.97
N LEU A 6 -5.14 5.05 4.26
CA LEU A 6 -5.45 5.61 2.95
C LEU A 6 -4.18 6.12 2.23
N THR A 7 -4.38 6.95 1.19
CA THR A 7 -3.29 7.45 0.37
C THR A 7 -2.18 8.07 1.20
N GLN A 8 -2.54 8.70 2.32
CA GLN A 8 -1.56 9.40 3.15
C GLN A 8 -0.39 8.48 3.52
N LEU A 9 -0.69 7.24 3.89
CA LEU A 9 0.35 6.31 4.33
C LEU A 9 1.36 6.02 3.22
N PHE A 10 0.86 5.54 2.07
CA PHE A 10 1.72 5.33 0.90
C PHE A 10 2.06 6.59 0.10
N ALA A 11 1.21 7.61 0.14
CA ALA A 11 1.52 8.87 -0.54
C ALA A 11 2.81 9.47 0.03
N ASP A 12 3.14 9.11 1.28
CA ASP A 12 4.46 9.41 1.86
C ASP A 12 5.57 8.85 0.96
N PRO A 13 6.71 9.50 0.90
CA PRO A 13 7.95 8.88 0.33
C PRO A 13 8.42 7.69 1.17
N ASN A 14 9.33 6.90 0.60
CA ASN A 14 9.67 5.53 1.06
C ASN A 14 8.72 4.97 2.12
N LEU A 15 7.54 4.47 1.70
CA LEU A 15 6.81 3.52 2.53
C LEU A 15 6.85 2.11 1.90
N ILE A 16 7.25 2.02 0.63
CA ILE A 16 7.33 0.73 -0.04
C ILE A 16 8.43 -0.15 0.58
N GLU A 17 9.50 0.46 1.10
CA GLU A 17 10.64 -0.32 1.58
C GLU A 17 10.23 -1.20 2.77
N ASN A 18 9.56 -0.59 3.74
CA ASN A 18 8.99 -1.34 4.86
C ASN A 18 8.08 -2.47 4.36
N LEU A 19 7.34 -2.18 3.29
CA LEU A 19 6.48 -3.18 2.66
C LEU A 19 7.28 -4.32 2.04
N LYS A 20 8.53 -4.06 1.67
CA LYS A 20 9.38 -5.11 1.11
C LYS A 20 9.61 -6.23 2.14
N LYS A 21 10.03 -5.85 3.36
CA LYS A 21 10.61 -6.85 4.27
C LYS A 21 9.59 -7.67 5.08
N ASN A 22 8.56 -7.04 5.67
CA ASN A 22 7.72 -7.77 6.65
C ASN A 22 6.33 -8.19 6.14
N PRO A 23 5.81 -7.60 5.10
CA PRO A 23 4.47 -7.97 4.58
C PRO A 23 4.52 -8.72 3.25
N LYS A 24 3.54 -9.60 3.03
CA LYS A 24 3.41 -10.31 1.76
C LYS A 24 3.27 -9.33 0.59
N THR A 25 2.89 -8.08 0.89
CA THR A 25 2.70 -7.05 -0.14
C THR A 25 3.99 -6.86 -0.98
N SER A 26 5.12 -7.29 -0.43
CA SER A 26 6.41 -7.13 -1.10
C SER A 26 6.48 -7.88 -2.43
N GLU A 27 5.56 -8.82 -2.65
CA GLU A 27 5.54 -9.55 -3.91
C GLU A 27 5.38 -8.59 -5.08
N MET A 28 4.40 -7.69 -4.98
CA MET A 28 4.10 -6.80 -6.09
C MET A 28 5.27 -5.87 -6.37
N MET A 29 6.04 -5.52 -5.34
CA MET A 29 7.13 -4.56 -5.51
C MET A 29 8.26 -5.15 -6.36
N LYS A 30 8.59 -6.43 -6.13
CA LYS A 30 9.82 -6.99 -6.68
C LYS A 30 9.64 -7.52 -8.09
N ASP A 31 8.40 -7.75 -8.51
CA ASP A 31 8.13 -8.23 -9.88
C ASP A 31 7.28 -7.22 -10.68
N PRO A 32 5.98 -7.19 -10.47
CA PRO A 32 5.03 -6.62 -11.47
C PRO A 32 5.21 -5.12 -11.71
N GLN A 33 4.76 -4.68 -12.90
CA GLN A 33 4.73 -3.25 -13.24
C GLN A 33 3.86 -2.45 -12.26
N LEU A 34 3.02 -3.14 -11.49
CA LEU A 34 2.01 -2.47 -10.68
C LEU A 34 2.65 -1.45 -9.73
N VAL A 35 3.94 -1.64 -9.43
CA VAL A 35 4.68 -0.71 -8.56
C VAL A 35 4.63 0.71 -9.13
N ALA A 36 5.09 0.86 -10.37
CA ALA A 36 5.18 2.17 -11.00
C ALA A 36 3.80 2.82 -11.04
N LYS A 37 2.82 2.03 -11.49
CA LYS A 37 1.45 2.51 -11.62
C LYS A 37 0.96 3.08 -10.28
N LEU A 38 1.11 2.30 -9.22
CA LEU A 38 0.65 2.69 -7.89
C LEU A 38 1.34 3.97 -7.41
N ILE A 39 2.62 4.13 -7.75
CA ILE A 39 3.40 5.25 -7.22
C ILE A 39 2.82 6.59 -7.69
N GLY A 40 2.36 6.63 -8.93
CA GLY A 40 1.68 7.83 -9.42
C GLY A 40 0.31 7.94 -8.75
N TYR A 41 -0.42 6.83 -8.80
CA TYR A 41 -1.72 6.72 -8.13
C TYR A 41 -1.60 6.89 -6.60
N LYS A 42 -0.38 6.75 -6.07
CA LYS A 42 -0.14 6.97 -4.65
C LYS A 42 -0.12 8.46 -4.30
N GLN A 43 0.65 9.23 -5.07
CA GLN A 43 0.98 10.61 -4.67
C GLN A 43 -0.21 11.57 -4.81
N ASN A 44 -0.84 11.55 -5.99
CA ASN A 44 -1.80 12.61 -6.34
C ASN A 44 -3.27 12.24 -6.08
N PRO A 45 -3.69 11.02 -6.35
CA PRO A 45 -5.14 10.68 -6.46
C PRO A 45 -5.74 10.00 -5.22
N GLN A 46 -6.37 10.80 -4.36
CA GLN A 46 -7.10 10.26 -3.19
C GLN A 46 -8.02 9.07 -3.54
N ALA A 47 -8.25 8.84 -4.85
CA ALA A 47 -9.18 7.80 -5.30
C ALA A 47 -8.75 6.40 -4.82
N ILE A 48 -7.55 6.26 -4.23
CA ILE A 48 -7.02 4.94 -3.89
C ILE A 48 -7.98 4.19 -2.94
N GLY A 49 -8.73 4.96 -2.14
CA GLY A 49 -9.61 4.36 -1.13
C GLY A 49 -10.60 3.37 -1.75
N GLN A 50 -10.95 3.61 -3.02
CA GLN A 50 -11.92 2.75 -3.71
C GLN A 50 -11.23 1.56 -4.37
N ASP A 51 -9.98 1.77 -4.80
CA ASP A 51 -9.28 0.74 -5.56
C ASP A 51 -8.80 -0.40 -4.66
N LEU A 52 -8.71 -0.15 -3.34
CA LEU A 52 -8.35 -1.22 -2.40
C LEU A 52 -9.33 -2.40 -2.57
N PHE A 53 -10.62 -2.07 -2.59
CA PHE A 53 -11.67 -3.06 -2.81
C PHE A 53 -11.40 -3.92 -4.05
N THR A 54 -10.79 -3.31 -5.07
CA THR A 54 -10.46 -4.03 -6.30
C THR A 54 -9.05 -4.65 -6.22
N ASP A 55 -8.20 -4.06 -5.36
CA ASP A 55 -6.82 -4.52 -5.23
C ASP A 55 -6.61 -5.24 -3.90
N PRO A 56 -6.42 -6.55 -3.91
CA PRO A 56 -6.29 -7.35 -2.65
C PRO A 56 -5.09 -6.90 -1.81
N ARG A 57 -3.90 -6.92 -2.40
CA ARG A 57 -2.67 -6.73 -1.63
C ARG A 57 -2.58 -5.31 -1.04
N LEU A 58 -3.08 -4.31 -1.78
CA LEU A 58 -3.02 -2.92 -1.30
C LEU A 58 -3.59 -2.82 0.13
N MET A 59 -4.61 -3.63 0.41
CA MET A 59 -5.20 -3.64 1.75
C MET A 59 -4.23 -4.24 2.77
N THR A 60 -3.49 -5.27 2.39
CA THR A 60 -2.55 -5.91 3.32
C THR A 60 -1.47 -4.91 3.74
N ILE A 61 -1.07 -4.05 2.81
CA ILE A 61 -0.20 -2.91 3.14
C ILE A 61 -0.83 -2.07 4.25
N MET A 62 -2.13 -1.84 4.13
CA MET A 62 -2.86 -1.05 5.11
C MET A 62 -2.79 -1.70 6.49
N ALA A 63 -2.86 -3.02 6.52
CA ALA A 63 -2.77 -3.78 7.78
C ALA A 63 -1.48 -3.50 8.54
N THR A 64 -0.32 -3.69 7.87
CA THR A 64 0.98 -3.43 8.51
C THR A 64 1.05 -1.99 9.05
N LEU A 65 0.70 -1.03 8.19
CA LEU A 65 0.76 0.39 8.56
C LEU A 65 -0.11 0.69 9.80
N MET A 66 -1.38 0.34 9.71
CA MET A 66 -2.35 0.61 10.77
C MET A 66 -2.13 -0.27 12.01
N GLY A 67 -1.53 -1.44 11.80
CA GLY A 67 -1.52 -2.49 12.82
C GLY A 67 -0.39 -2.28 13.82
N VAL A 68 0.44 -1.26 13.60
CA VAL A 68 1.66 -1.06 14.39
C VAL A 68 2.68 -2.20 14.15
N ASP A 69 2.50 -2.92 13.04
CA ASP A 69 3.49 -3.92 12.63
C ASP A 69 4.79 -3.25 12.24
N LEU A 70 4.69 -2.12 11.54
CA LEU A 70 5.82 -1.23 11.25
C LEU A 70 6.98 -1.94 10.54
N ASN A 71 7.69 -2.79 11.27
CA ASN A 71 8.93 -3.37 10.78
C ASN A 71 8.65 -4.52 9.82
N GLN A 1 -18.49 0.21 7.02
CA GLN A 1 -17.52 1.33 6.96
C GLN A 1 -16.10 0.76 6.86
N PRO A 2 -15.15 1.56 6.41
CA PRO A 2 -13.74 1.09 6.26
C PRO A 2 -13.06 0.85 7.61
N ASP A 3 -11.89 0.20 7.58
CA ASP A 3 -11.16 -0.12 8.80
C ASP A 3 -9.68 -0.30 8.50
N LEU A 4 -9.13 0.58 7.66
CA LEU A 4 -7.74 0.49 7.24
C LEU A 4 -7.22 1.87 6.87
N GLY A 5 -5.91 1.98 6.65
CA GLY A 5 -5.30 3.28 6.31
C GLY A 5 -5.77 3.76 4.95
N LEU A 6 -4.94 4.56 4.28
CA LEU A 6 -5.37 5.21 3.04
C LEU A 6 -4.17 5.84 2.29
N THR A 7 -4.47 6.71 1.32
CA THR A 7 -3.46 7.30 0.43
C THR A 7 -2.32 7.93 1.21
N GLN A 8 -2.64 8.59 2.32
CA GLN A 8 -1.63 9.32 3.07
C GLN A 8 -0.43 8.43 3.44
N LEU A 9 -0.71 7.20 3.87
CA LEU A 9 0.35 6.31 4.31
C LEU A 9 1.35 6.00 3.20
N PHE A 10 0.85 5.50 2.07
CA PHE A 10 1.71 5.29 0.91
C PHE A 10 2.03 6.54 0.10
N ALA A 11 1.14 7.54 0.12
CA ALA A 11 1.41 8.79 -0.59
C ALA A 11 2.70 9.44 -0.06
N ASP A 12 3.07 9.11 1.18
CA ASP A 12 4.40 9.43 1.73
C ASP A 12 5.50 8.87 0.81
N PRO A 13 6.64 9.53 0.73
CA PRO A 13 7.87 8.90 0.17
C PRO A 13 8.35 7.73 1.03
N ASN A 14 9.28 6.94 0.47
CA ASN A 14 9.63 5.59 0.96
C ASN A 14 8.69 5.03 2.05
N LEU A 15 7.54 4.51 1.65
CA LEU A 15 6.83 3.56 2.50
C LEU A 15 6.89 2.14 1.92
N ILE A 16 7.28 2.02 0.64
CA ILE A 16 7.36 0.70 0.00
C ILE A 16 8.47 -0.15 0.63
N GLU A 17 9.53 0.47 1.14
CA GLU A 17 10.68 -0.30 1.64
C GLU A 17 10.27 -1.16 2.84
N ASN A 18 9.60 -0.54 3.81
CA ASN A 18 9.03 -1.28 4.94
C ASN A 18 8.12 -2.40 4.45
N LEU A 19 7.37 -2.12 3.39
CA LEU A 19 6.51 -3.12 2.76
C LEU A 19 7.30 -4.27 2.14
N LYS A 20 8.55 -4.01 1.75
CA LYS A 20 9.39 -5.08 1.21
C LYS A 20 9.60 -6.21 2.23
N LYS A 21 10.01 -5.84 3.46
CA LYS A 21 10.56 -6.84 4.38
C LYS A 21 9.52 -7.64 5.18
N ASN A 22 8.50 -6.98 5.76
CA ASN A 22 7.64 -7.70 6.73
C ASN A 22 6.26 -8.13 6.21
N PRO A 23 5.77 -7.54 5.14
CA PRO A 23 4.43 -7.94 4.60
C PRO A 23 4.51 -8.69 3.27
N LYS A 24 3.53 -9.58 3.06
CA LYS A 24 3.41 -10.29 1.79
C LYS A 24 3.27 -9.31 0.61
N THR A 25 2.89 -8.07 0.92
CA THR A 25 2.70 -7.03 -0.12
C THR A 25 3.98 -6.85 -0.96
N SER A 26 5.12 -7.26 -0.40
CA SER A 26 6.41 -7.10 -1.08
C SER A 26 6.47 -7.87 -2.40
N GLU A 27 5.55 -8.82 -2.60
CA GLU A 27 5.51 -9.56 -3.86
C GLU A 27 5.37 -8.61 -5.04
N MET A 28 4.40 -7.70 -4.94
CA MET A 28 4.10 -6.82 -6.06
C MET A 28 5.27 -5.89 -6.35
N MET A 29 6.04 -5.55 -5.32
CA MET A 29 7.13 -4.59 -5.49
C MET A 29 8.24 -5.16 -6.38
N LYS A 30 8.59 -6.42 -6.15
CA LYS A 30 9.82 -6.98 -6.72
C LYS A 30 9.61 -7.52 -8.14
N ASP A 31 8.35 -7.78 -8.51
CA ASP A 31 8.06 -8.28 -9.86
C ASP A 31 7.21 -7.28 -10.67
N PRO A 32 5.91 -7.23 -10.44
CA PRO A 32 4.96 -6.66 -11.44
C PRO A 32 5.15 -5.16 -11.69
N GLN A 33 4.70 -4.72 -12.86
CA GLN A 33 4.68 -3.29 -13.22
C GLN A 33 3.83 -2.47 -12.25
N LEU A 34 2.96 -3.15 -11.48
CA LEU A 34 1.96 -2.48 -10.67
C LEU A 34 2.62 -1.45 -9.72
N VAL A 35 3.90 -1.66 -9.41
CA VAL A 35 4.64 -0.73 -8.55
C VAL A 35 4.61 0.69 -9.12
N ALA A 36 5.06 0.82 -10.36
CA ALA A 36 5.17 2.14 -11.00
C ALA A 36 3.79 2.80 -11.04
N LYS A 37 2.81 2.03 -11.50
CA LYS A 37 1.45 2.53 -11.63
C LYS A 37 0.96 3.10 -10.30
N LEU A 38 1.09 2.30 -9.25
CA LEU A 38 0.62 2.69 -7.92
C LEU A 38 1.32 3.97 -7.42
N ILE A 39 2.61 4.09 -7.73
CA ILE A 39 3.41 5.19 -7.18
C ILE A 39 2.85 6.54 -7.62
N GLY A 40 2.39 6.62 -8.87
CA GLY A 40 1.74 7.84 -9.34
C GLY A 40 0.37 7.96 -8.68
N TYR A 41 -0.40 6.88 -8.76
CA TYR A 41 -1.69 6.79 -8.10
C TYR A 41 -1.59 6.94 -6.58
N LYS A 42 -0.39 6.77 -6.04
CA LYS A 42 -0.15 6.97 -4.61
C LYS A 42 -0.10 8.47 -4.26
N GLN A 43 0.67 9.23 -5.04
CA GLN A 43 1.02 10.59 -4.64
C GLN A 43 -0.16 11.58 -4.77
N ASN A 44 -0.83 11.55 -5.93
CA ASN A 44 -1.79 12.62 -6.27
C ASN A 44 -3.26 12.26 -6.00
N PRO A 45 -3.68 11.05 -6.27
CA PRO A 45 -5.14 10.72 -6.37
C PRO A 45 -5.71 10.03 -5.13
N GLN A 46 -6.34 10.82 -4.25
CA GLN A 46 -7.05 10.28 -3.07
C GLN A 46 -7.98 9.08 -3.41
N ALA A 47 -8.24 8.86 -4.72
CA ALA A 47 -9.16 7.83 -5.16
C ALA A 47 -8.74 6.42 -4.71
N ILE A 48 -7.53 6.28 -4.14
CA ILE A 48 -6.99 4.94 -3.82
C ILE A 48 -7.93 4.19 -2.87
N GLY A 49 -8.66 4.94 -2.04
CA GLY A 49 -9.53 4.33 -1.02
C GLY A 49 -10.52 3.35 -1.65
N GLN A 50 -10.89 3.61 -2.91
CA GLN A 50 -11.87 2.76 -3.60
C GLN A 50 -11.18 1.58 -4.30
N ASP A 51 -9.93 1.79 -4.73
CA ASP A 51 -9.23 0.79 -5.51
C ASP A 51 -8.76 -0.37 -4.64
N LEU A 52 -8.65 -0.15 -3.32
CA LEU A 52 -8.31 -1.25 -2.41
C LEU A 52 -9.31 -2.40 -2.59
N PHE A 53 -10.60 -2.03 -2.68
CA PHE A 53 -11.68 -2.97 -2.96
C PHE A 53 -11.38 -3.82 -4.21
N THR A 54 -10.73 -3.20 -5.19
CA THR A 54 -10.39 -3.89 -6.44
C THR A 54 -9.01 -4.57 -6.34
N ASP A 55 -8.14 -4.01 -5.47
CA ASP A 55 -6.78 -4.52 -5.34
C ASP A 55 -6.62 -5.26 -4.00
N PRO A 56 -6.39 -6.56 -4.02
CA PRO A 56 -6.31 -7.35 -2.74
C PRO A 56 -5.11 -6.95 -1.89
N ARG A 57 -3.92 -6.98 -2.49
CA ARG A 57 -2.68 -6.78 -1.72
C ARG A 57 -2.60 -5.37 -1.13
N LEU A 58 -3.09 -4.36 -1.86
CA LEU A 58 -3.02 -2.97 -1.36
C LEU A 58 -3.62 -2.87 0.05
N MET A 59 -4.63 -3.70 0.32
CA MET A 59 -5.24 -3.72 1.64
C MET A 59 -4.25 -4.28 2.68
N THR A 60 -3.52 -5.34 2.32
CA THR A 60 -2.57 -5.96 3.24
C THR A 60 -1.49 -4.94 3.67
N ILE A 61 -1.10 -4.09 2.73
CA ILE A 61 -0.20 -2.97 3.02
C ILE A 61 -0.80 -2.10 4.13
N MET A 62 -2.09 -1.82 3.99
CA MET A 62 -2.79 -0.97 4.95
C MET A 62 -2.73 -1.57 6.36
N ALA A 63 -2.90 -2.88 6.43
CA ALA A 63 -2.85 -3.61 7.71
C ALA A 63 -1.53 -3.37 8.47
N THR A 64 -0.40 -3.64 7.80
CA THR A 64 0.92 -3.45 8.45
C THR A 64 1.06 -2.02 9.00
N LEU A 65 0.72 -1.05 8.16
CA LEU A 65 0.82 0.37 8.54
C LEU A 65 -0.03 0.68 9.78
N MET A 66 -1.31 0.34 9.70
CA MET A 66 -2.26 0.66 10.77
C MET A 66 -2.05 -0.22 12.01
N GLY A 67 -1.46 -1.40 11.82
CA GLY A 67 -1.40 -2.40 12.87
C GLY A 67 -0.22 -2.16 13.81
N VAL A 68 0.62 -1.17 13.46
CA VAL A 68 1.90 -0.96 14.14
C VAL A 68 2.88 -2.12 13.88
N ASP A 69 2.55 -2.99 12.92
CA ASP A 69 3.43 -4.09 12.53
C ASP A 69 3.86 -4.94 13.74
N LEU A 70 3.02 -4.97 14.78
CA LEU A 70 3.30 -5.79 15.95
C LEU A 70 2.67 -7.18 15.79
N ASN A 71 1.34 -7.22 15.81
CA ASN A 71 0.59 -8.47 15.66
C ASN A 71 1.01 -9.49 16.72
N GLN A 1 -15.85 -4.86 8.44
CA GLN A 1 -14.40 -4.60 8.67
C GLN A 1 -14.10 -3.12 8.46
N PRO A 2 -13.07 -2.60 9.10
CA PRO A 2 -12.70 -1.16 8.96
C PRO A 2 -12.18 -0.83 7.57
N ASP A 3 -12.22 0.45 7.21
CA ASP A 3 -11.75 0.89 5.90
C ASP A 3 -10.24 1.11 5.86
N LEU A 4 -9.53 0.75 6.93
CA LEU A 4 -8.07 0.90 7.00
C LEU A 4 -7.63 2.33 6.67
N GLY A 5 -6.32 2.56 6.63
CA GLY A 5 -5.78 3.87 6.31
C GLY A 5 -6.10 4.24 4.85
N LEU A 6 -5.17 4.92 4.19
CA LEU A 6 -5.47 5.52 2.89
C LEU A 6 -4.18 6.03 2.19
N THR A 7 -4.36 6.89 1.18
CA THR A 7 -3.25 7.39 0.37
C THR A 7 -2.15 8.00 1.20
N GLN A 8 -2.51 8.62 2.33
CA GLN A 8 -1.52 9.33 3.15
C GLN A 8 -0.35 8.41 3.54
N LEU A 9 -0.67 7.17 3.92
CA LEU A 9 0.38 6.23 4.36
C LEU A 9 1.39 5.94 3.23
N PHE A 10 0.88 5.48 2.09
CA PHE A 10 1.74 5.26 0.92
C PHE A 10 2.07 6.53 0.12
N ALA A 11 1.21 7.54 0.15
CA ALA A 11 1.52 8.80 -0.53
C ALA A 11 2.82 9.41 0.03
N ASP A 12 3.14 9.07 1.28
CA ASP A 12 4.46 9.36 1.85
C ASP A 12 5.57 8.79 0.94
N PRO A 13 6.70 9.47 0.82
CA PRO A 13 7.93 8.85 0.27
C PRO A 13 8.44 7.71 1.15
N ASN A 14 9.36 6.92 0.60
CA ASN A 14 9.72 5.58 1.12
C ASN A 14 8.75 5.01 2.18
N LEU A 15 7.58 4.53 1.75
CA LEU A 15 6.85 3.55 2.56
C LEU A 15 6.89 2.16 1.91
N ILE A 16 7.28 2.09 0.62
CA ILE A 16 7.39 0.80 -0.05
C ILE A 16 8.51 -0.04 0.56
N GLU A 17 9.58 0.59 1.04
CA GLU A 17 10.75 -0.17 1.49
C GLU A 17 10.41 -1.04 2.70
N ASN A 18 9.77 -0.43 3.70
CA ASN A 18 9.23 -1.19 4.83
C ASN A 18 8.28 -2.28 4.34
N LEU A 19 7.50 -1.92 3.33
CA LEU A 19 6.57 -2.85 2.70
C LEU A 19 7.29 -3.99 1.99
N LYS A 20 8.54 -3.78 1.57
CA LYS A 20 9.33 -4.87 1.00
C LYS A 20 9.55 -5.99 2.04
N LYS A 21 10.00 -5.61 3.24
CA LYS A 21 10.50 -6.61 4.20
C LYS A 21 9.39 -7.27 5.04
N ASN A 22 8.44 -6.49 5.60
CA ASN A 22 7.56 -7.05 6.64
C ASN A 22 6.19 -7.56 6.15
N PRO A 23 5.71 -7.15 5.00
CA PRO A 23 4.41 -7.64 4.49
C PRO A 23 4.52 -8.54 3.26
N LYS A 24 3.57 -9.48 3.14
CA LYS A 24 3.45 -10.29 1.91
C LYS A 24 3.27 -9.40 0.68
N THR A 25 2.83 -8.15 0.89
CA THR A 25 2.58 -7.21 -0.20
C THR A 25 3.84 -6.96 -1.04
N SER A 26 5.01 -7.28 -0.47
CA SER A 26 6.28 -7.07 -1.16
C SER A 26 6.39 -7.88 -2.46
N GLU A 27 5.49 -8.85 -2.65
CA GLU A 27 5.47 -9.60 -3.91
C GLU A 27 5.32 -8.64 -5.09
N MET A 28 4.35 -7.73 -5.00
CA MET A 28 4.06 -6.85 -6.12
C MET A 28 5.23 -5.91 -6.39
N MET A 29 5.98 -5.56 -5.33
CA MET A 29 7.08 -4.61 -5.48
C MET A 29 8.21 -5.17 -6.34
N LYS A 30 8.53 -6.45 -6.14
CA LYS A 30 9.77 -7.02 -6.68
C LYS A 30 9.59 -7.54 -8.11
N ASP A 31 8.34 -7.76 -8.53
CA ASP A 31 8.08 -8.23 -9.89
C ASP A 31 7.22 -7.24 -10.69
N PRO A 32 5.92 -7.22 -10.48
CA PRO A 32 4.97 -6.64 -11.48
C PRO A 32 5.14 -5.13 -11.71
N GLN A 33 4.68 -4.69 -12.88
CA GLN A 33 4.65 -3.26 -13.22
C GLN A 33 3.80 -2.45 -12.24
N LEU A 34 2.96 -3.14 -11.47
CA LEU A 34 1.95 -2.47 -10.65
C LEU A 34 2.61 -1.46 -9.70
N VAL A 35 3.90 -1.66 -9.40
CA VAL A 35 4.64 -0.74 -8.53
C VAL A 35 4.62 0.68 -9.10
N ALA A 36 5.07 0.82 -10.36
CA ALA A 36 5.18 2.14 -10.97
C ALA A 36 3.81 2.80 -11.03
N LYS A 37 2.83 2.02 -11.48
CA LYS A 37 1.45 2.52 -11.62
C LYS A 37 0.96 3.09 -10.29
N LEU A 38 1.10 2.30 -9.22
CA LEU A 38 0.64 2.71 -7.89
C LEU A 38 1.35 3.97 -7.41
N ILE A 39 2.63 4.11 -7.74
CA ILE A 39 3.44 5.21 -7.22
C ILE A 39 2.88 6.56 -7.69
N GLY A 40 2.41 6.62 -8.93
CA GLY A 40 1.74 7.82 -9.42
C GLY A 40 0.38 7.95 -8.74
N TYR A 41 -0.37 6.86 -8.81
CA TYR A 41 -1.67 6.75 -8.14
C TYR A 41 -1.55 6.91 -6.62
N LYS A 42 -0.34 6.76 -6.10
CA LYS A 42 -0.09 6.98 -4.66
C LYS A 42 -0.04 8.47 -4.32
N GLN A 43 0.73 9.23 -5.09
CA GLN A 43 1.08 10.60 -4.70
C GLN A 43 -0.10 11.56 -4.84
N ASN A 44 -0.75 11.55 -6.00
CA ASN A 44 -1.72 12.61 -6.33
C ASN A 44 -3.19 12.24 -6.05
N PRO A 45 -3.60 11.02 -6.31
CA PRO A 45 -5.06 10.67 -6.38
C PRO A 45 -5.60 9.99 -5.14
N GLN A 46 -6.23 10.78 -4.25
CA GLN A 46 -6.94 10.23 -3.08
C GLN A 46 -7.87 9.04 -3.44
N ALA A 47 -8.13 8.83 -4.73
CA ALA A 47 -9.07 7.83 -5.19
C ALA A 47 -8.67 6.40 -4.75
N ILE A 48 -7.46 6.24 -4.18
CA ILE A 48 -6.94 4.90 -3.86
C ILE A 48 -7.90 4.17 -2.91
N GLY A 49 -8.63 4.93 -2.09
CA GLY A 49 -9.50 4.34 -1.07
C GLY A 49 -10.50 3.37 -1.69
N GLN A 50 -10.87 3.61 -2.95
CA GLN A 50 -11.84 2.76 -3.65
C GLN A 50 -11.16 1.57 -4.31
N ASP A 51 -9.92 1.78 -4.76
CA ASP A 51 -9.22 0.75 -5.52
C ASP A 51 -8.76 -0.39 -4.62
N LEU A 52 -8.66 -0.15 -3.31
CA LEU A 52 -8.32 -1.22 -2.37
C LEU A 52 -9.33 -2.38 -2.54
N PHE A 53 -10.62 -2.03 -2.56
CA PHE A 53 -11.69 -2.99 -2.79
C PHE A 53 -11.43 -3.83 -4.05
N THR A 54 -10.81 -3.21 -5.05
CA THR A 54 -10.49 -3.92 -6.30
C THR A 54 -9.10 -4.60 -6.23
N ASP A 55 -8.23 -4.07 -5.36
CA ASP A 55 -6.87 -4.58 -5.24
C ASP A 55 -6.68 -5.33 -3.91
N PRO A 56 -6.50 -6.64 -3.96
CA PRO A 56 -6.36 -7.46 -2.71
C PRO A 56 -5.17 -7.04 -1.85
N ARG A 57 -3.97 -7.06 -2.45
CA ARG A 57 -2.74 -6.86 -1.68
C ARG A 57 -2.66 -5.47 -1.07
N LEU A 58 -3.12 -4.45 -1.79
CA LEU A 58 -3.04 -3.05 -1.30
C LEU A 58 -3.60 -2.95 0.12
N MET A 59 -4.64 -3.74 0.41
CA MET A 59 -5.23 -3.74 1.74
C MET A 59 -4.28 -4.36 2.76
N THR A 60 -3.59 -5.44 2.39
CA THR A 60 -2.66 -6.09 3.31
C THR A 60 -1.55 -5.12 3.73
N ILE A 61 -1.14 -4.27 2.78
CA ILE A 61 -0.22 -3.15 3.07
C ILE A 61 -0.81 -2.28 4.18
N MET A 62 -2.11 -2.00 4.07
CA MET A 62 -2.79 -1.19 5.06
C MET A 62 -2.72 -1.84 6.44
N ALA A 63 -2.81 -3.17 6.47
CA ALA A 63 -2.74 -3.92 7.72
C ALA A 63 -1.45 -3.65 8.51
N THR A 64 -0.29 -3.85 7.86
CA THR A 64 1.00 -3.57 8.51
C THR A 64 1.06 -2.13 9.05
N LEU A 65 0.68 -1.18 8.19
CA LEU A 65 0.74 0.23 8.55
C LEU A 65 -0.14 0.55 9.76
N MET A 66 -1.42 0.21 9.66
CA MET A 66 -2.41 0.55 10.68
C MET A 66 -2.24 -0.28 11.95
N GLY A 67 -1.76 -1.50 11.80
CA GLY A 67 -1.82 -2.47 12.89
C GLY A 67 -0.67 -2.26 13.89
N VAL A 68 0.30 -1.44 13.49
CA VAL A 68 1.58 -1.36 14.21
C VAL A 68 2.36 -2.68 14.15
N ASP A 69 1.91 -3.63 13.31
CA ASP A 69 2.60 -4.91 13.19
C ASP A 69 2.41 -5.51 11.80
N LEU A 70 1.29 -6.19 11.60
CA LEU A 70 1.05 -6.97 10.40
C LEU A 70 -0.44 -7.04 10.09
N ASN A 71 -1.15 -7.94 10.80
CA ASN A 71 -2.60 -8.03 10.67
C ASN A 71 -3.29 -7.11 11.68
N GLN A 1 -16.39 0.70 11.59
CA GLN A 1 -15.79 0.48 10.24
C GLN A 1 -14.50 1.30 10.12
N PRO A 2 -13.36 0.73 10.48
CA PRO A 2 -12.05 1.45 10.40
C PRO A 2 -11.67 1.77 8.95
N ASP A 3 -11.95 0.83 8.06
CA ASP A 3 -11.65 1.00 6.63
C ASP A 3 -10.13 1.14 6.41
N LEU A 4 -9.33 0.53 7.29
CA LEU A 4 -7.88 0.52 7.15
C LEU A 4 -7.32 1.93 6.88
N GLY A 5 -6.02 2.01 6.61
CA GLY A 5 -5.39 3.29 6.28
C GLY A 5 -5.84 3.77 4.90
N LEU A 6 -5.00 4.58 4.25
CA LEU A 6 -5.41 5.23 3.01
C LEU A 6 -4.20 5.85 2.27
N THR A 7 -4.50 6.71 1.29
CA THR A 7 -3.48 7.28 0.40
C THR A 7 -2.34 7.91 1.17
N GLN A 8 -2.66 8.59 2.27
CA GLN A 8 -1.65 9.33 3.02
C GLN A 8 -0.46 8.45 3.41
N LEU A 9 -0.75 7.22 3.88
CA LEU A 9 0.31 6.34 4.34
C LEU A 9 1.32 6.01 3.23
N PHE A 10 0.83 5.49 2.12
CA PHE A 10 1.69 5.25 0.96
C PHE A 10 2.01 6.50 0.13
N ALA A 11 1.13 7.49 0.12
CA ALA A 11 1.40 8.73 -0.60
C ALA A 11 2.70 9.38 -0.10
N ASP A 12 3.05 9.08 1.15
CA ASP A 12 4.39 9.41 1.68
C ASP A 12 5.49 8.81 0.78
N PRO A 13 6.61 9.49 0.64
CA PRO A 13 7.84 8.84 0.08
C PRO A 13 8.37 7.73 0.98
N ASN A 14 9.29 6.93 0.43
CA ASN A 14 9.66 5.60 0.97
C ASN A 14 8.74 5.06 2.07
N LEU A 15 7.56 4.56 1.67
CA LEU A 15 6.84 3.62 2.53
C LEU A 15 6.86 2.20 1.94
N ILE A 16 7.23 2.08 0.66
CA ILE A 16 7.32 0.77 0.03
C ILE A 16 8.44 -0.07 0.65
N GLU A 17 9.51 0.56 1.14
CA GLU A 17 10.68 -0.20 1.61
C GLU A 17 10.30 -1.06 2.83
N ASN A 18 9.66 -0.44 3.81
CA ASN A 18 9.11 -1.18 4.95
C ASN A 18 8.16 -2.28 4.45
N LEU A 19 7.39 -1.94 3.44
CA LEU A 19 6.48 -2.89 2.81
C LEU A 19 7.23 -4.04 2.11
N LYS A 20 8.48 -3.80 1.70
CA LYS A 20 9.29 -4.88 1.12
C LYS A 20 9.52 -6.00 2.13
N LYS A 21 9.96 -5.65 3.34
CA LYS A 21 10.53 -6.66 4.24
C LYS A 21 9.48 -7.44 5.07
N ASN A 22 8.49 -6.77 5.67
CA ASN A 22 7.66 -7.45 6.67
C ASN A 22 6.27 -7.92 6.17
N PRO A 23 5.75 -7.40 5.07
CA PRO A 23 4.43 -7.85 4.56
C PRO A 23 4.52 -8.65 3.27
N LYS A 24 3.57 -9.58 3.09
CA LYS A 24 3.47 -10.35 1.85
C LYS A 24 3.28 -9.43 0.63
N THR A 25 2.85 -8.19 0.88
CA THR A 25 2.61 -7.22 -0.19
C THR A 25 3.88 -6.98 -1.03
N SER A 26 5.03 -7.30 -0.47
CA SER A 26 6.30 -7.07 -1.14
C SER A 26 6.43 -7.87 -2.44
N GLU A 27 5.57 -8.87 -2.64
CA GLU A 27 5.59 -9.63 -3.88
C GLU A 27 5.41 -8.71 -5.07
N MET A 28 4.42 -7.80 -4.99
CA MET A 28 4.12 -6.93 -6.12
C MET A 28 5.26 -5.98 -6.37
N MET A 29 6.01 -5.61 -5.33
CA MET A 29 7.09 -4.63 -5.48
C MET A 29 8.22 -5.17 -6.35
N LYS A 30 8.56 -6.45 -6.16
CA LYS A 30 9.80 -6.99 -6.71
C LYS A 30 9.61 -7.52 -8.14
N ASP A 31 8.36 -7.77 -8.54
CA ASP A 31 8.09 -8.24 -9.91
C ASP A 31 7.22 -7.25 -10.70
N PRO A 32 5.93 -7.24 -10.48
CA PRO A 32 4.97 -6.66 -11.46
C PRO A 32 5.13 -5.15 -11.70
N GLN A 33 4.66 -4.71 -12.86
CA GLN A 33 4.63 -3.28 -13.21
C GLN A 33 3.78 -2.47 -12.21
N LEU A 34 2.93 -3.17 -11.45
CA LEU A 34 1.93 -2.49 -10.63
C LEU A 34 2.60 -1.48 -9.68
N VAL A 35 3.88 -1.69 -9.37
CA VAL A 35 4.62 -0.76 -8.50
C VAL A 35 4.61 0.65 -9.07
N ALA A 36 5.06 0.79 -10.33
CA ALA A 36 5.17 2.11 -10.96
C ALA A 36 3.80 2.78 -11.00
N LYS A 37 2.82 2.00 -11.47
CA LYS A 37 1.45 2.51 -11.61
C LYS A 37 0.95 3.07 -10.28
N LEU A 38 1.09 2.26 -9.22
CA LEU A 38 0.63 2.65 -7.89
C LEU A 38 1.34 3.91 -7.39
N ILE A 39 2.62 4.04 -7.71
CA ILE A 39 3.44 5.13 -7.16
C ILE A 39 2.88 6.49 -7.61
N GLY A 40 2.42 6.57 -8.85
CA GLY A 40 1.77 7.79 -9.31
C GLY A 40 0.41 7.92 -8.63
N TYR A 41 -0.35 6.83 -8.72
CA TYR A 41 -1.65 6.74 -8.06
C TYR A 41 -1.54 6.88 -6.54
N LYS A 42 -0.34 6.69 -6.00
CA LYS A 42 -0.10 6.88 -4.57
C LYS A 42 -0.04 8.37 -4.20
N GLN A 43 0.74 9.13 -4.97
CA GLN A 43 1.10 10.49 -4.56
C GLN A 43 -0.07 11.48 -4.69
N ASN A 44 -0.73 11.48 -5.84
CA ASN A 44 -1.67 12.57 -6.18
C ASN A 44 -3.15 12.21 -5.92
N PRO A 45 -3.59 11.01 -6.20
CA PRO A 45 -5.05 10.71 -6.31
C PRO A 45 -5.63 10.01 -5.08
N GLN A 46 -6.25 10.80 -4.20
CA GLN A 46 -6.97 10.25 -3.02
C GLN A 46 -7.91 9.07 -3.37
N ALA A 47 -8.17 8.87 -4.66
CA ALA A 47 -9.11 7.84 -5.13
C ALA A 47 -8.70 6.43 -4.67
N ILE A 48 -7.49 6.27 -4.11
CA ILE A 48 -6.97 4.93 -3.79
C ILE A 48 -7.91 4.18 -2.84
N GLY A 49 -8.62 4.94 -2.01
CA GLY A 49 -9.48 4.34 -0.99
C GLY A 49 -10.50 3.37 -1.60
N GLN A 50 -10.88 3.64 -2.85
CA GLN A 50 -11.86 2.80 -3.54
C GLN A 50 -11.19 1.62 -4.24
N ASP A 51 -9.95 1.83 -4.69
CA ASP A 51 -9.27 0.82 -5.49
C ASP A 51 -8.78 -0.34 -4.62
N LEU A 52 -8.66 -0.11 -3.30
CA LEU A 52 -8.30 -1.22 -2.39
C LEU A 52 -9.30 -2.38 -2.59
N PHE A 53 -10.58 -2.01 -2.65
CA PHE A 53 -11.66 -2.96 -2.93
C PHE A 53 -11.37 -3.79 -4.20
N THR A 54 -10.73 -3.16 -5.18
CA THR A 54 -10.39 -3.84 -6.44
C THR A 54 -9.02 -4.52 -6.36
N ASP A 55 -8.14 -3.98 -5.50
CA ASP A 55 -6.78 -4.51 -5.37
C ASP A 55 -6.61 -5.26 -4.04
N PRO A 56 -6.39 -6.56 -4.08
CA PRO A 56 -6.32 -7.37 -2.82
C PRO A 56 -5.12 -6.98 -1.94
N ARG A 57 -3.92 -7.01 -2.52
CA ARG A 57 -2.71 -6.82 -1.74
C ARG A 57 -2.62 -5.41 -1.14
N LEU A 58 -3.12 -4.40 -1.87
CA LEU A 58 -3.07 -3.01 -1.38
C LEU A 58 -3.63 -2.91 0.05
N MET A 59 -4.65 -3.72 0.33
CA MET A 59 -5.26 -3.74 1.64
C MET A 59 -4.28 -4.30 2.68
N THR A 60 -3.58 -5.38 2.34
CA THR A 60 -2.64 -6.01 3.27
C THR A 60 -1.54 -5.01 3.67
N ILE A 61 -1.13 -4.19 2.71
CA ILE A 61 -0.18 -3.09 2.97
C ILE A 61 -0.75 -2.18 4.07
N MET A 62 -2.04 -1.87 3.95
CA MET A 62 -2.72 -1.01 4.90
C MET A 62 -2.65 -1.59 6.32
N ALA A 63 -2.87 -2.90 6.40
CA ALA A 63 -2.84 -3.62 7.68
C ALA A 63 -1.52 -3.38 8.44
N THR A 64 -0.38 -3.64 7.79
CA THR A 64 0.94 -3.45 8.43
C THR A 64 1.07 -2.03 8.98
N LEU A 65 0.70 -1.05 8.16
CA LEU A 65 0.78 0.37 8.55
C LEU A 65 -0.09 0.66 9.77
N MET A 66 -1.37 0.33 9.68
CA MET A 66 -2.32 0.64 10.73
C MET A 66 -2.14 -0.22 11.98
N GLY A 67 -1.55 -1.40 11.79
CA GLY A 67 -1.50 -2.40 12.86
C GLY A 67 -0.33 -2.15 13.80
N VAL A 68 0.54 -1.19 13.44
CA VAL A 68 1.81 -0.99 14.12
C VAL A 68 2.77 -2.17 13.91
N ASP A 69 2.44 -3.07 12.97
CA ASP A 69 3.29 -4.21 12.64
C ASP A 69 3.64 -5.03 13.89
N LEU A 70 2.74 -5.03 14.88
CA LEU A 70 2.95 -5.79 16.10
C LEU A 70 2.43 -7.22 15.94
N ASN A 71 1.19 -7.32 15.46
CA ASN A 71 0.54 -8.62 15.30
C ASN A 71 -0.49 -8.57 14.17
N GLN A 1 -14.11 -2.98 12.02
CA GLN A 1 -13.27 -3.33 13.20
C GLN A 1 -11.80 -2.96 12.96
N PRO A 2 -11.19 -3.48 11.91
CA PRO A 2 -9.73 -3.27 11.67
C PRO A 2 -9.43 -1.85 11.19
N ASP A 3 -10.27 -1.34 10.28
CA ASP A 3 -10.11 0.01 9.74
C ASP A 3 -8.76 0.15 9.04
N LEU A 4 -8.77 0.04 7.71
CA LEU A 4 -7.55 0.14 6.93
C LEU A 4 -7.14 1.61 6.74
N GLY A 5 -5.83 1.85 6.63
CA GLY A 5 -5.32 3.19 6.38
C GLY A 5 -5.80 3.72 5.03
N LEU A 6 -4.96 4.53 4.37
CA LEU A 6 -5.39 5.20 3.14
C LEU A 6 -4.18 5.84 2.40
N THR A 7 -4.49 6.70 1.43
CA THR A 7 -3.48 7.31 0.55
C THR A 7 -2.36 7.95 1.35
N GLN A 8 -2.70 8.62 2.45
CA GLN A 8 -1.70 9.37 3.23
C GLN A 8 -0.50 8.48 3.61
N LEU A 9 -0.78 7.25 4.04
CA LEU A 9 0.28 6.37 4.50
C LEU A 9 1.28 6.05 3.40
N PHE A 10 0.78 5.53 2.27
CA PHE A 10 1.65 5.29 1.11
C PHE A 10 1.96 6.55 0.29
N ALA A 11 1.07 7.55 0.30
CA ALA A 11 1.35 8.79 -0.43
C ALA A 11 2.65 9.44 0.08
N ASP A 12 3.01 9.14 1.33
CA ASP A 12 4.34 9.46 1.86
C ASP A 12 5.43 8.93 0.92
N PRO A 13 6.58 9.59 0.84
CA PRO A 13 7.80 8.97 0.25
C PRO A 13 8.29 7.79 1.07
N ASN A 14 9.20 7.01 0.48
CA ASN A 14 9.53 5.63 0.92
C ASN A 14 8.63 5.06 2.02
N LEU A 15 7.46 4.54 1.64
CA LEU A 15 6.78 3.56 2.49
C LEU A 15 6.84 2.15 1.88
N ILE A 16 7.19 2.06 0.60
CA ILE A 16 7.25 0.76 -0.07
C ILE A 16 8.38 -0.10 0.53
N GLU A 17 9.46 0.51 1.01
CA GLU A 17 10.62 -0.25 1.47
C GLU A 17 10.26 -1.11 2.69
N ASN A 18 9.61 -0.49 3.67
CA ASN A 18 9.07 -1.23 4.83
C ASN A 18 8.16 -2.35 4.37
N LEU A 19 7.38 -2.08 3.33
CA LEU A 19 6.50 -3.07 2.73
C LEU A 19 7.27 -4.22 2.10
N LYS A 20 8.51 -3.96 1.68
CA LYS A 20 9.35 -5.03 1.13
C LYS A 20 9.58 -6.14 2.16
N LYS A 21 9.99 -5.76 3.38
CA LYS A 21 10.56 -6.74 4.31
C LYS A 21 9.53 -7.55 5.13
N ASN A 22 8.50 -6.90 5.72
CA ASN A 22 7.67 -7.62 6.71
C ASN A 22 6.27 -8.05 6.20
N PRO A 23 5.76 -7.47 5.13
CA PRO A 23 4.42 -7.86 4.62
C PRO A 23 4.48 -8.64 3.30
N LYS A 24 3.50 -9.52 3.11
CA LYS A 24 3.36 -10.26 1.85
C LYS A 24 3.21 -9.29 0.66
N THR A 25 2.85 -8.04 0.94
CA THR A 25 2.65 -7.02 -0.10
C THR A 25 3.93 -6.83 -0.95
N SER A 26 5.07 -7.25 -0.39
CA SER A 26 6.36 -7.09 -1.07
C SER A 26 6.42 -7.85 -2.39
N GLU A 27 5.51 -8.81 -2.59
CA GLU A 27 5.48 -9.57 -3.85
C GLU A 27 5.33 -8.61 -5.03
N MET A 28 4.35 -7.71 -4.93
CA MET A 28 4.03 -6.84 -6.06
C MET A 28 5.18 -5.90 -6.34
N MET A 29 5.96 -5.54 -5.32
CA MET A 29 7.03 -4.57 -5.50
C MET A 29 8.16 -5.14 -6.37
N LYS A 30 8.51 -6.41 -6.13
CA LYS A 30 9.74 -6.97 -6.69
C LYS A 30 9.54 -7.53 -8.10
N ASP A 31 8.29 -7.78 -8.49
CA ASP A 31 8.01 -8.30 -9.83
C ASP A 31 7.17 -7.30 -10.66
N PRO A 32 5.87 -7.25 -10.43
CA PRO A 32 4.92 -6.68 -11.45
C PRO A 32 5.12 -5.19 -11.72
N GLN A 33 4.67 -4.77 -12.90
CA GLN A 33 4.66 -3.34 -13.28
C GLN A 33 3.80 -2.50 -12.33
N LEU A 34 2.94 -3.17 -11.55
CA LEU A 34 1.92 -2.48 -10.77
C LEU A 34 2.57 -1.45 -9.84
N VAL A 35 3.85 -1.65 -9.50
CA VAL A 35 4.57 -0.72 -8.63
C VAL A 35 4.57 0.69 -9.24
N ALA A 36 5.06 0.80 -10.47
CA ALA A 36 5.20 2.10 -11.13
C ALA A 36 3.84 2.78 -11.23
N LYS A 37 2.87 2.02 -11.76
CA LYS A 37 1.51 2.54 -11.94
C LYS A 37 0.98 3.08 -10.62
N LEU A 38 1.08 2.28 -9.56
CA LEU A 38 0.60 2.67 -8.25
C LEU A 38 1.30 3.94 -7.76
N ILE A 39 2.61 4.03 -8.02
CA ILE A 39 3.42 5.08 -7.42
C ILE A 39 2.91 6.47 -7.82
N GLY A 40 2.43 6.59 -9.06
CA GLY A 40 1.75 7.81 -9.47
C GLY A 40 0.42 7.91 -8.73
N TYR A 41 -0.29 6.78 -8.73
CA TYR A 41 -1.57 6.68 -8.02
C TYR A 41 -1.43 6.85 -6.51
N LYS A 42 -0.21 6.69 -5.97
CA LYS A 42 0.04 6.95 -4.55
C LYS A 42 -0.02 8.45 -4.26
N GLN A 43 0.75 9.22 -5.02
CA GLN A 43 1.08 10.60 -4.64
C GLN A 43 -0.11 11.55 -4.80
N ASN A 44 -0.74 11.51 -5.98
CA ASN A 44 -1.70 12.57 -6.35
C ASN A 44 -3.18 12.21 -6.06
N PRO A 45 -3.60 10.98 -6.29
CA PRO A 45 -5.04 10.64 -6.37
C PRO A 45 -5.60 10.00 -5.11
N GLN A 46 -6.23 10.80 -4.25
CA GLN A 46 -6.97 10.29 -3.07
C GLN A 46 -7.89 9.09 -3.41
N ALA A 47 -8.14 8.87 -4.71
CA ALA A 47 -9.05 7.82 -5.16
C ALA A 47 -8.63 6.43 -4.68
N ILE A 48 -7.43 6.28 -4.10
CA ILE A 48 -6.91 4.94 -3.78
C ILE A 48 -7.86 4.20 -2.83
N GLY A 49 -8.61 4.96 -2.02
CA GLY A 49 -9.48 4.37 -1.01
C GLY A 49 -10.46 3.36 -1.63
N GLN A 50 -10.83 3.61 -2.90
CA GLN A 50 -11.78 2.75 -3.59
C GLN A 50 -11.09 1.58 -4.27
N ASP A 51 -9.85 1.79 -4.70
CA ASP A 51 -9.15 0.78 -5.49
C ASP A 51 -8.67 -0.36 -4.61
N LEU A 52 -8.56 -0.16 -3.29
CA LEU A 52 -8.22 -1.27 -2.39
C LEU A 52 -9.20 -2.43 -2.60
N PHE A 53 -10.48 -2.07 -2.72
CA PHE A 53 -11.55 -3.04 -3.00
C PHE A 53 -11.23 -3.88 -4.26
N THR A 54 -10.60 -3.26 -5.25
CA THR A 54 -10.27 -3.95 -6.50
C THR A 54 -8.87 -4.58 -6.41
N ASP A 55 -7.99 -3.99 -5.60
CA ASP A 55 -6.63 -4.49 -5.45
C ASP A 55 -6.45 -5.15 -4.07
N PRO A 56 -6.31 -6.46 -4.02
CA PRO A 56 -6.35 -7.20 -2.72
C PRO A 56 -5.14 -6.90 -1.83
N ARG A 57 -3.95 -6.96 -2.43
CA ARG A 57 -2.71 -6.79 -1.65
C ARG A 57 -2.60 -5.40 -1.05
N LEU A 58 -3.09 -4.38 -1.79
CA LEU A 58 -3.03 -2.99 -1.29
C LEU A 58 -3.63 -2.90 0.12
N MET A 59 -4.64 -3.73 0.38
CA MET A 59 -5.25 -3.76 1.70
C MET A 59 -4.27 -4.31 2.74
N THR A 60 -3.54 -5.36 2.39
CA THR A 60 -2.58 -5.98 3.30
C THR A 60 -1.52 -4.96 3.74
N ILE A 61 -1.13 -4.10 2.79
CA ILE A 61 -0.24 -2.96 3.10
C ILE A 61 -0.86 -2.10 4.21
N MET A 62 -2.14 -1.82 4.07
CA MET A 62 -2.86 -0.98 5.02
C MET A 62 -2.79 -1.58 6.42
N ALA A 63 -2.96 -2.90 6.50
CA ALA A 63 -2.89 -3.62 7.78
C ALA A 63 -1.56 -3.38 8.52
N THR A 64 -0.43 -3.63 7.86
CA THR A 64 0.89 -3.45 8.50
C THR A 64 1.03 -2.04 9.06
N LEU A 65 0.70 -1.05 8.24
CA LEU A 65 0.78 0.36 8.63
C LEU A 65 -0.06 0.64 9.88
N MET A 66 -1.34 0.30 9.79
CA MET A 66 -2.30 0.59 10.87
C MET A 66 -2.09 -0.32 12.09
N GLY A 67 -1.47 -1.48 11.86
CA GLY A 67 -1.42 -2.52 12.89
C GLY A 67 -0.24 -2.30 13.83
N VAL A 68 0.56 -1.26 13.57
CA VAL A 68 1.83 -1.05 14.29
C VAL A 68 2.85 -2.16 13.98
N ASP A 69 2.62 -2.87 12.87
CA ASP A 69 3.59 -3.88 12.40
C ASP A 69 4.74 -3.25 11.60
N LEU A 70 4.78 -1.91 11.54
CA LEU A 70 5.92 -1.22 10.96
C LEU A 70 6.34 -0.04 11.82
N ASN A 71 7.61 -0.06 12.20
CA ASN A 71 8.20 1.01 13.01
C ASN A 71 8.74 2.12 12.11
N GLN A 1 -10.51 -4.37 7.22
CA GLN A 1 -10.50 -3.99 5.76
C GLN A 1 -10.88 -2.51 5.59
N PRO A 2 -12.03 -2.10 6.08
CA PRO A 2 -12.51 -0.69 5.86
C PRO A 2 -11.75 0.31 6.73
N ASP A 3 -11.48 -0.07 7.97
CA ASP A 3 -10.77 0.81 8.90
C ASP A 3 -9.27 0.78 8.60
N LEU A 4 -8.84 1.61 7.65
CA LEU A 4 -7.43 1.67 7.26
C LEU A 4 -7.11 3.06 6.70
N GLY A 5 -5.89 3.54 6.92
CA GLY A 5 -5.52 4.92 6.55
C GLY A 5 -4.89 4.95 5.15
N LEU A 6 -5.71 5.26 4.15
CA LEU A 6 -5.45 4.79 2.79
C LEU A 6 -4.27 5.54 2.11
N THR A 7 -4.59 6.60 1.35
CA THR A 7 -3.60 7.21 0.46
C THR A 7 -2.46 7.82 1.24
N GLN A 8 -2.76 8.42 2.38
CA GLN A 8 -1.75 9.16 3.15
C GLN A 8 -0.52 8.30 3.45
N LEU A 9 -0.73 7.07 3.89
CA LEU A 9 0.38 6.22 4.31
C LEU A 9 1.37 5.96 3.18
N PHE A 10 0.87 5.43 2.05
CA PHE A 10 1.73 5.24 0.88
C PHE A 10 1.98 6.52 0.07
N ALA A 11 1.07 7.47 0.10
CA ALA A 11 1.29 8.74 -0.61
C ALA A 11 2.57 9.42 -0.11
N ASP A 12 2.96 9.11 1.13
CA ASP A 12 4.28 9.47 1.65
C ASP A 12 5.39 8.91 0.74
N PRO A 13 6.52 9.58 0.65
CA PRO A 13 7.76 8.94 0.08
C PRO A 13 8.26 7.78 0.95
N ASN A 14 9.17 7.00 0.37
CA ASN A 14 9.55 5.65 0.87
C ASN A 14 8.65 5.09 1.98
N LEU A 15 7.49 4.55 1.60
CA LEU A 15 6.80 3.61 2.47
C LEU A 15 6.87 2.18 1.90
N ILE A 16 7.25 2.05 0.62
CA ILE A 16 7.34 0.73 0.00
C ILE A 16 8.46 -0.10 0.63
N GLU A 17 9.53 0.53 1.10
CA GLU A 17 10.69 -0.23 1.58
C GLU A 17 10.32 -1.08 2.79
N ASN A 18 9.66 -0.46 3.77
CA ASN A 18 9.12 -1.20 4.91
C ASN A 18 8.20 -2.34 4.43
N LEU A 19 7.42 -2.04 3.40
CA LEU A 19 6.54 -3.03 2.80
C LEU A 19 7.31 -4.18 2.15
N LYS A 20 8.55 -3.92 1.73
CA LYS A 20 9.37 -4.98 1.14
C LYS A 20 9.61 -6.12 2.14
N LYS A 21 10.05 -5.77 3.36
CA LYS A 21 10.63 -6.79 4.25
C LYS A 21 9.61 -7.60 5.07
N ASN A 22 8.61 -6.95 5.69
CA ASN A 22 7.78 -7.69 6.67
C ASN A 22 6.38 -8.11 6.19
N PRO A 23 5.84 -7.51 5.14
CA PRO A 23 4.49 -7.89 4.65
C PRO A 23 4.52 -8.68 3.34
N LYS A 24 3.53 -9.55 3.18
CA LYS A 24 3.34 -10.28 1.90
C LYS A 24 3.18 -9.31 0.73
N THR A 25 2.82 -8.06 1.03
CA THR A 25 2.61 -7.04 -0.01
C THR A 25 3.87 -6.84 -0.87
N SER A 26 5.03 -7.24 -0.33
CA SER A 26 6.30 -7.06 -1.04
C SER A 26 6.35 -7.85 -2.35
N GLU A 27 5.45 -8.82 -2.53
CA GLU A 27 5.40 -9.59 -3.76
C GLU A 27 5.21 -8.65 -4.96
N MET A 28 4.23 -7.75 -4.85
CA MET A 28 3.89 -6.88 -5.97
C MET A 28 5.03 -5.93 -6.27
N MET A 29 5.83 -5.58 -5.25
CA MET A 29 6.91 -4.61 -5.46
C MET A 29 8.01 -5.18 -6.35
N LYS A 30 8.37 -6.45 -6.12
CA LYS A 30 9.58 -7.00 -6.72
C LYS A 30 9.33 -7.57 -8.12
N ASP A 31 8.07 -7.83 -8.46
CA ASP A 31 7.75 -8.37 -9.78
C ASP A 31 6.92 -7.37 -10.61
N PRO A 32 5.63 -7.27 -10.38
CA PRO A 32 4.70 -6.66 -11.39
C PRO A 32 4.95 -5.17 -11.66
N GLN A 33 4.51 -4.73 -12.83
CA GLN A 33 4.56 -3.31 -13.21
C GLN A 33 3.71 -2.45 -12.27
N LEU A 34 2.81 -3.09 -11.52
CA LEU A 34 1.81 -2.36 -10.75
C LEU A 34 2.46 -1.36 -9.80
N VAL A 35 3.74 -1.60 -9.45
CA VAL A 35 4.48 -0.70 -8.56
C VAL A 35 4.50 0.72 -9.14
N ALA A 36 5.00 0.84 -10.37
CA ALA A 36 5.16 2.16 -11.00
C ALA A 36 3.81 2.86 -11.07
N LYS A 37 2.82 2.11 -11.56
CA LYS A 37 1.46 2.64 -11.70
C LYS A 37 0.97 3.21 -10.37
N LEU A 38 1.10 2.41 -9.31
CA LEU A 38 0.62 2.80 -7.99
C LEU A 38 1.33 4.06 -7.49
N ILE A 39 2.63 4.16 -7.77
CA ILE A 39 3.45 5.23 -7.18
C ILE A 39 2.91 6.61 -7.61
N GLY A 40 2.47 6.72 -8.86
CA GLY A 40 1.85 7.95 -9.32
C GLY A 40 0.48 8.09 -8.66
N TYR A 41 -0.29 7.01 -8.76
CA TYR A 41 -1.61 6.91 -8.12
C TYR A 41 -1.52 7.04 -6.59
N LYS A 42 -0.32 6.86 -6.04
CA LYS A 42 -0.10 7.04 -4.60
C LYS A 42 -0.01 8.53 -4.23
N GLN A 43 0.75 9.29 -5.02
CA GLN A 43 1.12 10.64 -4.60
C GLN A 43 -0.05 11.63 -4.71
N ASN A 44 -0.73 11.64 -5.85
CA ASN A 44 -1.70 12.70 -6.15
C ASN A 44 -3.17 12.32 -5.87
N PRO A 45 -3.60 11.11 -6.17
CA PRO A 45 -5.04 10.77 -6.24
C PRO A 45 -5.59 10.04 -5.02
N GLN A 46 -6.20 10.79 -4.10
CA GLN A 46 -6.90 10.20 -2.95
C GLN A 46 -7.85 9.03 -3.35
N ALA A 47 -8.12 8.87 -4.64
CA ALA A 47 -9.05 7.87 -5.13
C ALA A 47 -8.63 6.43 -4.75
N ILE A 48 -7.42 6.26 -4.19
CA ILE A 48 -6.90 4.91 -3.94
C ILE A 48 -7.84 4.09 -3.06
N GLY A 49 -8.59 4.78 -2.19
CA GLY A 49 -9.44 4.09 -1.23
C GLY A 49 -10.44 3.16 -1.92
N GLN A 50 -10.80 3.48 -3.17
CA GLN A 50 -11.75 2.68 -3.93
C GLN A 50 -11.05 1.54 -4.67
N ASP A 51 -9.78 1.76 -5.01
CA ASP A 51 -9.04 0.76 -5.77
C ASP A 51 -8.56 -0.38 -4.89
N LEU A 52 -8.50 -0.16 -3.56
CA LEU A 52 -8.20 -1.25 -2.63
C LEU A 52 -9.16 -2.41 -2.87
N PHE A 53 -10.44 -2.06 -3.03
CA PHE A 53 -11.49 -3.02 -3.36
C PHE A 53 -11.12 -3.87 -4.59
N THR A 54 -10.41 -3.26 -5.53
CA THR A 54 -9.97 -3.98 -6.74
C THR A 54 -8.61 -4.64 -6.54
N ASP A 55 -7.79 -4.07 -5.65
CA ASP A 55 -6.46 -4.61 -5.37
C ASP A 55 -6.42 -5.25 -3.98
N PRO A 56 -6.41 -6.57 -3.90
CA PRO A 56 -6.43 -7.27 -2.58
C PRO A 56 -5.23 -6.89 -1.68
N ARG A 57 -4.03 -6.97 -2.24
CA ARG A 57 -2.82 -6.79 -1.45
C ARG A 57 -2.71 -5.37 -0.88
N LEU A 58 -3.21 -4.38 -1.63
CA LEU A 58 -3.13 -2.97 -1.17
C LEU A 58 -3.67 -2.83 0.24
N MET A 59 -4.71 -3.60 0.55
CA MET A 59 -5.30 -3.58 1.89
C MET A 59 -4.33 -4.13 2.93
N THR A 60 -3.64 -5.21 2.58
CA THR A 60 -2.72 -5.85 3.53
C THR A 60 -1.58 -4.88 3.89
N ILE A 61 -1.19 -4.05 2.92
CA ILE A 61 -0.25 -2.95 3.17
C ILE A 61 -0.79 -2.06 4.30
N MET A 62 -2.08 -1.77 4.22
CA MET A 62 -2.75 -0.98 5.24
C MET A 62 -2.65 -1.66 6.61
N ALA A 63 -2.79 -2.98 6.62
CA ALA A 63 -2.73 -3.76 7.86
C ALA A 63 -1.40 -3.54 8.61
N THR A 64 -0.27 -3.76 7.94
CA THR A 64 1.05 -3.53 8.55
C THR A 64 1.17 -2.10 9.09
N LEU A 65 0.85 -1.12 8.24
CA LEU A 65 0.96 0.29 8.62
C LEU A 65 0.13 0.61 9.86
N MET A 66 -1.16 0.28 9.80
CA MET A 66 -2.09 0.58 10.89
C MET A 66 -1.87 -0.32 12.10
N GLY A 67 -1.31 -1.51 11.87
CA GLY A 67 -1.28 -2.55 12.88
C GLY A 67 -0.09 -2.37 13.83
N VAL A 68 0.78 -1.38 13.53
CA VAL A 68 2.05 -1.23 14.24
C VAL A 68 3.03 -2.35 13.91
N ASP A 69 2.72 -3.16 12.89
CA ASP A 69 3.62 -4.21 12.42
C ASP A 69 4.01 -5.16 13.55
N LEU A 70 3.01 -5.55 14.35
CA LEU A 70 3.23 -6.45 15.47
C LEU A 70 1.99 -7.30 15.68
N ASN A 71 2.04 -8.15 16.68
CA ASN A 71 0.92 -9.03 17.01
C ASN A 71 -0.07 -8.33 17.91
N GLN A 1 -13.35 2.70 8.83
CA GLN A 1 -14.03 1.37 8.86
C GLN A 1 -13.78 0.60 7.55
N PRO A 2 -14.14 1.17 6.41
CA PRO A 2 -14.08 0.41 5.12
C PRO A 2 -12.63 0.14 4.68
N ASP A 3 -11.85 1.21 4.54
CA ASP A 3 -10.45 1.09 4.15
C ASP A 3 -9.59 0.81 5.39
N LEU A 4 -8.28 1.01 5.28
CA LEU A 4 -7.38 0.90 6.44
C LEU A 4 -6.28 1.96 6.30
N GLY A 5 -6.30 2.98 7.13
CA GLY A 5 -5.44 4.14 6.89
C GLY A 5 -5.91 4.92 5.65
N LEU A 6 -5.00 5.09 4.67
CA LEU A 6 -5.36 5.45 3.26
C LEU A 6 -4.13 5.99 2.48
N THR A 7 -4.39 6.80 1.43
CA THR A 7 -3.34 7.30 0.54
C THR A 7 -2.21 7.96 1.33
N GLN A 8 -2.54 8.61 2.43
CA GLN A 8 -1.53 9.34 3.21
C GLN A 8 -0.35 8.44 3.57
N LEU A 9 -0.65 7.20 3.96
CA LEU A 9 0.41 6.28 4.39
C LEU A 9 1.39 5.97 3.26
N PHE A 10 0.87 5.49 2.13
CA PHE A 10 1.73 5.27 0.96
C PHE A 10 2.06 6.52 0.15
N ALA A 11 1.20 7.53 0.17
CA ALA A 11 1.51 8.78 -0.53
C ALA A 11 2.78 9.42 0.02
N ASP A 12 3.11 9.11 1.29
CA ASP A 12 4.37 9.54 1.89
C ASP A 12 5.55 8.93 1.09
N PRO A 13 6.70 9.57 1.05
CA PRO A 13 7.92 8.98 0.41
C PRO A 13 8.40 7.74 1.15
N ASN A 14 9.31 6.99 0.50
CA ASN A 14 9.72 5.63 0.93
C ASN A 14 8.84 5.00 2.03
N LEU A 15 7.66 4.52 1.66
CA LEU A 15 6.94 3.59 2.53
C LEU A 15 6.93 2.17 1.94
N ILE A 16 7.29 2.04 0.65
CA ILE A 16 7.36 0.73 0.02
C ILE A 16 8.49 -0.12 0.64
N GLU A 17 9.56 0.52 1.14
CA GLU A 17 10.71 -0.24 1.62
C GLU A 17 10.33 -1.10 2.84
N ASN A 18 9.67 -0.48 3.81
CA ASN A 18 9.09 -1.23 4.94
C ASN A 18 8.15 -2.33 4.44
N LEU A 19 7.38 -1.97 3.42
CA LEU A 19 6.47 -2.91 2.77
C LEU A 19 7.22 -4.05 2.09
N LYS A 20 8.47 -3.83 1.69
CA LYS A 20 9.27 -4.91 1.11
C LYS A 20 9.51 -6.03 2.13
N LYS A 21 9.94 -5.67 3.33
CA LYS A 21 10.50 -6.68 4.25
C LYS A 21 9.45 -7.44 5.08
N ASN A 22 8.47 -6.75 5.67
CA ASN A 22 7.62 -7.42 6.68
C ASN A 22 6.25 -7.90 6.19
N PRO A 23 5.73 -7.40 5.09
CA PRO A 23 4.41 -7.85 4.59
C PRO A 23 4.50 -8.68 3.32
N LYS A 24 3.54 -9.61 3.17
CA LYS A 24 3.43 -10.41 1.93
C LYS A 24 3.27 -9.51 0.70
N THR A 25 2.83 -8.27 0.92
CA THR A 25 2.57 -7.32 -0.16
C THR A 25 3.84 -7.07 -1.01
N SER A 26 5.00 -7.37 -0.44
CA SER A 26 6.27 -7.13 -1.12
C SER A 26 6.41 -7.92 -2.42
N GLU A 27 5.55 -8.93 -2.61
CA GLU A 27 5.56 -9.69 -3.86
C GLU A 27 5.37 -8.77 -5.05
N MET A 28 4.37 -7.89 -4.97
CA MET A 28 4.07 -7.01 -6.10
C MET A 28 5.20 -6.05 -6.36
N MET A 29 5.95 -5.67 -5.31
CA MET A 29 7.00 -4.67 -5.47
C MET A 29 8.14 -5.20 -6.34
N LYS A 30 8.50 -6.47 -6.15
CA LYS A 30 9.74 -6.99 -6.73
C LYS A 30 9.54 -7.53 -8.14
N ASP A 31 8.29 -7.80 -8.53
CA ASP A 31 8.00 -8.28 -9.89
C ASP A 31 7.14 -7.29 -10.68
N PRO A 32 5.84 -7.25 -10.46
CA PRO A 32 4.88 -6.66 -11.45
C PRO A 32 5.07 -5.16 -11.68
N GLN A 33 4.60 -4.70 -12.84
CA GLN A 33 4.59 -3.28 -13.19
C GLN A 33 3.75 -2.46 -12.20
N LEU A 34 2.89 -3.15 -11.44
CA LEU A 34 1.89 -2.47 -10.61
C LEU A 34 2.54 -1.45 -9.68
N VAL A 35 3.84 -1.66 -9.37
CA VAL A 35 4.58 -0.74 -8.49
C VAL A 35 4.56 0.68 -9.07
N ALA A 36 5.02 0.82 -10.31
CA ALA A 36 5.14 2.14 -10.94
C ALA A 36 3.77 2.81 -11.00
N LYS A 37 2.79 2.03 -11.47
CA LYS A 37 1.43 2.53 -11.61
C LYS A 37 0.93 3.12 -10.28
N LEU A 38 1.06 2.33 -9.23
CA LEU A 38 0.58 2.73 -7.90
C LEU A 38 1.30 3.99 -7.41
N ILE A 39 2.59 4.12 -7.72
CA ILE A 39 3.40 5.21 -7.16
C ILE A 39 2.85 6.57 -7.62
N GLY A 40 2.39 6.65 -8.86
CA GLY A 40 1.75 7.87 -9.33
C GLY A 40 0.38 8.01 -8.67
N TYR A 41 -0.38 6.92 -8.75
CA TYR A 41 -1.69 6.82 -8.09
C TYR A 41 -1.58 6.96 -6.56
N LYS A 42 -0.38 6.80 -6.03
CA LYS A 42 -0.14 7.01 -4.60
C LYS A 42 -0.06 8.49 -4.24
N GLN A 43 0.69 9.26 -5.03
CA GLN A 43 1.05 10.62 -4.65
C GLN A 43 -0.14 11.59 -4.75
N ASN A 44 -0.82 11.58 -5.89
CA ASN A 44 -1.81 12.63 -6.20
C ASN A 44 -3.28 12.24 -5.92
N PRO A 45 -3.68 11.02 -6.21
CA PRO A 45 -5.13 10.68 -6.29
C PRO A 45 -5.67 9.95 -5.05
N GLN A 46 -6.29 10.71 -4.14
CA GLN A 46 -6.98 10.13 -2.97
C GLN A 46 -7.91 8.95 -3.33
N ALA A 47 -8.19 8.76 -4.63
CA ALA A 47 -9.12 7.74 -5.09
C ALA A 47 -8.70 6.32 -4.69
N ILE A 48 -7.48 6.16 -4.13
CA ILE A 48 -6.94 4.83 -3.85
C ILE A 48 -7.88 4.04 -2.93
N GLY A 49 -8.57 4.76 -2.04
CA GLY A 49 -9.42 4.12 -1.03
C GLY A 49 -10.46 3.19 -1.67
N GLN A 50 -10.84 3.49 -2.92
CA GLN A 50 -11.82 2.69 -3.63
C GLN A 50 -11.16 1.52 -4.37
N ASP A 51 -9.91 1.74 -4.80
CA ASP A 51 -9.21 0.73 -5.59
C ASP A 51 -8.72 -0.42 -4.70
N LEU A 52 -8.61 -0.19 -3.38
CA LEU A 52 -8.28 -1.28 -2.46
C LEU A 52 -9.28 -2.43 -2.65
N PHE A 53 -10.56 -2.06 -2.75
CA PHE A 53 -11.65 -3.02 -3.01
C PHE A 53 -11.36 -3.88 -4.25
N THR A 54 -10.72 -3.28 -5.25
CA THR A 54 -10.39 -3.99 -6.49
C THR A 54 -9.01 -4.65 -6.39
N ASP A 55 -8.15 -4.10 -5.54
CA ASP A 55 -6.78 -4.59 -5.38
C ASP A 55 -6.61 -5.33 -4.05
N PRO A 56 -6.40 -6.63 -4.06
CA PRO A 56 -6.34 -7.43 -2.79
C PRO A 56 -5.15 -7.03 -1.91
N ARG A 57 -3.94 -7.10 -2.47
CA ARG A 57 -2.73 -6.89 -1.67
C ARG A 57 -2.64 -5.49 -1.11
N LEU A 58 -3.13 -4.48 -1.86
CA LEU A 58 -3.04 -3.08 -1.41
C LEU A 58 -3.59 -2.93 0.01
N MET A 59 -4.63 -3.71 0.32
CA MET A 59 -5.22 -3.67 1.65
C MET A 59 -4.24 -4.19 2.70
N THR A 60 -3.58 -5.31 2.39
CA THR A 60 -2.64 -5.93 3.35
C THR A 60 -1.50 -4.96 3.68
N ILE A 61 -1.06 -4.19 2.68
CA ILE A 61 -0.10 -3.10 2.88
C ILE A 61 -0.63 -2.15 3.95
N MET A 62 -1.90 -1.80 3.80
CA MET A 62 -2.56 -0.88 4.72
C MET A 62 -2.58 -1.45 6.14
N ALA A 63 -2.82 -2.75 6.24
CA ALA A 63 -2.83 -3.45 7.52
C ALA A 63 -1.53 -3.25 8.32
N THR A 64 -0.38 -3.54 7.69
CA THR A 64 0.92 -3.37 8.37
C THR A 64 1.07 -1.94 8.90
N LEU A 65 0.70 -0.97 8.07
CA LEU A 65 0.76 0.44 8.45
C LEU A 65 -0.14 0.74 9.66
N MET A 66 -1.41 0.40 9.55
CA MET A 66 -2.40 0.70 10.58
C MET A 66 -2.22 -0.16 11.83
N GLY A 67 -1.60 -1.33 11.67
CA GLY A 67 -1.53 -2.32 12.74
C GLY A 67 -0.35 -2.04 13.66
N VAL A 68 0.47 -1.03 13.32
CA VAL A 68 1.73 -0.77 14.02
C VAL A 68 2.76 -1.89 13.76
N ASP A 69 2.47 -2.77 12.79
CA ASP A 69 3.41 -3.80 12.36
C ASP A 69 3.89 -4.64 13.56
N LEU A 70 2.92 -5.23 14.27
CA LEU A 70 3.20 -6.08 15.43
C LEU A 70 3.80 -5.27 16.57
N ASN A 71 5.06 -4.86 16.43
CA ASN A 71 5.73 -4.08 17.46
C ASN A 71 5.43 -2.60 17.27
N GLN A 1 -17.46 4.06 5.90
CA GLN A 1 -16.28 4.26 6.79
C GLN A 1 -15.00 4.19 5.95
N PRO A 2 -13.91 4.73 6.45
CA PRO A 2 -12.61 4.73 5.71
C PRO A 2 -12.06 3.32 5.54
N ASP A 3 -12.14 2.52 6.60
CA ASP A 3 -11.64 1.14 6.58
C ASP A 3 -10.13 1.11 6.31
N LEU A 4 -9.36 0.61 7.29
CA LEU A 4 -7.91 0.55 7.17
C LEU A 4 -7.33 1.93 6.82
N GLY A 5 -6.02 1.99 6.60
CA GLY A 5 -5.36 3.25 6.26
C GLY A 5 -5.81 3.75 4.89
N LEU A 6 -4.98 4.56 4.24
CA LEU A 6 -5.40 5.24 3.01
C LEU A 6 -4.18 5.86 2.27
N THR A 7 -4.48 6.73 1.30
CA THR A 7 -3.47 7.29 0.40
C THR A 7 -2.32 7.93 1.17
N GLN A 8 -2.64 8.61 2.26
CA GLN A 8 -1.62 9.36 3.02
C GLN A 8 -0.45 8.46 3.40
N LEU A 9 -0.73 7.24 3.84
CA LEU A 9 0.32 6.34 4.31
C LEU A 9 1.32 6.01 3.21
N PHE A 10 0.83 5.49 2.08
CA PHE A 10 1.70 5.26 0.92
C PHE A 10 2.02 6.51 0.10
N ALA A 11 1.14 7.50 0.10
CA ALA A 11 1.42 8.75 -0.63
C ALA A 11 2.71 9.40 -0.11
N ASP A 12 3.07 9.09 1.14
CA ASP A 12 4.40 9.43 1.69
C ASP A 12 5.51 8.87 0.78
N PRO A 13 6.64 9.53 0.69
CA PRO A 13 7.87 8.91 0.13
C PRO A 13 8.37 7.75 1.00
N ASN A 14 9.29 6.96 0.44
CA ASN A 14 9.64 5.61 0.94
C ASN A 14 8.72 5.05 2.04
N LEU A 15 7.56 4.53 1.65
CA LEU A 15 6.85 3.57 2.51
C LEU A 15 6.92 2.14 1.92
N ILE A 16 7.30 2.03 0.64
CA ILE A 16 7.38 0.72 0.00
C ILE A 16 8.48 -0.14 0.63
N GLU A 17 9.54 0.48 1.14
CA GLU A 17 10.68 -0.31 1.63
C GLU A 17 10.28 -1.16 2.84
N ASN A 18 9.61 -0.54 3.81
CA ASN A 18 9.04 -1.26 4.93
C ASN A 18 8.12 -2.39 4.44
N LEU A 19 7.39 -2.10 3.38
CA LEU A 19 6.52 -3.10 2.75
C LEU A 19 7.30 -4.26 2.14
N LYS A 20 8.56 -4.01 1.75
CA LYS A 20 9.39 -5.08 1.22
C LYS A 20 9.61 -6.21 2.24
N LYS A 21 10.00 -5.83 3.47
CA LYS A 21 10.55 -6.83 4.39
C LYS A 21 9.51 -7.63 5.20
N ASN A 22 8.49 -6.96 5.78
CA ASN A 22 7.63 -7.67 6.75
C ASN A 22 6.24 -8.10 6.22
N PRO A 23 5.75 -7.53 5.14
CA PRO A 23 4.43 -7.92 4.60
C PRO A 23 4.51 -8.68 3.28
N LYS A 24 3.54 -9.57 3.07
CA LYS A 24 3.42 -10.29 1.79
C LYS A 24 3.28 -9.31 0.61
N THR A 25 2.89 -8.06 0.90
CA THR A 25 2.71 -7.04 -0.13
C THR A 25 3.98 -6.85 -0.96
N SER A 26 5.12 -7.27 -0.41
CA SER A 26 6.41 -7.10 -1.08
C SER A 26 6.49 -7.87 -2.40
N GLU A 27 5.58 -8.82 -2.61
CA GLU A 27 5.56 -9.57 -3.86
C GLU A 27 5.40 -8.62 -5.04
N MET A 28 4.43 -7.71 -4.95
CA MET A 28 4.12 -6.83 -6.07
C MET A 28 5.29 -5.90 -6.36
N MET A 29 6.05 -5.55 -5.31
CA MET A 29 7.14 -4.59 -5.49
C MET A 29 8.26 -5.16 -6.36
N LYS A 30 8.59 -6.44 -6.14
CA LYS A 30 9.82 -7.01 -6.70
C LYS A 30 9.62 -7.54 -8.12
N ASP A 31 8.37 -7.76 -8.53
CA ASP A 31 8.09 -8.24 -9.88
C ASP A 31 7.22 -7.24 -10.68
N PRO A 32 5.93 -7.22 -10.45
CA PRO A 32 4.96 -6.65 -11.45
C PRO A 32 5.14 -5.14 -11.69
N GLN A 33 4.67 -4.71 -12.87
CA GLN A 33 4.65 -3.28 -13.23
C GLN A 33 3.80 -2.46 -12.24
N LEU A 34 2.95 -3.14 -11.46
CA LEU A 34 1.95 -2.47 -10.64
C LEU A 34 2.61 -1.45 -9.70
N VAL A 35 3.91 -1.65 -9.39
CA VAL A 35 4.65 -0.73 -8.53
C VAL A 35 4.62 0.68 -9.10
N ALA A 36 5.06 0.82 -10.35
CA ALA A 36 5.16 2.14 -10.99
C ALA A 36 3.79 2.80 -11.02
N LYS A 37 2.80 2.03 -11.50
CA LYS A 37 1.44 2.53 -11.63
C LYS A 37 0.95 3.09 -10.29
N LEU A 38 1.08 2.29 -9.23
CA LEU A 38 0.61 2.69 -7.91
C LEU A 38 1.32 3.96 -7.42
N ILE A 39 2.61 4.08 -7.73
CA ILE A 39 3.41 5.18 -7.17
C ILE A 39 2.86 6.53 -7.62
N GLY A 40 2.40 6.61 -8.86
CA GLY A 40 1.74 7.82 -9.34
C GLY A 40 0.38 7.95 -8.68
N TYR A 41 -0.38 6.87 -8.75
CA TYR A 41 -1.69 6.77 -8.10
C TYR A 41 -1.58 6.92 -6.57
N LYS A 42 -0.38 6.75 -6.04
CA LYS A 42 -0.14 6.93 -4.60
C LYS A 42 -0.07 8.42 -4.23
N GLN A 43 0.70 9.19 -5.01
CA GLN A 43 1.05 10.55 -4.61
C GLN A 43 -0.12 11.53 -4.73
N ASN A 44 -0.78 11.53 -5.89
CA ASN A 44 -1.74 12.60 -6.22
C ASN A 44 -3.22 12.25 -5.96
N PRO A 45 -3.66 11.03 -6.24
CA PRO A 45 -5.11 10.72 -6.34
C PRO A 45 -5.69 10.02 -5.11
N GLN A 46 -6.32 10.81 -4.23
CA GLN A 46 -7.03 10.27 -3.05
C GLN A 46 -7.96 9.07 -3.40
N ALA A 47 -8.21 8.86 -4.69
CA ALA A 47 -9.15 7.83 -5.14
C ALA A 47 -8.73 6.42 -4.69
N ILE A 48 -7.52 6.27 -4.13
CA ILE A 48 -6.99 4.94 -3.81
C ILE A 48 -7.92 4.19 -2.86
N GLY A 49 -8.65 4.94 -2.02
CA GLY A 49 -9.50 4.34 -0.99
C GLY A 49 -10.51 3.36 -1.60
N GLN A 50 -10.90 3.62 -2.86
CA GLN A 50 -11.88 2.78 -3.54
C GLN A 50 -11.21 1.60 -4.23
N ASP A 51 -9.97 1.81 -4.70
CA ASP A 51 -9.29 0.80 -5.49
C ASP A 51 -8.80 -0.34 -4.62
N LEU A 52 -8.66 -0.14 -3.31
CA LEU A 52 -8.29 -1.23 -2.41
C LEU A 52 -9.26 -2.41 -2.59
N PHE A 53 -10.55 -2.10 -2.54
CA PHE A 53 -11.61 -3.09 -2.76
C PHE A 53 -11.37 -3.90 -4.04
N THR A 54 -10.78 -3.25 -5.04
CA THR A 54 -10.47 -3.93 -6.31
C THR A 54 -9.07 -4.56 -6.28
N ASP A 55 -8.19 -3.99 -5.44
CA ASP A 55 -6.80 -4.47 -5.36
C ASP A 55 -6.57 -5.21 -4.03
N PRO A 56 -6.37 -6.52 -4.07
CA PRO A 56 -6.29 -7.33 -2.81
C PRO A 56 -5.10 -6.94 -1.94
N ARG A 57 -3.90 -6.97 -2.53
CA ARG A 57 -2.67 -6.76 -1.75
C ARG A 57 -2.59 -5.35 -1.16
N LEU A 58 -3.09 -4.35 -1.89
CA LEU A 58 -3.05 -2.96 -1.40
C LEU A 58 -3.62 -2.87 0.02
N MET A 59 -4.63 -3.69 0.29
CA MET A 59 -5.24 -3.72 1.61
C MET A 59 -4.25 -4.27 2.65
N THR A 60 -3.53 -5.34 2.29
CA THR A 60 -2.57 -5.96 3.22
C THR A 60 -1.50 -4.94 3.64
N ILE A 61 -1.10 -4.09 2.69
CA ILE A 61 -0.19 -2.97 2.98
C ILE A 61 -0.79 -2.10 4.10
N MET A 62 -2.08 -1.81 3.95
CA MET A 62 -2.78 -0.96 4.91
C MET A 62 -2.72 -1.55 6.32
N ALA A 63 -2.91 -2.88 6.39
CA ALA A 63 -2.87 -3.60 7.67
C ALA A 63 -1.56 -3.35 8.43
N THR A 64 -0.42 -3.61 7.78
CA THR A 64 0.90 -3.42 8.42
C THR A 64 1.03 -1.99 8.97
N LEU A 65 0.68 -1.02 8.15
CA LEU A 65 0.77 0.39 8.53
C LEU A 65 -0.09 0.70 9.77
N MET A 66 -1.37 0.37 9.68
CA MET A 66 -2.33 0.66 10.75
C MET A 66 -2.12 -0.24 11.97
N GLY A 67 -1.52 -1.40 11.77
CA GLY A 67 -1.49 -2.44 12.79
C GLY A 67 -0.31 -2.24 13.75
N VAL A 68 0.51 -1.21 13.49
CA VAL A 68 1.77 -1.01 14.22
C VAL A 68 2.76 -2.15 13.94
N ASP A 69 2.55 -2.86 12.83
CA ASP A 69 3.50 -3.89 12.39
C ASP A 69 4.68 -3.28 11.60
N LEU A 70 4.76 -1.95 11.56
CA LEU A 70 5.94 -1.29 11.01
C LEU A 70 6.37 -0.12 11.88
N ASN A 71 7.62 -0.17 12.31
CA ASN A 71 8.21 0.88 13.13
C ASN A 71 8.81 1.97 12.24
N GLN A 1 -18.45 0.05 6.69
CA GLN A 1 -17.53 1.22 6.60
C GLN A 1 -16.08 0.75 6.56
N PRO A 2 -15.17 1.58 6.09
CA PRO A 2 -13.73 1.19 6.00
C PRO A 2 -13.10 1.00 7.38
N ASP A 3 -11.94 0.33 7.41
CA ASP A 3 -11.24 0.07 8.66
C ASP A 3 -9.75 -0.14 8.40
N LEU A 4 -9.17 0.73 7.58
CA LEU A 4 -7.76 0.64 7.22
C LEU A 4 -7.23 2.01 6.83
N GLY A 5 -5.92 2.12 6.62
CA GLY A 5 -5.30 3.39 6.27
C GLY A 5 -5.75 3.85 4.88
N LEU A 6 -4.91 4.64 4.21
CA LEU A 6 -5.30 5.29 2.96
C LEU A 6 -4.08 5.90 2.24
N THR A 7 -4.35 6.78 1.26
CA THR A 7 -3.30 7.36 0.43
C THR A 7 -2.20 8.00 1.24
N GLN A 8 -2.56 8.65 2.35
CA GLN A 8 -1.58 9.38 3.16
C GLN A 8 -0.39 8.49 3.54
N LEU A 9 -0.67 7.25 3.93
CA LEU A 9 0.38 6.34 4.36
C LEU A 9 1.37 6.03 3.23
N PHE A 10 0.85 5.54 2.10
CA PHE A 10 1.70 5.31 0.92
C PHE A 10 2.03 6.56 0.11
N ALA A 11 1.16 7.58 0.14
CA ALA A 11 1.46 8.84 -0.57
C ALA A 11 2.76 9.46 -0.03
N ASP A 12 3.10 9.13 1.22
CA ASP A 12 4.42 9.44 1.77
C ASP A 12 5.53 8.87 0.87
N PRO A 13 6.67 9.53 0.76
CA PRO A 13 7.90 8.89 0.20
C PRO A 13 8.39 7.74 1.07
N ASN A 14 9.30 6.95 0.51
CA ASN A 14 9.65 5.59 1.00
C ASN A 14 8.71 5.03 2.09
N LEU A 15 7.54 4.53 1.68
CA LEU A 15 6.83 3.57 2.52
C LEU A 15 6.86 2.16 1.92
N ILE A 16 7.25 2.05 0.64
CA ILE A 16 7.32 0.75 -0.01
C ILE A 16 8.43 -0.12 0.61
N GLU A 17 9.49 0.50 1.12
CA GLU A 17 10.64 -0.28 1.61
C GLU A 17 10.24 -1.13 2.81
N ASN A 18 9.58 -0.52 3.78
CA ASN A 18 9.00 -1.25 4.91
C ASN A 18 8.10 -2.38 4.43
N LEU A 19 7.35 -2.09 3.36
CA LEU A 19 6.48 -3.10 2.74
C LEU A 19 7.27 -4.25 2.13
N LYS A 20 8.52 -3.99 1.73
CA LYS A 20 9.36 -5.05 1.19
C LYS A 20 9.59 -6.17 2.22
N LYS A 21 9.99 -5.80 3.44
CA LYS A 21 10.57 -6.78 4.36
C LYS A 21 9.53 -7.59 5.17
N ASN A 22 8.51 -6.94 5.75
CA ASN A 22 7.67 -7.66 6.74
C ASN A 22 6.28 -8.09 6.21
N PRO A 23 5.77 -7.51 5.15
CA PRO A 23 4.44 -7.91 4.62
C PRO A 23 4.51 -8.68 3.30
N LYS A 24 3.55 -9.57 3.10
CA LYS A 24 3.41 -10.29 1.83
C LYS A 24 3.25 -9.31 0.64
N THR A 25 2.87 -8.06 0.94
CA THR A 25 2.68 -7.04 -0.09
C THR A 25 3.97 -6.85 -0.94
N SER A 26 5.10 -7.27 -0.38
CA SER A 26 6.38 -7.12 -1.07
C SER A 26 6.44 -7.90 -2.38
N GLU A 27 5.51 -8.82 -2.59
CA GLU A 27 5.44 -9.56 -3.84
C GLU A 27 5.31 -8.59 -5.02
N MET A 28 4.35 -7.67 -4.92
CA MET A 28 4.05 -6.79 -6.05
C MET A 28 5.24 -5.87 -6.34
N MET A 29 6.02 -5.54 -5.30
CA MET A 29 7.12 -4.60 -5.49
C MET A 29 8.23 -5.21 -6.35
N LYS A 30 8.54 -6.49 -6.11
CA LYS A 30 9.75 -7.08 -6.67
C LYS A 30 9.54 -7.60 -8.09
N ASP A 31 8.29 -7.80 -8.49
CA ASP A 31 8.00 -8.27 -9.86
C ASP A 31 7.16 -7.27 -10.65
N PRO A 32 5.86 -7.22 -10.43
CA PRO A 32 4.90 -6.64 -11.43
C PRO A 32 5.09 -5.14 -11.68
N GLN A 33 4.63 -4.70 -12.85
CA GLN A 33 4.62 -3.28 -13.21
C GLN A 33 3.76 -2.45 -12.23
N LEU A 34 2.91 -3.14 -11.47
CA LEU A 34 1.90 -2.45 -10.65
C LEU A 34 2.56 -1.43 -9.71
N VAL A 35 3.86 -1.64 -9.40
CA VAL A 35 4.60 -0.71 -8.54
C VAL A 35 4.57 0.69 -9.12
N ALA A 36 5.02 0.83 -10.36
CA ALA A 36 5.13 2.15 -11.00
C ALA A 36 3.76 2.82 -11.04
N LYS A 37 2.77 2.04 -11.50
CA LYS A 37 1.41 2.55 -11.63
C LYS A 37 0.92 3.12 -10.29
N LEU A 38 1.06 2.33 -9.23
CA LEU A 38 0.60 2.72 -7.91
C LEU A 38 1.31 3.99 -7.42
N ILE A 39 2.59 4.13 -7.76
CA ILE A 39 3.39 5.23 -7.22
C ILE A 39 2.84 6.58 -7.68
N GLY A 40 2.37 6.64 -8.93
CA GLY A 40 1.70 7.85 -9.40
C GLY A 40 0.35 7.97 -8.74
N TYR A 41 -0.41 6.89 -8.80
CA TYR A 41 -1.70 6.77 -8.14
C TYR A 41 -1.59 6.93 -6.60
N LYS A 42 -0.38 6.78 -6.08
CA LYS A 42 -0.12 6.98 -4.66
C LYS A 42 -0.07 8.48 -4.30
N GLN A 43 0.68 9.24 -5.08
CA GLN A 43 1.03 10.61 -4.68
C GLN A 43 -0.16 11.58 -4.81
N ASN A 44 -0.82 11.56 -5.97
CA ASN A 44 -1.79 12.63 -6.30
C ASN A 44 -3.27 12.24 -6.02
N PRO A 45 -3.68 11.02 -6.28
CA PRO A 45 -5.13 10.67 -6.36
C PRO A 45 -5.68 9.99 -5.12
N GLN A 46 -6.30 10.77 -4.22
CA GLN A 46 -7.01 10.22 -3.05
C GLN A 46 -7.93 9.02 -3.40
N ALA A 47 -8.20 8.82 -4.70
CA ALA A 47 -9.14 7.80 -5.15
C ALA A 47 -8.72 6.38 -4.71
N ILE A 48 -7.50 6.22 -4.15
CA ILE A 48 -6.97 4.89 -3.85
C ILE A 48 -7.91 4.13 -2.90
N GLY A 49 -8.63 4.88 -2.05
CA GLY A 49 -9.47 4.27 -1.03
C GLY A 49 -10.49 3.30 -1.64
N GLN A 50 -10.87 3.56 -2.89
CA GLN A 50 -11.84 2.71 -3.59
C GLN A 50 -11.16 1.54 -4.28
N ASP A 51 -9.93 1.77 -4.74
CA ASP A 51 -9.23 0.77 -5.54
C ASP A 51 -8.73 -0.38 -4.67
N LEU A 52 -8.61 -0.16 -3.35
CA LEU A 52 -8.23 -1.27 -2.45
C LEU A 52 -9.19 -2.45 -2.64
N PHE A 53 -10.48 -2.15 -2.59
CA PHE A 53 -11.54 -3.14 -2.82
C PHE A 53 -11.29 -3.94 -4.11
N THR A 54 -10.69 -3.30 -5.11
CA THR A 54 -10.39 -3.97 -6.38
C THR A 54 -9.00 -4.60 -6.35
N ASP A 55 -8.10 -4.01 -5.57
CA ASP A 55 -6.72 -4.49 -5.47
C ASP A 55 -6.49 -5.17 -4.11
N PRO A 56 -6.34 -6.48 -4.08
CA PRO A 56 -6.35 -7.23 -2.79
C PRO A 56 -5.13 -6.90 -1.91
N ARG A 57 -3.95 -6.97 -2.49
CA ARG A 57 -2.71 -6.79 -1.72
C ARG A 57 -2.62 -5.38 -1.13
N LEU A 58 -3.11 -4.37 -1.87
CA LEU A 58 -3.07 -2.98 -1.39
C LEU A 58 -3.64 -2.89 0.03
N MET A 59 -4.65 -3.71 0.31
CA MET A 59 -5.25 -3.74 1.63
C MET A 59 -4.27 -4.28 2.68
N THR A 60 -3.53 -5.35 2.31
CA THR A 60 -2.57 -5.96 3.24
C THR A 60 -1.51 -4.94 3.66
N ILE A 61 -1.11 -4.10 2.71
CA ILE A 61 -0.22 -2.96 3.00
C ILE A 61 -0.81 -2.10 4.12
N MET A 62 -2.11 -1.81 3.98
CA MET A 62 -2.81 -0.97 4.94
C MET A 62 -2.74 -1.57 6.35
N ALA A 63 -2.92 -2.89 6.42
CA ALA A 63 -2.87 -3.62 7.69
C ALA A 63 -1.55 -3.39 8.44
N THR A 64 -0.41 -3.64 7.79
CA THR A 64 0.90 -3.46 8.43
C THR A 64 1.05 -2.03 8.99
N LEU A 65 0.72 -1.05 8.16
CA LEU A 65 0.82 0.36 8.55
C LEU A 65 -0.03 0.65 9.80
N MET A 66 -1.30 0.33 9.72
CA MET A 66 -2.26 0.63 10.78
C MET A 66 -2.06 -0.27 12.01
N GLY A 67 -1.49 -1.46 11.79
CA GLY A 67 -1.50 -2.49 12.81
C GLY A 67 -0.32 -2.33 13.78
N VAL A 68 0.56 -1.36 13.48
CA VAL A 68 1.84 -1.24 14.20
C VAL A 68 2.75 -2.44 13.95
N ASP A 69 2.45 -3.23 12.90
CA ASP A 69 3.28 -4.36 12.54
C ASP A 69 4.61 -3.90 11.95
N LEU A 70 4.58 -2.76 11.27
CA LEU A 70 5.80 -2.13 10.79
C LEU A 70 6.37 -1.17 11.84
N ASN A 71 5.72 -0.02 11.99
CA ASN A 71 6.12 0.94 13.01
C ASN A 71 4.94 1.82 13.43
N GLN A 1 -8.52 5.46 10.55
CA GLN A 1 -9.91 5.32 10.03
C GLN A 1 -10.35 3.86 10.12
N PRO A 2 -11.64 3.61 10.10
CA PRO A 2 -12.17 2.21 10.20
C PRO A 2 -11.83 1.39 8.95
N ASP A 3 -11.95 2.02 7.79
CA ASP A 3 -11.67 1.35 6.52
C ASP A 3 -10.17 1.33 6.23
N LEU A 4 -9.40 0.73 7.16
CA LEU A 4 -7.94 0.68 7.04
C LEU A 4 -7.36 2.08 6.77
N GLY A 5 -6.04 2.14 6.54
CA GLY A 5 -5.40 3.41 6.21
C GLY A 5 -5.82 3.88 4.82
N LEU A 6 -4.97 4.68 4.17
CA LEU A 6 -5.34 5.32 2.91
C LEU A 6 -4.10 5.92 2.20
N THR A 7 -4.35 6.79 1.22
CA THR A 7 -3.29 7.36 0.38
C THR A 7 -2.19 8.00 1.20
N GLN A 8 -2.55 8.65 2.30
CA GLN A 8 -1.57 9.39 3.10
C GLN A 8 -0.39 8.49 3.49
N LEU A 9 -0.69 7.26 3.91
CA LEU A 9 0.37 6.35 4.36
C LEU A 9 1.35 6.02 3.24
N PHE A 10 0.84 5.51 2.11
CA PHE A 10 1.70 5.28 0.95
C PHE A 10 2.02 6.53 0.13
N ALA A 11 1.17 7.54 0.14
CA ALA A 11 1.47 8.80 -0.58
C ALA A 11 2.78 9.42 -0.05
N ASP A 12 3.12 9.10 1.20
CA ASP A 12 4.44 9.41 1.75
C ASP A 12 5.55 8.82 0.85
N PRO A 13 6.67 9.49 0.73
CA PRO A 13 7.91 8.86 0.16
C PRO A 13 8.41 7.72 1.05
N ASN A 14 9.33 6.92 0.48
CA ASN A 14 9.69 5.58 1.00
C ASN A 14 8.75 5.04 2.09
N LEU A 15 7.57 4.54 1.70
CA LEU A 15 6.85 3.59 2.54
C LEU A 15 6.89 2.17 1.94
N ILE A 16 7.26 2.07 0.66
CA ILE A 16 7.34 0.76 0.00
C ILE A 16 8.47 -0.09 0.62
N GLU A 17 9.53 0.54 1.12
CA GLU A 17 10.68 -0.24 1.60
C GLU A 17 10.30 -1.09 2.81
N ASN A 18 9.66 -0.47 3.79
CA ASN A 18 9.09 -1.21 4.93
C ASN A 18 8.15 -2.32 4.43
N LEU A 19 7.38 -1.98 3.41
CA LEU A 19 6.48 -2.92 2.77
C LEU A 19 7.24 -4.08 2.10
N LYS A 20 8.49 -3.84 1.70
CA LYS A 20 9.30 -4.92 1.13
C LYS A 20 9.52 -6.05 2.15
N LYS A 21 9.96 -5.69 3.36
CA LYS A 21 10.52 -6.68 4.27
C LYS A 21 9.47 -7.46 5.10
N ASN A 22 8.47 -6.78 5.69
CA ASN A 22 7.63 -7.46 6.69
C ASN A 22 6.25 -7.93 6.19
N PRO A 23 5.74 -7.40 5.10
CA PRO A 23 4.42 -7.85 4.58
C PRO A 23 4.51 -8.67 3.29
N LYS A 24 3.57 -9.59 3.12
CA LYS A 24 3.47 -10.36 1.87
C LYS A 24 3.28 -9.44 0.66
N THR A 25 2.85 -8.19 0.91
CA THR A 25 2.61 -7.22 -0.15
C THR A 25 3.87 -6.98 -1.00
N SER A 26 5.03 -7.32 -0.44
CA SER A 26 6.30 -7.11 -1.12
C SER A 26 6.41 -7.90 -2.42
N GLU A 27 5.51 -8.87 -2.63
CA GLU A 27 5.48 -9.60 -3.89
C GLU A 27 5.33 -8.65 -5.08
N MET A 28 4.36 -7.75 -4.98
CA MET A 28 4.05 -6.86 -6.11
C MET A 28 5.23 -5.92 -6.36
N MET A 29 5.97 -5.58 -5.31
CA MET A 29 7.06 -4.61 -5.47
C MET A 29 8.19 -5.17 -6.34
N LYS A 30 8.52 -6.45 -6.13
CA LYS A 30 9.75 -7.00 -6.69
C LYS A 30 9.57 -7.53 -8.12
N ASP A 31 8.31 -7.77 -8.52
CA ASP A 31 8.05 -8.23 -9.88
C ASP A 31 7.19 -7.24 -10.68
N PRO A 32 5.90 -7.21 -10.47
CA PRO A 32 4.93 -6.62 -11.47
C PRO A 32 5.12 -5.12 -11.69
N GLN A 33 4.66 -4.67 -12.87
CA GLN A 33 4.66 -3.25 -13.22
C GLN A 33 3.80 -2.42 -12.24
N LEU A 34 2.93 -3.10 -11.47
CA LEU A 34 1.93 -2.42 -10.68
C LEU A 34 2.58 -1.42 -9.71
N VAL A 35 3.87 -1.64 -9.39
CA VAL A 35 4.61 -0.72 -8.52
C VAL A 35 4.60 0.70 -9.08
N ALA A 36 5.05 0.85 -10.33
CA ALA A 36 5.18 2.17 -10.95
C ALA A 36 3.81 2.83 -11.01
N LYS A 37 2.83 2.06 -11.47
CA LYS A 37 1.46 2.57 -11.61
C LYS A 37 0.96 3.14 -10.28
N LEU A 38 1.09 2.35 -9.22
CA LEU A 38 0.62 2.74 -7.90
C LEU A 38 1.33 4.01 -7.39
N ILE A 39 2.62 4.15 -7.73
CA ILE A 39 3.42 5.23 -7.19
C ILE A 39 2.88 6.58 -7.64
N GLY A 40 2.41 6.65 -8.89
CA GLY A 40 1.75 7.87 -9.37
C GLY A 40 0.39 7.99 -8.70
N TYR A 41 -0.37 6.91 -8.79
CA TYR A 41 -1.67 6.80 -8.12
C TYR A 41 -1.55 6.94 -6.60
N LYS A 42 -0.34 6.77 -6.07
CA LYS A 42 -0.09 6.97 -4.64
C LYS A 42 -0.03 8.45 -4.27
N GLN A 43 0.72 9.23 -5.04
CA GLN A 43 1.08 10.59 -4.63
C GLN A 43 -0.11 11.55 -4.74
N ASN A 44 -0.78 11.55 -5.90
CA ASN A 44 -1.74 12.62 -6.22
C ASN A 44 -3.22 12.24 -5.94
N PRO A 45 -3.63 11.03 -6.23
CA PRO A 45 -5.08 10.69 -6.32
C PRO A 45 -5.64 9.98 -5.08
N GLN A 46 -6.26 10.75 -4.18
CA GLN A 46 -6.97 10.18 -3.01
C GLN A 46 -7.90 9.00 -3.39
N ALA A 47 -8.15 8.81 -4.69
CA ALA A 47 -9.11 7.79 -5.15
C ALA A 47 -8.69 6.38 -4.73
N ILE A 48 -7.47 6.21 -4.17
CA ILE A 48 -6.96 4.87 -3.86
C ILE A 48 -7.90 4.12 -2.92
N GLY A 49 -8.61 4.88 -2.07
CA GLY A 49 -9.47 4.27 -1.05
C GLY A 49 -10.49 3.30 -1.66
N GLN A 50 -10.86 3.56 -2.92
CA GLN A 50 -11.83 2.71 -3.61
C GLN A 50 -11.14 1.53 -4.30
N ASP A 51 -9.90 1.76 -4.75
CA ASP A 51 -9.21 0.75 -5.54
C ASP A 51 -8.72 -0.39 -4.66
N LEU A 52 -8.61 -0.17 -3.34
CA LEU A 52 -8.26 -1.26 -2.42
C LEU A 52 -9.25 -2.42 -2.59
N PHE A 53 -10.55 -2.08 -2.59
CA PHE A 53 -11.62 -3.05 -2.82
C PHE A 53 -11.37 -3.88 -4.09
N THR A 54 -10.75 -3.25 -5.09
CA THR A 54 -10.44 -3.94 -6.35
C THR A 54 -9.06 -4.60 -6.29
N ASP A 55 -8.18 -4.07 -5.44
CA ASP A 55 -6.82 -4.59 -5.33
C ASP A 55 -6.63 -5.35 -4.00
N PRO A 56 -6.47 -6.66 -4.04
CA PRO A 56 -6.36 -7.48 -2.79
C PRO A 56 -5.18 -7.06 -1.92
N ARG A 57 -3.97 -7.08 -2.50
CA ARG A 57 -2.75 -6.89 -1.71
C ARG A 57 -2.67 -5.49 -1.10
N LEU A 58 -3.14 -4.46 -1.85
CA LEU A 58 -3.06 -3.07 -1.36
C LEU A 58 -3.63 -2.96 0.06
N MET A 59 -4.66 -3.75 0.34
CA MET A 59 -5.27 -3.75 1.66
C MET A 59 -4.30 -4.32 2.71
N THR A 60 -3.60 -5.40 2.36
CA THR A 60 -2.65 -6.03 3.30
C THR A 60 -1.57 -5.02 3.71
N ILE A 61 -1.15 -4.21 2.73
CA ILE A 61 -0.22 -3.10 3.00
C ILE A 61 -0.79 -2.19 4.09
N MET A 62 -2.08 -1.88 3.96
CA MET A 62 -2.76 -1.00 4.91
C MET A 62 -2.70 -1.60 6.32
N ALA A 63 -2.90 -2.90 6.42
CA ALA A 63 -2.86 -3.62 7.69
C ALA A 63 -1.54 -3.38 8.45
N THR A 64 -0.41 -3.64 7.79
CA THR A 64 0.90 -3.44 8.43
C THR A 64 1.05 -2.02 8.98
N LEU A 65 0.70 -1.04 8.15
CA LEU A 65 0.79 0.37 8.53
C LEU A 65 -0.08 0.67 9.77
N MET A 66 -1.35 0.34 9.67
CA MET A 66 -2.32 0.66 10.72
C MET A 66 -2.12 -0.22 11.97
N GLY A 67 -1.53 -1.38 11.79
CA GLY A 67 -1.50 -2.39 12.85
C GLY A 67 -0.31 -2.17 13.79
N VAL A 68 0.53 -1.18 13.46
CA VAL A 68 1.82 -1.00 14.15
C VAL A 68 2.74 -2.22 13.93
N ASP A 69 2.45 -3.01 12.90
CA ASP A 69 3.31 -4.14 12.54
C ASP A 69 4.63 -3.67 11.95
N LEU A 70 4.58 -2.55 11.24
CA LEU A 70 5.80 -1.91 10.74
C LEU A 70 6.33 -0.91 11.75
N ASN A 71 5.65 0.23 11.87
CA ASN A 71 6.04 1.26 12.83
C ASN A 71 4.83 2.11 13.22
N GLN A 1 -9.24 -3.08 11.05
CA GLN A 1 -10.41 -2.25 10.67
C GLN A 1 -10.73 -2.48 9.19
N PRO A 2 -11.97 -2.32 8.79
CA PRO A 2 -12.38 -2.51 7.36
C PRO A 2 -11.94 -1.34 6.49
N ASP A 3 -12.09 -0.12 7.01
CA ASP A 3 -11.73 1.08 6.27
C ASP A 3 -10.22 1.19 6.08
N LEU A 4 -9.47 0.63 7.03
CA LEU A 4 -8.00 0.61 6.96
C LEU A 4 -7.44 2.02 6.72
N GLY A 5 -6.12 2.12 6.51
CA GLY A 5 -5.50 3.40 6.21
C GLY A 5 -5.89 3.88 4.82
N LEU A 6 -5.01 4.67 4.18
CA LEU A 6 -5.37 5.34 2.94
C LEU A 6 -4.14 5.93 2.23
N THR A 7 -4.37 6.81 1.26
CA THR A 7 -3.31 7.36 0.42
C THR A 7 -2.21 8.00 1.24
N GLN A 8 -2.55 8.65 2.35
CA GLN A 8 -1.57 9.36 3.15
C GLN A 8 -0.39 8.46 3.54
N LEU A 9 -0.68 7.22 3.92
CA LEU A 9 0.36 6.30 4.35
C LEU A 9 1.36 5.99 3.24
N PHE A 10 0.85 5.51 2.09
CA PHE A 10 1.70 5.30 0.93
C PHE A 10 2.04 6.56 0.13
N ALA A 11 1.18 7.56 0.16
CA ALA A 11 1.49 8.83 -0.54
C ALA A 11 2.78 9.44 0.00
N ASP A 12 3.13 9.11 1.25
CA ASP A 12 4.45 9.40 1.81
C ASP A 12 5.56 8.86 0.88
N PRO A 13 6.70 9.52 0.81
CA PRO A 13 7.94 8.89 0.25
C PRO A 13 8.41 7.72 1.09
N ASN A 14 9.35 6.94 0.52
CA ASN A 14 9.68 5.57 0.98
C ASN A 14 8.76 5.01 2.08
N LEU A 15 7.59 4.50 1.68
CA LEU A 15 6.88 3.55 2.54
C LEU A 15 6.92 2.13 1.94
N ILE A 16 7.30 2.02 0.66
CA ILE A 16 7.37 0.71 0.01
C ILE A 16 8.47 -0.15 0.62
N GLU A 17 9.54 0.45 1.13
CA GLU A 17 10.68 -0.32 1.62
C GLU A 17 10.28 -1.18 2.82
N ASN A 18 9.61 -0.56 3.79
CA ASN A 18 9.04 -1.30 4.92
C ASN A 18 8.13 -2.42 4.44
N LEU A 19 7.38 -2.13 3.37
CA LEU A 19 6.51 -3.12 2.75
C LEU A 19 7.30 -4.27 2.13
N LYS A 20 8.55 -4.02 1.75
CA LYS A 20 9.39 -5.08 1.21
C LYS A 20 9.60 -6.21 2.23
N LYS A 21 10.01 -5.84 3.46
CA LYS A 21 10.57 -6.84 4.38
C LYS A 21 9.53 -7.64 5.17
N ASN A 22 8.51 -6.98 5.76
CA ASN A 22 7.66 -7.70 6.74
C ASN A 22 6.27 -8.12 6.21
N PRO A 23 5.77 -7.54 5.15
CA PRO A 23 4.44 -7.93 4.60
C PRO A 23 4.53 -8.69 3.28
N LYS A 24 3.56 -9.58 3.07
CA LYS A 24 3.43 -10.29 1.79
C LYS A 24 3.28 -9.31 0.61
N THR A 25 2.89 -8.07 0.91
CA THR A 25 2.71 -7.03 -0.12
C THR A 25 3.99 -6.85 -0.97
N SER A 26 5.13 -7.27 -0.40
CA SER A 26 6.42 -7.11 -1.08
C SER A 26 6.49 -7.87 -2.40
N GLU A 27 5.58 -8.82 -2.60
CA GLU A 27 5.56 -9.57 -3.86
C GLU A 27 5.40 -8.63 -5.04
N MET A 28 4.43 -7.72 -4.95
CA MET A 28 4.11 -6.85 -6.06
C MET A 28 5.27 -5.90 -6.35
N MET A 29 6.04 -5.54 -5.31
CA MET A 29 7.12 -4.58 -5.49
C MET A 29 8.24 -5.15 -6.36
N LYS A 30 8.57 -6.43 -6.13
CA LYS A 30 9.80 -7.00 -6.70
C LYS A 30 9.60 -7.53 -8.12
N ASP A 31 8.35 -7.75 -8.53
CA ASP A 31 8.07 -8.23 -9.88
C ASP A 31 7.20 -7.23 -10.68
N PRO A 32 5.91 -7.20 -10.45
CA PRO A 32 4.94 -6.63 -11.43
C PRO A 32 5.11 -5.13 -11.68
N GLN A 33 4.64 -4.68 -12.85
CA GLN A 33 4.62 -3.26 -13.20
C GLN A 33 3.77 -2.45 -12.21
N LEU A 34 2.92 -3.13 -11.43
CA LEU A 34 1.93 -2.45 -10.60
C LEU A 34 2.58 -1.44 -9.66
N VAL A 35 3.87 -1.64 -9.37
CA VAL A 35 4.62 -0.71 -8.52
C VAL A 35 4.59 0.70 -9.09
N ALA A 36 5.04 0.84 -10.34
CA ALA A 36 5.14 2.16 -10.97
C ALA A 36 3.77 2.81 -11.02
N LYS A 37 2.79 2.04 -11.48
CA LYS A 37 1.42 2.54 -11.63
C LYS A 37 0.92 3.12 -10.30
N LEU A 38 1.06 2.33 -9.23
CA LEU A 38 0.59 2.73 -7.90
C LEU A 38 1.29 4.00 -7.42
N ILE A 39 2.58 4.13 -7.74
CA ILE A 39 3.38 5.22 -7.20
C ILE A 39 2.83 6.58 -7.68
N GLY A 40 2.37 6.63 -8.92
CA GLY A 40 1.71 7.84 -9.41
C GLY A 40 0.35 7.98 -8.75
N TYR A 41 -0.42 6.89 -8.82
CA TYR A 41 -1.73 6.80 -8.17
C TYR A 41 -1.61 6.96 -6.64
N LYS A 42 -0.41 6.81 -6.11
CA LYS A 42 -0.15 7.03 -4.68
C LYS A 42 -0.10 8.52 -4.34
N GLN A 43 0.66 9.28 -5.13
CA GLN A 43 1.01 10.65 -4.75
C GLN A 43 -0.18 11.61 -4.88
N ASN A 44 -0.84 11.59 -6.03
CA ASN A 44 -1.83 12.63 -6.36
C ASN A 44 -3.30 12.26 -6.07
N PRO A 45 -3.70 11.03 -6.33
CA PRO A 45 -5.16 10.68 -6.39
C PRO A 45 -5.69 9.98 -5.13
N GLN A 46 -6.30 10.77 -4.25
CA GLN A 46 -7.00 10.22 -3.06
C GLN A 46 -7.93 9.02 -3.40
N ALA A 47 -8.20 8.82 -4.70
CA ALA A 47 -9.14 7.80 -5.15
C ALA A 47 -8.72 6.38 -4.71
N ILE A 48 -7.50 6.22 -4.15
CA ILE A 48 -6.98 4.89 -3.85
C ILE A 48 -7.91 4.15 -2.88
N GLY A 49 -8.62 4.90 -2.03
CA GLY A 49 -9.46 4.31 -0.99
C GLY A 49 -10.49 3.34 -1.59
N GLN A 50 -10.88 3.60 -2.84
CA GLN A 50 -11.87 2.76 -3.52
C GLN A 50 -11.20 1.58 -4.23
N ASP A 51 -9.97 1.79 -4.69
CA ASP A 51 -9.28 0.78 -5.49
C ASP A 51 -8.79 -0.37 -4.63
N LEU A 52 -8.65 -0.15 -3.32
CA LEU A 52 -8.28 -1.25 -2.41
C LEU A 52 -9.26 -2.43 -2.58
N PHE A 53 -10.55 -2.09 -2.56
CA PHE A 53 -11.62 -3.07 -2.77
C PHE A 53 -11.38 -3.91 -4.04
N THR A 54 -10.80 -3.29 -5.05
CA THR A 54 -10.50 -3.99 -6.31
C THR A 54 -9.09 -4.61 -6.27
N ASP A 55 -8.22 -4.04 -5.44
CA ASP A 55 -6.83 -4.50 -5.35
C ASP A 55 -6.59 -5.24 -4.03
N PRO A 56 -6.38 -6.54 -4.06
CA PRO A 56 -6.30 -7.35 -2.80
C PRO A 56 -5.10 -6.97 -1.94
N ARG A 57 -3.90 -7.01 -2.52
CA ARG A 57 -2.67 -6.81 -1.74
C ARG A 57 -2.59 -5.39 -1.16
N LEU A 58 -3.09 -4.39 -1.89
CA LEU A 58 -3.04 -3.00 -1.41
C LEU A 58 -3.61 -2.90 0.01
N MET A 59 -4.62 -3.72 0.29
CA MET A 59 -5.22 -3.75 1.62
C MET A 59 -4.24 -4.30 2.66
N THR A 60 -3.50 -5.35 2.29
CA THR A 60 -2.54 -5.97 3.22
C THR A 60 -1.47 -4.96 3.64
N ILE A 61 -1.08 -4.11 2.69
CA ILE A 61 -0.18 -2.98 2.98
C ILE A 61 -0.78 -2.11 4.11
N MET A 62 -2.07 -1.83 3.97
CA MET A 62 -2.77 -1.00 4.93
C MET A 62 -2.72 -1.59 6.33
N ALA A 63 -2.90 -2.92 6.41
CA ALA A 63 -2.84 -3.64 7.68
C ALA A 63 -1.54 -3.40 8.44
N THR A 64 -0.39 -3.65 7.80
CA THR A 64 0.91 -3.44 8.44
C THR A 64 1.03 -2.00 8.98
N LEU A 65 0.66 -1.04 8.14
CA LEU A 65 0.74 0.38 8.51
C LEU A 65 -0.13 0.69 9.73
N MET A 66 -1.42 0.36 9.62
CA MET A 66 -2.39 0.67 10.67
C MET A 66 -2.21 -0.20 11.92
N GLY A 67 -1.62 -1.37 11.74
CA GLY A 67 -1.60 -2.38 12.80
C GLY A 67 -0.42 -2.16 13.75
N VAL A 68 0.43 -1.17 13.44
CA VAL A 68 1.70 -0.99 14.14
C VAL A 68 2.66 -2.16 13.88
N ASP A 69 2.35 -2.98 12.86
CA ASP A 69 3.21 -4.10 12.47
C ASP A 69 3.47 -5.04 13.64
N LEU A 70 2.48 -5.18 14.51
CA LEU A 70 2.57 -6.09 15.65
C LEU A 70 2.18 -7.51 15.24
N ASN A 71 1.06 -7.60 14.51
CA ASN A 71 0.55 -8.90 14.07
C ASN A 71 1.24 -9.34 12.79
N GLN A 1 -7.25 -2.58 15.57
CA GLN A 1 -7.31 -2.27 14.11
C GLN A 1 -8.76 -1.96 13.72
N PRO A 2 -9.17 -0.70 13.78
CA PRO A 2 -10.56 -0.32 13.40
C PRO A 2 -10.82 -0.48 11.91
N ASP A 3 -9.93 0.09 11.09
CA ASP A 3 -10.06 0.00 9.63
C ASP A 3 -8.72 0.18 8.95
N LEU A 4 -8.72 0.04 7.63
CA LEU A 4 -7.48 0.11 6.86
C LEU A 4 -7.07 1.58 6.65
N GLY A 5 -5.75 1.80 6.53
CA GLY A 5 -5.23 3.14 6.28
C GLY A 5 -5.70 3.68 4.94
N LEU A 6 -4.88 4.51 4.29
CA LEU A 6 -5.30 5.19 3.08
C LEU A 6 -4.11 5.83 2.33
N THR A 7 -4.41 6.71 1.37
CA THR A 7 -3.41 7.29 0.48
C THR A 7 -2.27 7.93 1.25
N GLN A 8 -2.60 8.60 2.36
CA GLN A 8 -1.58 9.34 3.12
C GLN A 8 -0.38 8.46 3.48
N LEU A 9 -0.66 7.22 3.90
CA LEU A 9 0.40 6.32 4.33
C LEU A 9 1.40 6.02 3.21
N PHE A 10 0.89 5.51 2.09
CA PHE A 10 1.75 5.29 0.92
C PHE A 10 2.05 6.55 0.11
N ALA A 11 1.17 7.54 0.13
CA ALA A 11 1.44 8.80 -0.57
C ALA A 11 2.74 9.44 -0.06
N ASP A 12 3.10 9.11 1.19
CA ASP A 12 4.42 9.44 1.73
C ASP A 12 5.53 8.88 0.82
N PRO A 13 6.66 9.54 0.73
CA PRO A 13 7.90 8.90 0.17
C PRO A 13 8.38 7.74 1.03
N ASN A 14 9.30 6.95 0.46
CA ASN A 14 9.66 5.59 0.95
C ASN A 14 8.73 5.03 2.05
N LEU A 15 7.56 4.53 1.65
CA LEU A 15 6.83 3.59 2.50
C LEU A 15 6.88 2.17 1.92
N ILE A 16 7.26 2.04 0.64
CA ILE A 16 7.37 0.72 0.03
C ILE A 16 8.49 -0.10 0.65
N GLU A 17 9.54 0.54 1.16
CA GLU A 17 10.71 -0.21 1.63
C GLU A 17 10.35 -1.08 2.84
N ASN A 18 9.68 -0.47 3.82
CA ASN A 18 9.13 -1.22 4.95
C ASN A 18 8.19 -2.33 4.46
N LEU A 19 7.41 -1.98 3.43
CA LEU A 19 6.51 -2.93 2.80
C LEU A 19 7.26 -4.09 2.13
N LYS A 20 8.52 -3.87 1.74
CA LYS A 20 9.33 -4.96 1.18
C LYS A 20 9.51 -6.09 2.21
N LYS A 21 9.93 -5.72 3.43
CA LYS A 21 10.47 -6.72 4.35
C LYS A 21 9.41 -7.49 5.16
N ASN A 22 8.41 -6.81 5.74
CA ASN A 22 7.55 -7.50 6.73
C ASN A 22 6.17 -7.94 6.20
N PRO A 23 5.68 -7.41 5.10
CA PRO A 23 4.37 -7.84 4.56
C PRO A 23 4.49 -8.68 3.28
N LYS A 24 3.53 -9.58 3.09
CA LYS A 24 3.44 -10.35 1.84
C LYS A 24 3.26 -9.42 0.63
N THR A 25 2.84 -8.19 0.89
CA THR A 25 2.62 -7.20 -0.18
C THR A 25 3.88 -6.98 -1.01
N SER A 26 5.04 -7.31 -0.45
CA SER A 26 6.32 -7.09 -1.12
C SER A 26 6.45 -7.89 -2.42
N GLU A 27 5.57 -8.88 -2.63
CA GLU A 27 5.58 -9.63 -3.87
C GLU A 27 5.42 -8.70 -5.07
N MET A 28 4.43 -7.80 -4.98
CA MET A 28 4.12 -6.93 -6.11
C MET A 28 5.27 -5.98 -6.37
N MET A 29 6.02 -5.61 -5.33
CA MET A 29 7.09 -4.63 -5.49
C MET A 29 8.23 -5.18 -6.36
N LYS A 30 8.57 -6.46 -6.15
CA LYS A 30 9.81 -7.00 -6.71
C LYS A 30 9.63 -7.54 -8.14
N ASP A 31 8.37 -7.78 -8.54
CA ASP A 31 8.10 -8.26 -9.89
C ASP A 31 7.23 -7.26 -10.69
N PRO A 32 5.94 -7.24 -10.47
CA PRO A 32 4.98 -6.66 -11.46
C PRO A 32 5.15 -5.16 -11.69
N GLN A 33 4.68 -4.71 -12.86
CA GLN A 33 4.65 -3.28 -13.21
C GLN A 33 3.80 -2.48 -12.21
N LEU A 34 2.96 -3.17 -11.44
CA LEU A 34 1.95 -2.50 -10.62
C LEU A 34 2.61 -1.48 -9.68
N VAL A 35 3.90 -1.68 -9.37
CA VAL A 35 4.64 -0.75 -8.51
C VAL A 35 4.61 0.67 -9.09
N ALA A 36 5.05 0.80 -10.33
CA ALA A 36 5.15 2.13 -10.96
C ALA A 36 3.78 2.78 -11.02
N LYS A 37 2.80 2.00 -11.48
CA LYS A 37 1.43 2.50 -11.61
C LYS A 37 0.93 3.07 -10.28
N LEU A 38 1.07 2.28 -9.21
CA LEU A 38 0.60 2.67 -7.89
C LEU A 38 1.31 3.95 -7.41
N ILE A 39 2.59 4.08 -7.72
CA ILE A 39 3.39 5.18 -7.18
C ILE A 39 2.83 6.53 -7.63
N GLY A 40 2.37 6.60 -8.88
CA GLY A 40 1.71 7.81 -9.36
C GLY A 40 0.35 7.94 -8.70
N TYR A 41 -0.40 6.84 -8.76
CA TYR A 41 -1.71 6.76 -8.10
C TYR A 41 -1.60 6.91 -6.57
N LYS A 42 -0.38 6.76 -6.04
CA LYS A 42 -0.14 6.96 -4.61
C LYS A 42 -0.09 8.46 -4.26
N GLN A 43 0.67 9.22 -5.04
CA GLN A 43 1.03 10.58 -4.64
C GLN A 43 -0.15 11.56 -4.77
N ASN A 44 -0.81 11.55 -5.94
CA ASN A 44 -1.77 12.62 -6.28
C ASN A 44 -3.24 12.24 -6.01
N PRO A 45 -3.67 11.03 -6.27
CA PRO A 45 -5.13 10.71 -6.36
C PRO A 45 -5.69 10.03 -5.11
N GLN A 46 -6.32 10.82 -4.23
CA GLN A 46 -7.02 10.29 -3.06
C GLN A 46 -7.95 9.10 -3.40
N ALA A 47 -8.21 8.87 -4.68
CA ALA A 47 -9.15 7.84 -5.12
C ALA A 47 -8.73 6.43 -4.66
N ILE A 48 -7.51 6.28 -4.11
CA ILE A 48 -6.98 4.95 -3.80
C ILE A 48 -7.92 4.20 -2.84
N GLY A 49 -8.65 4.95 -2.01
CA GLY A 49 -9.51 4.34 -0.99
C GLY A 49 -10.50 3.35 -1.60
N GLN A 50 -10.89 3.61 -2.85
CA GLN A 50 -11.86 2.75 -3.54
C GLN A 50 -11.19 1.58 -4.24
N ASP A 51 -9.95 1.81 -4.70
CA ASP A 51 -9.27 0.81 -5.50
C ASP A 51 -8.75 -0.35 -4.63
N LEU A 52 -8.62 -0.13 -3.32
CA LEU A 52 -8.24 -1.22 -2.42
C LEU A 52 -9.22 -2.40 -2.61
N PHE A 53 -10.51 -2.08 -2.61
CA PHE A 53 -11.57 -3.06 -2.85
C PHE A 53 -11.32 -3.89 -4.12
N THR A 54 -10.73 -3.24 -5.12
CA THR A 54 -10.42 -3.94 -6.38
C THR A 54 -9.01 -4.57 -6.34
N ASP A 55 -8.13 -4.00 -5.49
CA ASP A 55 -6.76 -4.48 -5.39
C ASP A 55 -6.54 -5.22 -4.07
N PRO A 56 -6.35 -6.52 -4.10
CA PRO A 56 -6.31 -7.34 -2.85
C PRO A 56 -5.11 -6.96 -1.96
N ARG A 57 -3.91 -7.00 -2.53
CA ARG A 57 -2.69 -6.79 -1.74
C ARG A 57 -2.62 -5.39 -1.15
N LEU A 58 -3.11 -4.37 -1.88
CA LEU A 58 -3.07 -2.98 -1.39
C LEU A 58 -3.64 -2.90 0.04
N MET A 59 -4.67 -3.71 0.29
CA MET A 59 -5.28 -3.75 1.61
C MET A 59 -4.32 -4.30 2.66
N THR A 60 -3.60 -5.38 2.31
CA THR A 60 -2.67 -6.00 3.26
C THR A 60 -1.59 -5.00 3.68
N ILE A 61 -1.16 -4.18 2.72
CA ILE A 61 -0.23 -3.07 2.98
C ILE A 61 -0.80 -2.16 4.06
N MET A 62 -2.09 -1.86 3.93
CA MET A 62 -2.79 -0.98 4.86
C MET A 62 -2.74 -1.56 6.28
N ALA A 63 -2.95 -2.86 6.38
CA ALA A 63 -2.91 -3.58 7.67
C ALA A 63 -1.59 -3.35 8.43
N THR A 64 -0.46 -3.63 7.76
CA THR A 64 0.86 -3.47 8.40
C THR A 64 1.03 -2.05 8.96
N LEU A 65 0.71 -1.06 8.13
CA LEU A 65 0.83 0.35 8.52
C LEU A 65 -0.02 0.65 9.78
N MET A 66 -1.30 0.34 9.69
CA MET A 66 -2.24 0.65 10.76
C MET A 66 -2.05 -0.24 12.00
N GLY A 67 -1.48 -1.43 11.79
CA GLY A 67 -1.46 -2.45 12.82
C GLY A 67 -0.29 -2.26 13.78
N VAL A 68 0.59 -1.29 13.46
CA VAL A 68 1.88 -1.15 14.16
C VAL A 68 2.78 -2.37 13.93
N ASP A 69 2.48 -3.15 12.88
CA ASP A 69 3.30 -4.31 12.53
C ASP A 69 4.61 -3.89 11.89
N LEU A 70 4.67 -2.67 11.38
CA LEU A 70 5.92 -2.12 10.85
C LEU A 70 6.68 -1.37 11.95
N ASN A 71 6.24 -0.13 12.24
CA ASN A 71 6.83 0.63 13.34
C ASN A 71 6.08 0.36 14.64
N GLN A 1 -13.34 3.19 14.71
CA GLN A 1 -12.35 2.17 15.19
C GLN A 1 -11.29 1.95 14.12
N PRO A 2 -10.06 1.64 14.51
CA PRO A 2 -8.95 1.47 13.54
C PRO A 2 -9.00 0.10 12.84
N ASP A 3 -8.64 0.09 11.55
CA ASP A 3 -8.65 -1.14 10.78
C ASP A 3 -7.73 -1.05 9.57
N LEU A 4 -7.83 0.07 8.85
CA LEU A 4 -7.03 0.27 7.65
C LEU A 4 -6.84 1.77 7.40
N GLY A 5 -5.72 2.12 6.77
CA GLY A 5 -5.41 3.53 6.51
C GLY A 5 -5.85 3.92 5.11
N LEU A 6 -5.01 4.68 4.40
CA LEU A 6 -5.41 5.28 3.13
C LEU A 6 -4.21 5.89 2.38
N THR A 7 -4.49 6.74 1.40
CA THR A 7 -3.46 7.33 0.53
C THR A 7 -2.35 7.98 1.33
N GLN A 8 -2.69 8.61 2.45
CA GLN A 8 -1.70 9.34 3.24
C GLN A 8 -0.51 8.46 3.62
N LEU A 9 -0.78 7.22 4.05
CA LEU A 9 0.30 6.33 4.49
C LEU A 9 1.29 6.04 3.37
N PHE A 10 0.79 5.53 2.23
CA PHE A 10 1.65 5.31 1.07
C PHE A 10 1.97 6.57 0.26
N ALA A 11 1.09 7.57 0.28
CA ALA A 11 1.39 8.85 -0.40
C ALA A 11 2.69 9.45 0.13
N ASP A 12 3.04 9.09 1.38
CA ASP A 12 4.38 9.36 1.92
C ASP A 12 5.47 8.82 0.97
N PRO A 13 6.59 9.51 0.86
CA PRO A 13 7.82 8.90 0.26
C PRO A 13 8.34 7.75 1.11
N ASN A 14 9.26 6.96 0.53
CA ASN A 14 9.61 5.61 1.01
C ASN A 14 8.68 5.04 2.09
N LEU A 15 7.51 4.54 1.70
CA LEU A 15 6.80 3.58 2.54
C LEU A 15 6.83 2.17 1.92
N ILE A 16 7.19 2.08 0.62
CA ILE A 16 7.25 0.78 -0.04
C ILE A 16 8.37 -0.08 0.55
N GLU A 17 9.45 0.52 1.04
CA GLU A 17 10.60 -0.25 1.50
C GLU A 17 10.24 -1.12 2.70
N ASN A 18 9.59 -0.51 3.69
CA ASN A 18 9.06 -1.24 4.84
C ASN A 18 8.13 -2.38 4.37
N LEU A 19 7.36 -2.08 3.34
CA LEU A 19 6.48 -3.08 2.73
C LEU A 19 7.26 -4.22 2.09
N LYS A 20 8.50 -3.96 1.67
CA LYS A 20 9.34 -5.03 1.12
C LYS A 20 9.58 -6.15 2.15
N LYS A 21 9.98 -5.76 3.37
CA LYS A 21 10.57 -6.75 4.29
C LYS A 21 9.53 -7.57 5.11
N ASN A 22 8.51 -6.92 5.69
CA ASN A 22 7.68 -7.64 6.68
C ASN A 22 6.29 -8.08 6.18
N PRO A 23 5.77 -7.50 5.12
CA PRO A 23 4.44 -7.90 4.59
C PRO A 23 4.51 -8.67 3.27
N LYS A 24 3.53 -9.57 3.07
CA LYS A 24 3.40 -10.29 1.80
C LYS A 24 3.24 -9.31 0.62
N THR A 25 2.85 -8.07 0.91
CA THR A 25 2.66 -7.05 -0.13
C THR A 25 3.93 -6.87 -0.98
N SER A 26 5.08 -7.26 -0.42
CA SER A 26 6.36 -7.08 -1.10
C SER A 26 6.44 -7.85 -2.41
N GLU A 27 5.55 -8.82 -2.61
CA GLU A 27 5.53 -9.58 -3.86
C GLU A 27 5.35 -8.63 -5.05
N MET A 28 4.37 -7.74 -4.95
CA MET A 28 4.05 -6.87 -6.08
C MET A 28 5.18 -5.90 -6.34
N MET A 29 5.95 -5.55 -5.30
CA MET A 29 7.02 -4.56 -5.47
C MET A 29 8.15 -5.12 -6.34
N LYS A 30 8.51 -6.38 -6.11
CA LYS A 30 9.76 -6.92 -6.66
C LYS A 30 9.57 -7.48 -8.08
N ASP A 31 8.33 -7.74 -8.48
CA ASP A 31 8.07 -8.24 -9.83
C ASP A 31 7.22 -7.26 -10.65
N PRO A 32 5.93 -7.22 -10.45
CA PRO A 32 4.98 -6.65 -11.46
C PRO A 32 5.16 -5.16 -11.72
N GLN A 33 4.72 -4.73 -12.91
CA GLN A 33 4.71 -3.31 -13.28
C GLN A 33 3.84 -2.47 -12.33
N LEU A 34 2.97 -3.15 -11.58
CA LEU A 34 1.94 -2.45 -10.79
C LEU A 34 2.58 -1.43 -9.85
N VAL A 35 3.86 -1.63 -9.51
CA VAL A 35 4.58 -0.69 -8.63
C VAL A 35 4.59 0.71 -9.23
N ALA A 36 5.09 0.81 -10.47
CA ALA A 36 5.26 2.12 -11.12
C ALA A 36 3.90 2.80 -11.24
N LYS A 37 2.94 2.05 -11.77
CA LYS A 37 1.58 2.56 -11.96
C LYS A 37 1.03 3.11 -10.64
N LEU A 38 1.12 2.30 -9.59
CA LEU A 38 0.64 2.70 -8.27
C LEU A 38 1.34 3.97 -7.78
N ILE A 39 2.65 4.07 -8.03
CA ILE A 39 3.45 5.13 -7.43
C ILE A 39 2.92 6.51 -7.84
N GLY A 40 2.43 6.62 -9.08
CA GLY A 40 1.74 7.83 -9.50
C GLY A 40 0.41 7.92 -8.75
N TYR A 41 -0.30 6.79 -8.75
CA TYR A 41 -1.57 6.66 -8.05
C TYR A 41 -1.43 6.85 -6.53
N LYS A 42 -0.22 6.70 -6.00
CA LYS A 42 0.04 6.97 -4.58
C LYS A 42 -0.03 8.48 -4.29
N GLN A 43 0.74 9.24 -5.07
CA GLN A 43 1.05 10.63 -4.70
C GLN A 43 -0.14 11.57 -4.87
N ASN A 44 -0.78 11.53 -6.04
CA ASN A 44 -1.73 12.57 -6.42
C ASN A 44 -3.21 12.21 -6.14
N PRO A 45 -3.62 10.97 -6.36
CA PRO A 45 -5.07 10.63 -6.45
C PRO A 45 -5.63 9.99 -5.18
N GLN A 46 -6.26 10.80 -4.33
CA GLN A 46 -7.01 10.29 -3.16
C GLN A 46 -7.93 9.09 -3.50
N ALA A 47 -8.15 8.85 -4.80
CA ALA A 47 -9.07 7.80 -5.25
C ALA A 47 -8.64 6.40 -4.76
N ILE A 48 -7.44 6.26 -4.16
CA ILE A 48 -6.92 4.94 -3.82
C ILE A 48 -7.88 4.21 -2.87
N GLY A 49 -8.63 4.97 -2.07
CA GLY A 49 -9.51 4.39 -1.07
C GLY A 49 -10.50 3.39 -1.69
N GLN A 50 -10.86 3.63 -2.96
CA GLN A 50 -11.82 2.78 -3.65
C GLN A 50 -11.14 1.59 -4.31
N ASP A 51 -9.89 1.79 -4.73
CA ASP A 51 -9.20 0.76 -5.50
C ASP A 51 -8.72 -0.39 -4.61
N LEU A 52 -8.62 -0.16 -3.29
CA LEU A 52 -8.29 -1.25 -2.37
C LEU A 52 -9.29 -2.40 -2.55
N PHE A 53 -10.57 -2.02 -2.67
CA PHE A 53 -11.65 -2.97 -2.94
C PHE A 53 -11.36 -3.84 -4.16
N THR A 54 -10.72 -3.24 -5.17
CA THR A 54 -10.37 -3.96 -6.40
C THR A 54 -8.98 -4.61 -6.29
N ASP A 55 -8.13 -4.05 -5.44
CA ASP A 55 -6.76 -4.53 -5.29
C ASP A 55 -6.59 -5.25 -3.94
N PRO A 56 -6.37 -6.56 -3.95
CA PRO A 56 -6.32 -7.34 -2.68
C PRO A 56 -5.12 -6.97 -1.81
N ARG A 57 -3.92 -7.01 -2.40
CA ARG A 57 -2.69 -6.81 -1.63
C ARG A 57 -2.60 -5.40 -1.04
N LEU A 58 -3.08 -4.39 -1.79
CA LEU A 58 -3.03 -3.00 -1.31
C LEU A 58 -3.62 -2.89 0.11
N MET A 59 -4.64 -3.71 0.38
CA MET A 59 -5.25 -3.71 1.70
C MET A 59 -4.27 -4.28 2.75
N THR A 60 -3.54 -5.33 2.40
CA THR A 60 -2.59 -5.95 3.33
C THR A 60 -1.53 -4.93 3.76
N ILE A 61 -1.13 -4.07 2.82
CA ILE A 61 -0.25 -2.94 3.13
C ILE A 61 -0.86 -2.07 4.23
N MET A 62 -2.15 -1.80 4.09
CA MET A 62 -2.87 -0.98 5.08
C MET A 62 -2.77 -1.60 6.47
N ALA A 63 -2.92 -2.92 6.53
CA ALA A 63 -2.85 -3.66 7.80
C ALA A 63 -1.53 -3.42 8.53
N THR A 64 -0.39 -3.68 7.87
CA THR A 64 0.92 -3.48 8.51
C THR A 64 1.07 -2.07 9.07
N LEU A 65 0.72 -1.09 8.25
CA LEU A 65 0.80 0.32 8.65
C LEU A 65 -0.04 0.60 9.91
N MET A 66 -1.31 0.27 9.82
CA MET A 66 -2.26 0.55 10.91
C MET A 66 -2.05 -0.35 12.12
N GLY A 67 -1.46 -1.52 11.91
CA GLY A 67 -1.43 -2.56 12.94
C GLY A 67 -0.27 -2.34 13.90
N VAL A 68 0.59 -1.35 13.58
CA VAL A 68 1.86 -1.17 14.30
C VAL A 68 2.84 -2.33 14.04
N ASP A 69 2.52 -3.19 13.05
CA ASP A 69 3.40 -4.29 12.66
C ASP A 69 3.76 -5.17 13.88
N LEU A 70 2.73 -5.54 14.65
CA LEU A 70 2.93 -6.36 15.84
C LEU A 70 2.96 -7.85 15.42
N ASN A 71 2.31 -8.73 16.20
CA ASN A 71 2.32 -10.16 15.90
C ASN A 71 1.04 -10.82 16.41
N GLN A 1 -17.02 -4.65 6.60
CA GLN A 1 -16.21 -3.63 5.89
C GLN A 1 -14.73 -3.81 6.27
N PRO A 2 -13.82 -3.44 5.38
CA PRO A 2 -12.36 -3.59 5.65
C PRO A 2 -11.87 -2.59 6.70
N ASP A 3 -12.25 -1.32 6.54
CA ASP A 3 -11.86 -0.27 7.48
C ASP A 3 -10.34 -0.22 7.66
N LEU A 4 -9.71 0.71 6.94
CA LEU A 4 -8.25 0.82 6.97
C LEU A 4 -7.84 2.26 6.66
N GLY A 5 -6.53 2.53 6.73
CA GLY A 5 -5.99 3.86 6.40
C GLY A 5 -6.29 4.22 4.95
N LEU A 6 -5.34 4.92 4.31
CA LEU A 6 -5.60 5.52 2.99
C LEU A 6 -4.30 6.03 2.34
N THR A 7 -4.45 6.89 1.32
CA THR A 7 -3.31 7.38 0.54
C THR A 7 -2.21 7.96 1.42
N GLN A 8 -2.60 8.62 2.51
CA GLN A 8 -1.61 9.27 3.39
C GLN A 8 -0.51 8.29 3.83
N LEU A 9 -0.90 7.07 4.18
CA LEU A 9 0.05 6.07 4.68
C LEU A 9 1.13 5.74 3.64
N PHE A 10 0.70 5.32 2.45
CA PHE A 10 1.63 5.14 1.34
C PHE A 10 2.04 6.41 0.62
N ALA A 11 1.20 7.44 0.63
CA ALA A 11 1.57 8.72 0.00
C ALA A 11 2.84 9.31 0.64
N ASP A 12 3.09 8.95 1.91
CA ASP A 12 4.35 9.30 2.59
C ASP A 12 5.55 8.97 1.68
N PRO A 13 6.54 9.85 1.58
CA PRO A 13 7.59 9.72 0.54
C PRO A 13 8.43 8.46 0.75
N ASN A 14 8.00 7.39 0.09
CA ASN A 14 8.68 6.11 0.10
C ASN A 14 8.31 5.33 1.35
N LEU A 15 7.20 4.60 1.27
CA LEU A 15 6.82 3.62 2.29
C LEU A 15 7.02 2.19 1.74
N ILE A 16 7.19 2.06 0.41
CA ILE A 16 7.23 0.75 -0.22
C ILE A 16 8.42 -0.08 0.29
N GLU A 17 9.50 0.56 0.71
CA GLU A 17 10.69 -0.17 1.14
C GLU A 17 10.38 -1.01 2.39
N ASN A 18 9.77 -0.37 3.38
CA ASN A 18 9.27 -1.08 4.56
C ASN A 18 8.30 -2.20 4.14
N LEU A 19 7.51 -1.93 3.11
CA LEU A 19 6.60 -2.92 2.56
C LEU A 19 7.35 -4.10 1.94
N LYS A 20 8.58 -3.88 1.49
CA LYS A 20 9.40 -4.98 0.95
C LYS A 20 9.62 -6.07 2.00
N LYS A 21 10.07 -5.66 3.19
CA LYS A 21 10.65 -6.62 4.14
C LYS A 21 9.62 -7.40 4.99
N ASN A 22 8.63 -6.71 5.59
CA ASN A 22 7.79 -7.39 6.60
C ASN A 22 6.40 -7.83 6.12
N PRO A 23 5.86 -7.30 5.05
CA PRO A 23 4.51 -7.70 4.57
C PRO A 23 4.54 -8.53 3.29
N LYS A 24 3.56 -9.42 3.15
CA LYS A 24 3.40 -10.20 1.92
C LYS A 24 3.23 -9.30 0.69
N THR A 25 2.84 -8.03 0.93
CA THR A 25 2.64 -7.06 -0.15
C THR A 25 3.91 -6.89 -1.00
N SER A 26 5.06 -7.27 -0.44
CA SER A 26 6.34 -7.12 -1.13
C SER A 26 6.41 -7.93 -2.42
N GLU A 27 5.50 -8.90 -2.60
CA GLU A 27 5.50 -9.69 -3.83
C GLU A 27 5.33 -8.78 -5.04
N MET A 28 4.34 -7.89 -4.98
CA MET A 28 4.04 -7.04 -6.12
C MET A 28 5.21 -6.09 -6.40
N MET A 29 5.96 -5.73 -5.36
CA MET A 29 7.06 -4.78 -5.54
C MET A 29 8.20 -5.39 -6.35
N LYS A 30 8.50 -6.67 -6.11
CA LYS A 30 9.72 -7.28 -6.63
C LYS A 30 9.56 -7.79 -8.06
N ASP A 31 8.31 -7.95 -8.51
CA ASP A 31 8.06 -8.40 -9.88
C ASP A 31 7.22 -7.38 -10.67
N PRO A 32 5.92 -7.35 -10.48
CA PRO A 32 4.97 -6.77 -11.49
C PRO A 32 5.15 -5.27 -11.73
N GLN A 33 4.71 -4.82 -12.91
CA GLN A 33 4.70 -3.40 -13.27
C GLN A 33 3.84 -2.57 -12.31
N LEU A 34 2.96 -3.26 -11.56
CA LEU A 34 1.94 -2.56 -10.76
C LEU A 34 2.58 -1.54 -9.81
N VAL A 35 3.87 -1.75 -9.48
CA VAL A 35 4.59 -0.84 -8.59
C VAL A 35 4.59 0.58 -9.16
N ALA A 36 5.08 0.72 -10.40
CA ALA A 36 5.22 2.04 -11.01
C ALA A 36 3.85 2.73 -11.08
N LYS A 37 2.86 1.95 -11.54
CA LYS A 37 1.50 2.48 -11.68
C LYS A 37 1.00 3.05 -10.35
N LEU A 38 1.13 2.26 -9.30
CA LEU A 38 0.65 2.66 -7.97
C LEU A 38 1.36 3.92 -7.47
N ILE A 39 2.65 4.04 -7.78
CA ILE A 39 3.47 5.12 -7.20
C ILE A 39 2.93 6.49 -7.67
N GLY A 40 2.48 6.58 -8.92
CA GLY A 40 1.83 7.79 -9.37
C GLY A 40 0.47 7.91 -8.72
N TYR A 41 -0.26 6.80 -8.73
CA TYR A 41 -1.56 6.69 -8.07
C TYR A 41 -1.46 6.91 -6.55
N LYS A 42 -0.25 6.81 -6.00
CA LYS A 42 -0.04 7.11 -4.59
C LYS A 42 -0.01 8.61 -4.32
N GLN A 43 0.77 9.34 -5.12
CA GLN A 43 1.12 10.72 -4.79
C GLN A 43 -0.06 11.68 -4.99
N ASN A 44 -0.70 11.60 -6.15
CA ASN A 44 -1.68 12.63 -6.56
C ASN A 44 -3.14 12.25 -6.25
N PRO A 45 -3.54 11.01 -6.45
CA PRO A 45 -4.99 10.65 -6.49
C PRO A 45 -5.52 10.01 -5.21
N GLN A 46 -6.14 10.83 -4.36
CA GLN A 46 -6.88 10.33 -3.18
C GLN A 46 -7.81 9.14 -3.52
N ALA A 47 -8.04 8.89 -4.81
CA ALA A 47 -8.97 7.86 -5.26
C ALA A 47 -8.58 6.45 -4.77
N ILE A 48 -7.38 6.30 -4.18
CA ILE A 48 -6.87 4.96 -3.83
C ILE A 48 -7.85 4.23 -2.92
N GLY A 49 -8.61 5.00 -2.12
CA GLY A 49 -9.51 4.41 -1.13
C GLY A 49 -10.50 3.43 -1.77
N GLN A 50 -10.83 3.66 -3.03
CA GLN A 50 -11.80 2.83 -3.74
C GLN A 50 -11.12 1.62 -4.40
N ASP A 51 -9.89 1.82 -4.85
CA ASP A 51 -9.19 0.79 -5.60
C ASP A 51 -8.74 -0.36 -4.70
N LEU A 52 -8.64 -0.11 -3.38
CA LEU A 52 -8.33 -1.19 -2.45
C LEU A 52 -9.30 -2.36 -2.64
N PHE A 53 -10.60 -2.03 -2.64
CA PHE A 53 -11.66 -3.00 -2.90
C PHE A 53 -11.37 -3.84 -4.14
N THR A 54 -10.73 -3.23 -5.14
CA THR A 54 -10.39 -3.93 -6.37
C THR A 54 -8.99 -4.58 -6.28
N ASP A 55 -8.15 -4.02 -5.42
CA ASP A 55 -6.77 -4.50 -5.26
C ASP A 55 -6.60 -5.22 -3.93
N PRO A 56 -6.39 -6.52 -3.93
CA PRO A 56 -6.35 -7.32 -2.67
C PRO A 56 -5.14 -6.96 -1.80
N ARG A 57 -3.95 -6.99 -2.40
CA ARG A 57 -2.71 -6.82 -1.64
C ARG A 57 -2.60 -5.41 -1.04
N LEU A 58 -3.08 -4.40 -1.77
CA LEU A 58 -3.02 -3.00 -1.28
C LEU A 58 -3.58 -2.91 0.14
N MET A 59 -4.61 -3.70 0.42
CA MET A 59 -5.22 -3.71 1.74
C MET A 59 -4.28 -4.32 2.78
N THR A 60 -3.53 -5.35 2.39
CA THR A 60 -2.59 -5.99 3.31
C THR A 60 -1.52 -4.98 3.74
N ILE A 61 -1.12 -4.11 2.80
CA ILE A 61 -0.25 -2.97 3.12
C ILE A 61 -0.89 -2.12 4.24
N MET A 62 -2.19 -1.91 4.13
CA MET A 62 -2.94 -1.15 5.13
C MET A 62 -2.83 -1.81 6.50
N ALA A 63 -2.86 -3.14 6.51
CA ALA A 63 -2.75 -3.91 7.76
C ALA A 63 -1.46 -3.59 8.53
N THR A 64 -0.31 -3.71 7.85
CA THR A 64 0.98 -3.40 8.48
C THR A 64 0.99 -1.97 9.06
N LEU A 65 0.57 -1.01 8.23
CA LEU A 65 0.55 0.40 8.65
C LEU A 65 -0.34 0.61 9.88
N MET A 66 -1.59 0.17 9.77
CA MET A 66 -2.59 0.41 10.82
C MET A 66 -2.34 -0.44 12.06
N GLY A 67 -1.73 -1.61 11.88
CA GLY A 67 -1.69 -2.61 12.93
C GLY A 67 -0.58 -2.31 13.94
N VAL A 68 0.30 -1.36 13.58
CA VAL A 68 1.55 -1.15 14.33
C VAL A 68 2.51 -2.35 14.23
N ASP A 69 2.21 -3.29 13.33
CA ASP A 69 3.06 -4.46 13.11
C ASP A 69 3.33 -5.21 14.41
N LEU A 70 2.37 -5.16 15.34
CA LEU A 70 2.49 -5.87 16.61
C LEU A 70 1.99 -7.30 16.48
N ASN A 71 0.80 -7.44 15.88
CA ASN A 71 0.18 -8.75 15.72
C ASN A 71 -0.73 -8.77 14.51
N GLN A 1 -6.55 7.46 10.54
CA GLN A 1 -7.83 6.85 11.03
C GLN A 1 -7.57 5.39 11.42
N PRO A 2 -8.35 4.86 12.34
CA PRO A 2 -8.15 3.47 12.84
C PRO A 2 -8.67 2.43 11.85
N ASP A 3 -8.20 1.20 11.98
CA ASP A 3 -8.63 0.09 11.13
C ASP A 3 -8.45 0.42 9.64
N LEU A 4 -7.35 -0.07 9.06
CA LEU A 4 -7.02 0.18 7.67
C LEU A 4 -6.91 1.68 7.35
N GLY A 5 -5.83 2.05 6.67
CA GLY A 5 -5.57 3.47 6.37
C GLY A 5 -5.96 3.81 4.95
N LEU A 6 -5.13 4.60 4.26
CA LEU A 6 -5.53 5.21 2.99
C LEU A 6 -4.31 5.80 2.25
N THR A 7 -4.59 6.67 1.26
CA THR A 7 -3.56 7.22 0.37
C THR A 7 -2.41 7.83 1.16
N GLN A 8 -2.73 8.54 2.24
CA GLN A 8 -1.70 9.28 2.99
C GLN A 8 -0.53 8.37 3.40
N LEU A 9 -0.84 7.16 3.86
CA LEU A 9 0.19 6.26 4.36
C LEU A 9 1.22 5.93 3.28
N PHE A 10 0.77 5.41 2.14
CA PHE A 10 1.66 5.19 1.01
C PHE A 10 1.98 6.45 0.19
N ALA A 11 1.09 7.43 0.18
CA ALA A 11 1.36 8.69 -0.54
C ALA A 11 2.65 9.32 -0.02
N ASP A 12 3.02 9.00 1.23
CA ASP A 12 4.35 9.30 1.76
C ASP A 12 5.45 8.76 0.83
N PRO A 13 6.55 9.46 0.69
CA PRO A 13 7.80 8.86 0.11
C PRO A 13 8.34 7.74 0.99
N ASN A 14 9.28 6.97 0.42
CA ASN A 14 9.66 5.62 0.93
C ASN A 14 8.75 5.07 2.04
N LEU A 15 7.58 4.53 1.66
CA LEU A 15 6.91 3.56 2.54
C LEU A 15 6.98 2.15 1.94
N ILE A 16 7.33 2.04 0.64
CA ILE A 16 7.40 0.73 0.00
C ILE A 16 8.52 -0.12 0.60
N GLU A 17 9.59 0.50 1.09
CA GLU A 17 10.75 -0.27 1.56
C GLU A 17 10.38 -1.12 2.77
N ASN A 18 9.74 -0.50 3.76
CA ASN A 18 9.19 -1.23 4.90
C ASN A 18 8.23 -2.33 4.42
N LEU A 19 7.45 -1.98 3.41
CA LEU A 19 6.53 -2.92 2.78
C LEU A 19 7.26 -4.08 2.09
N LYS A 20 8.52 -3.86 1.69
CA LYS A 20 9.33 -4.95 1.12
C LYS A 20 9.53 -6.07 2.15
N LYS A 21 9.96 -5.70 3.36
CA LYS A 21 10.51 -6.71 4.28
C LYS A 21 9.46 -7.48 5.11
N ASN A 22 8.46 -6.77 5.69
CA ASN A 22 7.62 -7.45 6.69
C ASN A 22 6.23 -7.91 6.19
N PRO A 23 5.73 -7.39 5.09
CA PRO A 23 4.40 -7.83 4.58
C PRO A 23 4.49 -8.67 3.31
N LYS A 24 3.53 -9.58 3.14
CA LYS A 24 3.42 -10.36 1.90
C LYS A 24 3.25 -9.45 0.68
N THR A 25 2.83 -8.19 0.92
CA THR A 25 2.59 -7.23 -0.16
C THR A 25 3.86 -7.00 -1.00
N SER A 26 5.02 -7.33 -0.43
CA SER A 26 6.29 -7.10 -1.11
C SER A 26 6.41 -7.90 -2.41
N GLU A 27 5.54 -8.88 -2.62
CA GLU A 27 5.54 -9.64 -3.88
C GLU A 27 5.37 -8.70 -5.06
N MET A 28 4.38 -7.80 -4.97
CA MET A 28 4.08 -6.93 -6.10
C MET A 28 5.22 -5.97 -6.36
N MET A 29 5.97 -5.62 -5.31
CA MET A 29 7.05 -4.64 -5.46
C MET A 29 8.19 -5.19 -6.34
N LYS A 30 8.52 -6.46 -6.14
CA LYS A 30 9.75 -7.01 -6.70
C LYS A 30 9.56 -7.55 -8.12
N ASP A 31 8.31 -7.79 -8.51
CA ASP A 31 8.04 -8.28 -9.88
C ASP A 31 7.19 -7.28 -10.68
N PRO A 32 5.89 -7.25 -10.46
CA PRO A 32 4.94 -6.65 -11.46
C PRO A 32 5.13 -5.15 -11.69
N GLN A 33 4.67 -4.69 -12.86
CA GLN A 33 4.67 -3.26 -13.20
C GLN A 33 3.81 -2.45 -12.23
N LEU A 34 2.95 -3.14 -11.47
CA LEU A 34 1.94 -2.45 -10.67
C LEU A 34 2.59 -1.44 -9.72
N VAL A 35 3.87 -1.66 -9.39
CA VAL A 35 4.61 -0.74 -8.52
C VAL A 35 4.60 0.68 -9.08
N ALA A 36 5.07 0.83 -10.32
CA ALA A 36 5.20 2.15 -10.94
C ALA A 36 3.84 2.82 -11.01
N LYS A 37 2.85 2.04 -11.49
CA LYS A 37 1.49 2.56 -11.64
C LYS A 37 0.98 3.12 -10.32
N LEU A 38 1.10 2.32 -9.26
CA LEU A 38 0.61 2.71 -7.94
C LEU A 38 1.32 3.97 -7.44
N ILE A 39 2.61 4.09 -7.72
CA ILE A 39 3.43 5.17 -7.15
C ILE A 39 2.88 6.54 -7.59
N GLY A 40 2.43 6.62 -8.84
CA GLY A 40 1.79 7.86 -9.29
C GLY A 40 0.42 7.98 -8.63
N TYR A 41 -0.34 6.90 -8.72
CA TYR A 41 -1.65 6.80 -8.06
C TYR A 41 -1.55 6.94 -6.55
N LYS A 42 -0.35 6.76 -6.00
CA LYS A 42 -0.12 6.95 -4.56
C LYS A 42 -0.04 8.44 -4.19
N GLN A 43 0.73 9.20 -4.97
CA GLN A 43 1.10 10.56 -4.55
C GLN A 43 -0.07 11.54 -4.67
N ASN A 44 -0.73 11.55 -5.83
CA ASN A 44 -1.68 12.62 -6.15
C ASN A 44 -3.16 12.26 -5.90
N PRO A 45 -3.59 11.06 -6.19
CA PRO A 45 -5.04 10.74 -6.31
C PRO A 45 -5.63 10.03 -5.09
N GLN A 46 -6.26 10.81 -4.21
CA GLN A 46 -6.98 10.25 -3.04
C GLN A 46 -7.91 9.06 -3.40
N ALA A 47 -8.16 8.87 -4.70
CA ALA A 47 -9.10 7.85 -5.16
C ALA A 47 -8.69 6.43 -4.73
N ILE A 48 -7.49 6.27 -4.16
CA ILE A 48 -6.96 4.93 -3.85
C ILE A 48 -7.91 4.18 -2.91
N GLY A 49 -8.64 4.92 -2.07
CA GLY A 49 -9.51 4.31 -1.07
C GLY A 49 -10.51 3.34 -1.71
N GLN A 50 -10.87 3.59 -2.96
CA GLN A 50 -11.83 2.75 -3.67
C GLN A 50 -11.15 1.57 -4.35
N ASP A 51 -9.90 1.78 -4.78
CA ASP A 51 -9.21 0.77 -5.56
C ASP A 51 -8.74 -0.38 -4.67
N LEU A 52 -8.64 -0.16 -3.35
CA LEU A 52 -8.31 -1.26 -2.44
C LEU A 52 -9.30 -2.41 -2.62
N PHE A 53 -10.58 -2.05 -2.70
CA PHE A 53 -11.66 -3.01 -2.96
C PHE A 53 -11.37 -3.86 -4.20
N THR A 54 -10.74 -3.26 -5.21
CA THR A 54 -10.41 -3.97 -6.45
C THR A 54 -9.02 -4.61 -6.36
N ASP A 55 -8.16 -4.06 -5.51
CA ASP A 55 -6.78 -4.54 -5.36
C ASP A 55 -6.61 -5.27 -4.02
N PRO A 56 -6.39 -6.58 -4.04
CA PRO A 56 -6.33 -7.37 -2.77
C PRO A 56 -5.15 -6.97 -1.89
N ARG A 57 -3.94 -7.02 -2.46
CA ARG A 57 -2.73 -6.81 -1.66
C ARG A 57 -2.65 -5.41 -1.08
N LEU A 58 -3.11 -4.40 -1.84
CA LEU A 58 -3.04 -3.00 -1.37
C LEU A 58 -3.63 -2.87 0.04
N MET A 59 -4.65 -3.68 0.33
CA MET A 59 -5.26 -3.67 1.65
C MET A 59 -4.29 -4.20 2.71
N THR A 60 -3.59 -5.30 2.40
CA THR A 60 -2.65 -5.90 3.35
C THR A 60 -1.56 -4.89 3.73
N ILE A 61 -1.12 -4.11 2.74
CA ILE A 61 -0.18 -3.01 2.97
C ILE A 61 -0.73 -2.06 4.03
N MET A 62 -2.01 -1.74 3.89
CA MET A 62 -2.70 -0.84 4.83
C MET A 62 -2.60 -1.38 6.25
N ALA A 63 -2.82 -2.69 6.39
CA ALA A 63 -2.81 -3.34 7.70
C ALA A 63 -1.46 -3.17 8.44
N THR A 64 -0.35 -3.47 7.76
CA THR A 64 0.98 -3.33 8.39
C THR A 64 1.17 -1.92 8.95
N LEU A 65 0.78 -0.91 8.16
CA LEU A 65 0.83 0.48 8.62
C LEU A 65 -0.02 0.68 9.88
N MET A 66 -1.29 0.31 9.79
CA MET A 66 -2.25 0.54 10.87
C MET A 66 -2.03 -0.37 12.07
N GLY A 67 -1.44 -1.54 11.84
CA GLY A 67 -1.39 -2.57 12.85
C GLY A 67 -0.24 -2.35 13.82
N VAL A 68 0.62 -1.35 13.51
CA VAL A 68 1.88 -1.17 14.22
C VAL A 68 2.86 -2.33 13.94
N ASP A 69 2.54 -3.17 12.94
CA ASP A 69 3.42 -4.27 12.54
C ASP A 69 3.78 -5.17 13.73
N LEU A 70 2.75 -5.59 14.47
CA LEU A 70 2.95 -6.45 15.63
C LEU A 70 3.03 -7.91 15.18
N ASN A 71 2.45 -8.84 15.94
CA ASN A 71 2.52 -10.28 15.60
C ASN A 71 3.97 -10.75 15.50
N GLN A 1 -10.38 -5.79 11.26
CA GLN A 1 -10.24 -6.06 9.79
C GLN A 1 -10.46 -4.79 8.98
N PRO A 2 -11.57 -4.10 9.16
CA PRO A 2 -11.87 -2.86 8.38
C PRO A 2 -11.12 -1.65 8.91
N ASP A 3 -11.46 -0.47 8.39
CA ASP A 3 -10.80 0.78 8.81
C ASP A 3 -9.30 0.73 8.53
N LEU A 4 -8.85 1.55 7.59
CA LEU A 4 -7.44 1.60 7.21
C LEU A 4 -7.10 3.00 6.67
N GLY A 5 -5.88 3.48 6.93
CA GLY A 5 -5.51 4.86 6.57
C GLY A 5 -4.87 4.91 5.18
N LEU A 6 -5.68 5.23 4.18
CA LEU A 6 -5.41 4.77 2.82
C LEU A 6 -4.24 5.53 2.15
N THR A 7 -4.55 6.60 1.41
CA THR A 7 -3.57 7.23 0.53
C THR A 7 -2.41 7.83 1.31
N GLN A 8 -2.71 8.43 2.45
CA GLN A 8 -1.70 9.16 3.22
C GLN A 8 -0.47 8.30 3.52
N LEU A 9 -0.70 7.06 3.96
CA LEU A 9 0.40 6.19 4.38
C LEU A 9 1.38 5.93 3.23
N PHE A 10 0.88 5.43 2.10
CA PHE A 10 1.74 5.25 0.93
C PHE A 10 2.00 6.53 0.14
N ALA A 11 1.09 7.49 0.18
CA ALA A 11 1.34 8.77 -0.49
C ALA A 11 2.65 9.41 0.03
N ASP A 12 3.03 9.04 1.26
CA ASP A 12 4.36 9.34 1.78
C ASP A 12 5.46 8.78 0.85
N PRO A 13 6.57 9.47 0.71
CA PRO A 13 7.80 8.85 0.13
C PRO A 13 8.34 7.72 1.00
N ASN A 14 9.26 6.95 0.43
CA ASN A 14 9.66 5.61 0.94
C ASN A 14 8.74 5.04 2.04
N LEU A 15 7.58 4.52 1.66
CA LEU A 15 6.87 3.56 2.52
C LEU A 15 6.92 2.14 1.92
N ILE A 16 7.29 2.04 0.64
CA ILE A 16 7.38 0.72 0.00
C ILE A 16 8.49 -0.13 0.63
N GLU A 17 9.57 0.51 1.11
CA GLU A 17 10.73 -0.27 1.58
C GLU A 17 10.35 -1.13 2.79
N ASN A 18 9.69 -0.50 3.77
CA ASN A 18 9.15 -1.25 4.91
C ASN A 18 8.23 -2.37 4.43
N LEU A 19 7.45 -2.08 3.40
CA LEU A 19 6.56 -3.06 2.80
C LEU A 19 7.33 -4.20 2.14
N LYS A 20 8.57 -3.95 1.71
CA LYS A 20 9.39 -5.01 1.13
C LYS A 20 9.62 -6.15 2.13
N LYS A 21 10.06 -5.79 3.35
CA LYS A 21 10.64 -6.81 4.25
C LYS A 21 9.61 -7.62 5.06
N ASN A 22 8.60 -6.96 5.68
CA ASN A 22 7.78 -7.70 6.67
C ASN A 22 6.38 -8.12 6.18
N PRO A 23 5.85 -7.53 5.13
CA PRO A 23 4.50 -7.91 4.63
C PRO A 23 4.53 -8.68 3.31
N LYS A 24 3.55 -9.56 3.13
CA LYS A 24 3.38 -10.28 1.86
C LYS A 24 3.21 -9.31 0.68
N THR A 25 2.85 -8.06 0.98
CA THR A 25 2.63 -7.04 -0.05
C THR A 25 3.90 -6.84 -0.91
N SER A 26 5.06 -7.23 -0.36
CA SER A 26 6.33 -7.06 -1.06
C SER A 26 6.38 -7.83 -2.38
N GLU A 27 5.48 -8.81 -2.56
CA GLU A 27 5.44 -9.56 -3.80
C GLU A 27 5.26 -8.63 -4.99
N MET A 28 4.28 -7.73 -4.88
CA MET A 28 3.94 -6.85 -6.01
C MET A 28 5.10 -5.91 -6.30
N MET A 29 5.89 -5.56 -5.28
CA MET A 29 6.97 -4.60 -5.48
C MET A 29 8.07 -5.17 -6.37
N LYS A 30 8.43 -6.44 -6.15
CA LYS A 30 9.64 -6.99 -6.75
C LYS A 30 9.41 -7.54 -8.15
N ASP A 31 8.14 -7.79 -8.50
CA ASP A 31 7.82 -8.32 -9.84
C ASP A 31 6.98 -7.31 -10.65
N PRO A 32 5.69 -7.23 -10.41
CA PRO A 32 4.74 -6.64 -11.41
C PRO A 32 4.96 -5.15 -11.67
N GLN A 33 4.51 -4.70 -12.84
CA GLN A 33 4.52 -3.28 -13.21
C GLN A 33 3.68 -2.44 -12.23
N LEU A 34 2.81 -3.10 -11.47
CA LEU A 34 1.81 -2.39 -10.66
C LEU A 34 2.48 -1.37 -9.72
N VAL A 35 3.77 -1.60 -9.40
CA VAL A 35 4.52 -0.69 -8.54
C VAL A 35 4.52 0.73 -9.12
N ALA A 36 4.99 0.85 -10.37
CA ALA A 36 5.12 2.16 -11.01
C ALA A 36 3.77 2.85 -11.06
N LYS A 37 2.78 2.08 -11.53
CA LYS A 37 1.42 2.60 -11.67
C LYS A 37 0.92 3.18 -10.35
N LEU A 38 1.05 2.38 -9.29
CA LEU A 38 0.59 2.78 -7.96
C LEU A 38 1.30 4.05 -7.48
N ILE A 39 2.60 4.16 -7.77
CA ILE A 39 3.41 5.23 -7.19
C ILE A 39 2.87 6.60 -7.63
N GLY A 40 2.43 6.70 -8.89
CA GLY A 40 1.79 7.93 -9.35
C GLY A 40 0.43 8.07 -8.69
N TYR A 41 -0.34 6.98 -8.77
CA TYR A 41 -1.64 6.88 -8.12
C TYR A 41 -1.55 7.04 -6.60
N LYS A 42 -0.35 6.87 -6.04
CA LYS A 42 -0.12 7.10 -4.61
C LYS A 42 -0.04 8.59 -4.28
N GLN A 43 0.71 9.34 -5.07
CA GLN A 43 1.08 10.70 -4.70
C GLN A 43 -0.09 11.67 -4.82
N ASN A 44 -0.79 11.66 -5.96
CA ASN A 44 -1.76 12.72 -6.28
C ASN A 44 -3.23 12.33 -5.99
N PRO A 45 -3.64 11.11 -6.28
CA PRO A 45 -5.09 10.76 -6.36
C PRO A 45 -5.63 10.05 -5.12
N GLN A 46 -6.26 10.83 -4.22
CA GLN A 46 -6.96 10.25 -3.04
C GLN A 46 -7.88 9.06 -3.42
N ALA A 47 -8.15 8.89 -4.72
CA ALA A 47 -9.08 7.86 -5.18
C ALA A 47 -8.65 6.44 -4.77
N ILE A 48 -7.45 6.28 -4.20
CA ILE A 48 -6.90 4.94 -3.93
C ILE A 48 -7.85 4.13 -3.05
N GLY A 49 -8.61 4.81 -2.18
CA GLY A 49 -9.46 4.13 -1.22
C GLY A 49 -10.45 3.18 -1.91
N GLN A 50 -10.79 3.48 -3.16
CA GLN A 50 -11.74 2.66 -3.91
C GLN A 50 -11.04 1.52 -4.62
N ASP A 51 -9.77 1.74 -5.00
CA ASP A 51 -9.04 0.73 -5.75
C ASP A 51 -8.55 -0.40 -4.85
N LEU A 52 -8.49 -0.16 -3.53
CA LEU A 52 -8.18 -1.23 -2.58
C LEU A 52 -9.15 -2.40 -2.80
N PHE A 53 -10.44 -2.06 -2.85
CA PHE A 53 -11.49 -3.04 -3.14
C PHE A 53 -11.18 -3.87 -4.39
N THR A 54 -10.50 -3.26 -5.35
CA THR A 54 -10.11 -3.96 -6.58
C THR A 54 -8.73 -4.62 -6.43
N ASP A 55 -7.89 -4.06 -5.54
CA ASP A 55 -6.55 -4.60 -5.32
C ASP A 55 -6.47 -5.27 -3.95
N PRO A 56 -6.43 -6.60 -3.90
CA PRO A 56 -6.39 -7.33 -2.60
C PRO A 56 -5.20 -6.93 -1.72
N ARG A 57 -4.00 -6.97 -2.29
CA ARG A 57 -2.78 -6.78 -1.50
C ARG A 57 -2.69 -5.37 -0.92
N LEU A 58 -3.17 -4.36 -1.67
CA LEU A 58 -3.08 -2.96 -1.21
C LEU A 58 -3.65 -2.81 0.21
N MET A 59 -4.69 -3.58 0.51
CA MET A 59 -5.27 -3.57 1.84
C MET A 59 -4.31 -4.14 2.87
N THR A 60 -3.63 -5.23 2.52
CA THR A 60 -2.70 -5.87 3.46
C THR A 60 -1.56 -4.93 3.84
N ILE A 61 -1.16 -4.08 2.88
CA ILE A 61 -0.22 -2.98 3.16
C ILE A 61 -0.79 -2.12 4.30
N MET A 62 -2.08 -1.82 4.20
CA MET A 62 -2.76 -1.04 5.22
C MET A 62 -2.68 -1.73 6.58
N ALA A 63 -2.80 -3.05 6.59
CA ALA A 63 -2.75 -3.82 7.83
C ALA A 63 -1.44 -3.60 8.61
N THR A 64 -0.30 -3.82 7.94
CA THR A 64 1.01 -3.56 8.57
C THR A 64 1.11 -2.12 9.11
N LEU A 65 0.76 -1.17 8.24
CA LEU A 65 0.87 0.25 8.58
C LEU A 65 -0.01 0.61 9.77
N MET A 66 -1.29 0.30 9.67
CA MET A 66 -2.28 0.65 10.68
C MET A 66 -2.12 -0.18 11.95
N GLY A 67 -1.57 -1.39 11.80
CA GLY A 67 -1.42 -2.28 12.94
C GLY A 67 -0.10 -2.00 13.65
N VAL A 68 0.76 -1.20 12.98
CA VAL A 68 2.15 -1.05 13.38
C VAL A 68 2.93 -2.38 13.37
N ASP A 69 2.30 -3.45 12.88
CA ASP A 69 2.84 -4.79 13.10
C ASP A 69 2.10 -5.83 12.26
N LEU A 70 2.84 -6.50 11.37
CA LEU A 70 2.36 -7.71 10.73
C LEU A 70 1.17 -7.42 9.84
N ASN A 71 0.87 -8.37 8.97
CA ASN A 71 -0.23 -8.24 8.04
C ASN A 71 -1.56 -8.49 8.74
N GLN A 1 -16.87 -4.72 7.54
CA GLN A 1 -16.21 -3.53 8.16
C GLN A 1 -14.69 -3.76 8.19
N PRO A 2 -14.00 -3.36 7.15
CA PRO A 2 -12.51 -3.52 7.08
C PRO A 2 -11.78 -2.48 7.94
N ASP A 3 -12.00 -1.20 7.62
CA ASP A 3 -11.35 -0.10 8.35
C ASP A 3 -9.83 -0.22 8.25
N LEU A 4 -9.22 0.68 7.46
CA LEU A 4 -7.79 0.61 7.20
C LEU A 4 -7.26 2.00 6.85
N GLY A 5 -5.95 2.10 6.60
CA GLY A 5 -5.34 3.38 6.26
C GLY A 5 -5.80 3.84 4.89
N LEU A 6 -4.97 4.64 4.22
CA LEU A 6 -5.38 5.29 2.97
C LEU A 6 -4.17 5.89 2.22
N THR A 7 -4.47 6.75 1.23
CA THR A 7 -3.45 7.28 0.33
C THR A 7 -2.31 7.93 1.09
N GLN A 8 -2.63 8.62 2.18
CA GLN A 8 -1.61 9.36 2.94
C GLN A 8 -0.43 8.46 3.33
N LEU A 9 -0.72 7.25 3.81
CA LEU A 9 0.34 6.36 4.28
C LEU A 9 1.34 6.02 3.18
N PHE A 10 0.84 5.48 2.06
CA PHE A 10 1.70 5.22 0.91
C PHE A 10 2.04 6.45 0.06
N ALA A 11 1.16 7.45 0.04
CA ALA A 11 1.47 8.69 -0.69
C ALA A 11 2.77 9.32 -0.17
N ASP A 12 3.12 9.01 1.08
CA ASP A 12 4.45 9.32 1.62
C ASP A 12 5.55 8.71 0.74
N PRO A 13 6.66 9.39 0.57
CA PRO A 13 7.91 8.75 0.02
C PRO A 13 8.45 7.67 0.96
N ASN A 14 9.38 6.86 0.44
CA ASN A 14 9.76 5.56 1.01
C ASN A 14 8.81 5.02 2.10
N LEU A 15 7.64 4.54 1.71
CA LEU A 15 6.90 3.60 2.55
C LEU A 15 6.91 2.20 1.95
N ILE A 16 7.28 2.08 0.67
CA ILE A 16 7.37 0.76 0.04
C ILE A 16 8.48 -0.09 0.66
N GLU A 17 9.56 0.53 1.13
CA GLU A 17 10.72 -0.23 1.59
C GLU A 17 10.36 -1.09 2.81
N ASN A 18 9.72 -0.47 3.79
CA ASN A 18 9.17 -1.21 4.93
C ASN A 18 8.21 -2.30 4.44
N LEU A 19 7.44 -1.96 3.43
CA LEU A 19 6.52 -2.90 2.80
C LEU A 19 7.27 -4.05 2.10
N LYS A 20 8.52 -3.81 1.69
CA LYS A 20 9.32 -4.88 1.10
C LYS A 20 9.56 -6.02 2.11
N LYS A 21 10.00 -5.67 3.32
CA LYS A 21 10.56 -6.68 4.22
C LYS A 21 9.51 -7.44 5.05
N ASN A 22 8.52 -6.76 5.64
CA ASN A 22 7.69 -7.43 6.66
C ASN A 22 6.31 -7.89 6.17
N PRO A 23 5.78 -7.38 5.08
CA PRO A 23 4.46 -7.83 4.58
C PRO A 23 4.55 -8.64 3.28
N LYS A 24 3.60 -9.57 3.11
CA LYS A 24 3.50 -10.34 1.87
C LYS A 24 3.30 -9.42 0.65
N THR A 25 2.87 -8.19 0.90
CA THR A 25 2.62 -7.21 -0.17
C THR A 25 3.88 -6.98 -1.02
N SER A 26 5.05 -7.30 -0.46
CA SER A 26 6.31 -7.07 -1.14
C SER A 26 6.44 -7.86 -2.44
N GLU A 27 5.57 -8.85 -2.64
CA GLU A 27 5.58 -9.61 -3.90
C GLU A 27 5.40 -8.67 -5.09
N MET A 28 4.41 -7.77 -4.99
CA MET A 28 4.11 -6.90 -6.11
C MET A 28 5.25 -5.93 -6.37
N MET A 29 6.00 -5.58 -5.32
CA MET A 29 7.08 -4.60 -5.47
C MET A 29 8.21 -5.15 -6.35
N LYS A 30 8.55 -6.43 -6.16
CA LYS A 30 9.78 -6.98 -6.72
C LYS A 30 9.59 -7.50 -8.15
N ASP A 31 8.33 -7.74 -8.55
CA ASP A 31 8.07 -8.22 -9.92
C ASP A 31 7.20 -7.22 -10.70
N PRO A 32 5.90 -7.19 -10.49
CA PRO A 32 4.95 -6.61 -11.47
C PRO A 32 5.11 -5.11 -11.71
N GLN A 33 4.65 -4.66 -12.88
CA GLN A 33 4.63 -3.24 -13.22
C GLN A 33 3.77 -2.42 -12.23
N LEU A 34 2.92 -3.12 -11.47
CA LEU A 34 1.92 -2.44 -10.65
C LEU A 34 2.58 -1.43 -9.70
N VAL A 35 3.87 -1.64 -9.38
CA VAL A 35 4.61 -0.73 -8.52
C VAL A 35 4.59 0.69 -9.08
N ALA A 36 5.05 0.84 -10.33
CA ALA A 36 5.17 2.16 -10.95
C ALA A 36 3.80 2.82 -11.01
N LYS A 37 2.82 2.06 -11.50
CA LYS A 37 1.45 2.56 -11.64
C LYS A 37 0.94 3.12 -10.31
N LEU A 38 1.06 2.32 -9.26
CA LEU A 38 0.60 2.71 -7.92
C LEU A 38 1.30 3.97 -7.43
N ILE A 39 2.59 4.10 -7.73
CA ILE A 39 3.40 5.18 -7.17
C ILE A 39 2.85 6.53 -7.61
N GLY A 40 2.40 6.62 -8.86
CA GLY A 40 1.75 7.85 -9.32
C GLY A 40 0.38 7.98 -8.66
N TYR A 41 -0.39 6.89 -8.75
CA TYR A 41 -1.69 6.79 -8.09
C TYR A 41 -1.57 6.92 -6.56
N LYS A 42 -0.37 6.73 -6.04
CA LYS A 42 -0.12 6.90 -4.60
C LYS A 42 -0.03 8.38 -4.20
N GLN A 43 0.74 9.15 -4.96
CA GLN A 43 1.11 10.49 -4.55
C GLN A 43 -0.07 11.49 -4.65
N ASN A 44 -0.73 11.51 -5.81
CA ASN A 44 -1.68 12.60 -6.11
C ASN A 44 -3.16 12.25 -5.85
N PRO A 45 -3.60 11.04 -6.15
CA PRO A 45 -5.05 10.74 -6.26
C PRO A 45 -5.64 10.03 -5.03
N GLN A 46 -6.25 10.81 -4.14
CA GLN A 46 -6.98 10.26 -2.97
C GLN A 46 -7.91 9.08 -3.34
N ALA A 47 -8.17 8.87 -4.64
CA ALA A 47 -9.12 7.86 -5.11
C ALA A 47 -8.71 6.44 -4.67
N ILE A 48 -7.49 6.27 -4.11
CA ILE A 48 -6.98 4.93 -3.82
C ILE A 48 -7.91 4.17 -2.88
N GLY A 49 -8.64 4.92 -2.04
CA GLY A 49 -9.50 4.31 -1.02
C GLY A 49 -10.50 3.34 -1.65
N GLN A 50 -10.87 3.60 -2.90
CA GLN A 50 -11.84 2.76 -3.60
C GLN A 50 -11.16 1.57 -4.28
N ASP A 51 -9.91 1.78 -4.73
CA ASP A 51 -9.23 0.77 -5.51
C ASP A 51 -8.75 -0.39 -4.62
N LEU A 52 -8.64 -0.16 -3.31
CA LEU A 52 -8.30 -1.25 -2.39
C LEU A 52 -9.29 -2.41 -2.58
N PHE A 53 -10.58 -2.05 -2.61
CA PHE A 53 -11.66 -3.01 -2.86
C PHE A 53 -11.39 -3.84 -4.13
N THR A 54 -10.75 -3.22 -5.11
CA THR A 54 -10.43 -3.91 -6.37
C THR A 54 -9.05 -4.59 -6.29
N ASP A 55 -8.18 -4.05 -5.44
CA ASP A 55 -6.81 -4.56 -5.32
C ASP A 55 -6.62 -5.30 -3.99
N PRO A 56 -6.41 -6.61 -4.02
CA PRO A 56 -6.31 -7.41 -2.76
C PRO A 56 -5.12 -7.02 -1.89
N ARG A 57 -3.92 -7.04 -2.48
CA ARG A 57 -2.69 -6.84 -1.70
C ARG A 57 -2.61 -5.45 -1.11
N LEU A 58 -3.10 -4.43 -1.85
CA LEU A 58 -3.03 -3.03 -1.35
C LEU A 58 -3.60 -2.94 0.06
N MET A 59 -4.63 -3.73 0.33
CA MET A 59 -5.24 -3.75 1.66
C MET A 59 -4.27 -4.31 2.71
N THR A 60 -3.57 -5.40 2.35
CA THR A 60 -2.63 -6.03 3.28
C THR A 60 -1.53 -5.03 3.70
N ILE A 61 -1.11 -4.20 2.74
CA ILE A 61 -0.18 -3.10 3.02
C ILE A 61 -0.75 -2.20 4.11
N MET A 62 -2.03 -1.89 3.99
CA MET A 62 -2.73 -1.04 4.96
C MET A 62 -2.66 -1.64 6.35
N ALA A 63 -2.87 -2.95 6.43
CA ALA A 63 -2.83 -3.69 7.70
C ALA A 63 -1.53 -3.43 8.47
N THR A 64 -0.38 -3.68 7.82
CA THR A 64 0.92 -3.45 8.47
C THR A 64 1.04 -2.02 9.02
N LEU A 65 0.68 -1.05 8.19
CA LEU A 65 0.78 0.36 8.57
C LEU A 65 -0.08 0.67 9.80
N MET A 66 -1.37 0.35 9.70
CA MET A 66 -2.33 0.70 10.74
C MET A 66 -2.16 -0.14 11.99
N GLY A 67 -1.85 -1.41 11.81
CA GLY A 67 -2.04 -2.39 12.88
C GLY A 67 -0.92 -2.28 13.91
N VAL A 68 0.23 -1.77 13.47
CA VAL A 68 1.49 -1.97 14.20
C VAL A 68 1.86 -3.46 14.33
N ASP A 69 1.09 -4.35 13.69
CA ASP A 69 1.25 -5.77 13.88
C ASP A 69 2.10 -6.35 12.74
N LEU A 70 1.88 -7.62 12.40
CA LEU A 70 2.89 -8.39 11.68
C LEU A 70 2.24 -9.48 10.85
N ASN A 71 2.62 -9.53 9.58
CA ASN A 71 2.16 -10.59 8.69
C ASN A 71 3.09 -11.80 8.74
N GLN A 1 -11.36 6.81 4.99
CA GLN A 1 -12.71 7.08 5.59
C GLN A 1 -13.36 5.78 6.08
N PRO A 2 -13.52 4.79 5.22
CA PRO A 2 -14.27 3.56 5.59
C PRO A 2 -13.51 2.70 6.61
N ASP A 3 -12.35 2.18 6.20
CA ASP A 3 -11.54 1.35 7.09
C ASP A 3 -10.07 1.35 6.66
N LEU A 4 -9.23 0.72 7.48
CA LEU A 4 -7.79 0.69 7.24
C LEU A 4 -7.23 2.09 6.96
N GLY A 5 -5.94 2.16 6.62
CA GLY A 5 -5.33 3.44 6.27
C GLY A 5 -5.76 3.89 4.87
N LEU A 6 -4.90 4.67 4.21
CA LEU A 6 -5.30 5.31 2.95
C LEU A 6 -4.06 5.91 2.23
N THR A 7 -4.33 6.78 1.24
CA THR A 7 -3.28 7.35 0.40
C THR A 7 -2.17 7.99 1.22
N GLN A 8 -2.52 8.63 2.32
CA GLN A 8 -1.53 9.36 3.12
C GLN A 8 -0.35 8.47 3.50
N LEU A 9 -0.64 7.24 3.91
CA LEU A 9 0.42 6.33 4.35
C LEU A 9 1.40 6.02 3.21
N PHE A 10 0.88 5.52 2.09
CA PHE A 10 1.73 5.28 0.91
C PHE A 10 2.06 6.53 0.10
N ALA A 11 1.19 7.54 0.12
CA ALA A 11 1.49 8.79 -0.60
C ALA A 11 2.79 9.41 -0.09
N ASP A 12 3.14 9.09 1.17
CA ASP A 12 4.47 9.39 1.71
C ASP A 12 5.57 8.81 0.79
N PRO A 13 6.69 9.48 0.67
CA PRO A 13 7.92 8.83 0.12
C PRO A 13 8.43 7.71 1.02
N ASN A 14 9.36 6.90 0.48
CA ASN A 14 9.71 5.58 1.03
C ASN A 14 8.76 5.04 2.10
N LEU A 15 7.59 4.55 1.70
CA LEU A 15 6.85 3.61 2.54
C LEU A 15 6.87 2.19 1.94
N ILE A 16 7.25 2.07 0.67
CA ILE A 16 7.34 0.76 0.03
C ILE A 16 8.46 -0.08 0.66
N GLU A 17 9.53 0.54 1.17
CA GLU A 17 10.68 -0.22 1.65
C GLU A 17 10.31 -1.08 2.86
N ASN A 18 9.65 -0.45 3.83
CA ASN A 18 9.09 -1.19 4.98
C ASN A 18 8.15 -2.29 4.47
N LEU A 19 7.38 -1.95 3.45
CA LEU A 19 6.48 -2.90 2.81
C LEU A 19 7.24 -4.06 2.13
N LYS A 20 8.48 -3.81 1.72
CA LYS A 20 9.30 -4.89 1.14
C LYS A 20 9.52 -6.02 2.16
N LYS A 21 9.95 -5.67 3.36
CA LYS A 21 10.50 -6.69 4.27
C LYS A 21 9.46 -7.46 5.08
N ASN A 22 8.46 -6.79 5.68
CA ASN A 22 7.62 -7.47 6.69
C ASN A 22 6.23 -7.93 6.17
N PRO A 23 5.72 -7.40 5.09
CA PRO A 23 4.40 -7.84 4.56
C PRO A 23 4.50 -8.66 3.27
N LYS A 24 3.55 -9.58 3.09
CA LYS A 24 3.45 -10.34 1.84
C LYS A 24 3.27 -9.41 0.63
N THR A 25 2.84 -8.17 0.89
CA THR A 25 2.61 -7.20 -0.18
C THR A 25 3.87 -6.97 -1.02
N SER A 26 5.03 -7.29 -0.46
CA SER A 26 6.31 -7.07 -1.13
C SER A 26 6.43 -7.86 -2.43
N GLU A 27 5.55 -8.85 -2.64
CA GLU A 27 5.57 -9.62 -3.88
C GLU A 27 5.40 -8.68 -5.08
N MET A 28 4.41 -7.78 -4.99
CA MET A 28 4.10 -6.91 -6.12
C MET A 28 5.25 -5.95 -6.37
N MET A 29 6.01 -5.60 -5.32
CA MET A 29 7.08 -4.62 -5.48
C MET A 29 8.21 -5.16 -6.35
N LYS A 30 8.54 -6.45 -6.15
CA LYS A 30 9.78 -6.99 -6.71
C LYS A 30 9.60 -7.52 -8.13
N ASP A 31 8.34 -7.76 -8.54
CA ASP A 31 8.08 -8.23 -9.90
C ASP A 31 7.20 -7.24 -10.70
N PRO A 32 5.91 -7.21 -10.47
CA PRO A 32 4.95 -6.63 -11.47
C PRO A 32 5.12 -5.13 -11.69
N GLN A 33 4.66 -4.68 -12.86
CA GLN A 33 4.63 -3.25 -13.21
C GLN A 33 3.78 -2.44 -12.21
N LEU A 34 2.93 -3.14 -11.44
CA LEU A 34 1.93 -2.47 -10.61
C LEU A 34 2.60 -1.45 -9.67
N VAL A 35 3.89 -1.65 -9.36
CA VAL A 35 4.63 -0.74 -8.50
C VAL A 35 4.60 0.68 -9.07
N ALA A 36 5.05 0.82 -10.32
CA ALA A 36 5.17 2.14 -10.94
C ALA A 36 3.79 2.81 -11.00
N LYS A 37 2.81 2.03 -11.46
CA LYS A 37 1.44 2.53 -11.60
C LYS A 37 0.95 3.10 -10.26
N LEU A 38 1.08 2.30 -9.20
CA LEU A 38 0.61 2.70 -7.88
C LEU A 38 1.33 3.95 -7.39
N ILE A 39 2.61 4.11 -7.73
CA ILE A 39 3.41 5.20 -7.20
C ILE A 39 2.86 6.55 -7.65
N GLY A 40 2.38 6.61 -8.89
CA GLY A 40 1.72 7.82 -9.37
C GLY A 40 0.35 7.95 -8.69
N TYR A 41 -0.40 6.84 -8.76
CA TYR A 41 -1.69 6.74 -8.09
C TYR A 41 -1.57 6.89 -6.57
N LYS A 42 -0.35 6.72 -6.04
CA LYS A 42 -0.09 6.91 -4.62
C LYS A 42 -0.04 8.40 -4.25
N GLN A 43 0.71 9.18 -5.02
CA GLN A 43 1.06 10.54 -4.61
C GLN A 43 -0.12 11.51 -4.72
N ASN A 44 -0.79 11.51 -5.88
CA ASN A 44 -1.75 12.59 -6.19
C ASN A 44 -3.23 12.22 -5.93
N PRO A 45 -3.65 11.01 -6.21
CA PRO A 45 -5.11 10.70 -6.32
C PRO A 45 -5.69 10.00 -5.09
N GLN A 46 -6.32 10.78 -4.21
CA GLN A 46 -7.04 10.23 -3.04
C GLN A 46 -7.96 9.03 -3.40
N ALA A 47 -8.21 8.82 -4.69
CA ALA A 47 -9.14 7.79 -5.15
C ALA A 47 -8.73 6.38 -4.70
N ILE A 48 -7.52 6.23 -4.15
CA ILE A 48 -6.98 4.89 -3.85
C ILE A 48 -7.92 4.14 -2.89
N GLY A 49 -8.64 4.88 -2.04
CA GLY A 49 -9.49 4.28 -1.02
C GLY A 49 -10.51 3.31 -1.63
N GLN A 50 -10.90 3.57 -2.88
CA GLN A 50 -11.87 2.73 -3.57
C GLN A 50 -11.19 1.56 -4.28
N ASP A 51 -9.96 1.78 -4.74
CA ASP A 51 -9.26 0.77 -5.53
C ASP A 51 -8.76 -0.38 -4.64
N LEU A 52 -8.64 -0.15 -3.33
CA LEU A 52 -8.29 -1.24 -2.41
C LEU A 52 -9.27 -2.41 -2.59
N PHE A 53 -10.57 -2.06 -2.61
CA PHE A 53 -11.64 -3.02 -2.86
C PHE A 53 -11.37 -3.86 -4.13
N THR A 54 -10.75 -3.23 -5.12
CA THR A 54 -10.43 -3.92 -6.38
C THR A 54 -9.04 -4.57 -6.32
N ASP A 55 -8.17 -4.03 -5.47
CA ASP A 55 -6.80 -4.52 -5.35
C ASP A 55 -6.60 -5.27 -4.03
N PRO A 56 -6.39 -6.57 -4.06
CA PRO A 56 -6.33 -7.38 -2.81
C PRO A 56 -5.13 -7.00 -1.93
N ARG A 57 -3.93 -7.03 -2.51
CA ARG A 57 -2.71 -6.83 -1.73
C ARG A 57 -2.63 -5.42 -1.14
N LEU A 58 -3.12 -4.41 -1.88
CA LEU A 58 -3.07 -3.02 -1.39
C LEU A 58 -3.64 -2.93 0.04
N MET A 59 -4.66 -3.72 0.31
CA MET A 59 -5.27 -3.73 1.64
C MET A 59 -4.29 -4.30 2.68
N THR A 60 -3.59 -5.38 2.34
CA THR A 60 -2.65 -6.01 3.27
C THR A 60 -1.56 -5.00 3.68
N ILE A 61 -1.15 -4.19 2.71
CA ILE A 61 -0.21 -3.08 2.98
C ILE A 61 -0.78 -2.16 4.08
N MET A 62 -2.07 -1.87 3.95
CA MET A 62 -2.75 -1.00 4.91
C MET A 62 -2.69 -1.59 6.32
N ALA A 63 -2.89 -2.90 6.40
CA ALA A 63 -2.86 -3.63 7.68
C ALA A 63 -1.54 -3.39 8.44
N THR A 64 -0.41 -3.65 7.78
CA THR A 64 0.91 -3.45 8.42
C THR A 64 1.05 -2.03 8.98
N LEU A 65 0.70 -1.05 8.15
CA LEU A 65 0.80 0.36 8.53
C LEU A 65 -0.07 0.66 9.77
N MET A 66 -1.34 0.34 9.67
CA MET A 66 -2.31 0.65 10.72
C MET A 66 -2.13 -0.23 11.95
N GLY A 67 -1.57 -1.41 11.77
CA GLY A 67 -1.57 -2.43 12.82
C GLY A 67 -0.42 -2.22 13.80
N VAL A 68 0.48 -1.28 13.46
CA VAL A 68 1.75 -1.11 14.19
C VAL A 68 2.68 -2.32 14.01
N ASP A 69 2.34 -3.23 13.09
CA ASP A 69 3.18 -4.38 12.78
C ASP A 69 3.50 -5.19 14.05
N LEU A 70 2.51 -5.30 14.93
CA LEU A 70 2.68 -5.99 16.19
C LEU A 70 1.35 -6.62 16.60
N ASN A 71 1.33 -7.23 17.77
CA ASN A 71 0.13 -7.88 18.29
C ASN A 71 0.15 -7.89 19.81
#